data_8GKF
#
_entry.id   8GKF
#
_cell.length_a   141.830
_cell.length_b   141.830
_cell.length_c   209.745
_cell.angle_alpha   90.000
_cell.angle_beta   90.000
_cell.angle_gamma   90.000
#
_symmetry.space_group_name_H-M   'P 41 21 2'
#
loop_
_entity.id
_entity.type
_entity.pdbx_description
1 polymer "4'-phosphopantetheinyl transferase PptT"
2 non-polymer TOMUDEX
3 water water
#
_entity_poly.entity_id   1
_entity_poly.type   'polypeptide(L)'
_entity_poly.pdbx_seq_one_letter_code
;MTVGTLVASVLPATVFEDLAYAELYSDPPGLTPLPEEAPLIARSVAKRRNEFITVRHCARIALDQLGVPPAPILKGDKGE
PCWPDGMVGSLTHCAGYRGAVVGRRDAVRSVGIDAEPHDVLPNGVLDAISLPAERADMPRTMPAALHWDRILFCAKEATY
KAWFPLTKRWLGFEDAHITFETDSTGWTGRFVSRILIDGSTLSGPPLTTLRGRWSVERGLVLTAIVLAGENLYFQ
;
_entity_poly.pdbx_strand_id   A,B,C,D,E,F,G,H,I
#
loop_
_chem_comp.id
_chem_comp.type
_chem_comp.name
_chem_comp.formula
D16 non-polymer TOMUDEX 'C21 H22 N4 O6 S'
#
# COMPACT_ATOMS: atom_id res chain seq x y z
N THR A 5 18.10 2.08 -4.42
CA THR A 5 18.10 0.97 -3.49
C THR A 5 16.83 0.11 -3.65
N LEU A 6 16.92 -1.15 -3.22
CA LEU A 6 15.76 -2.05 -3.32
C LEU A 6 14.70 -1.70 -2.28
N VAL A 7 15.12 -1.45 -1.04
CA VAL A 7 14.16 -1.24 0.04
C VAL A 7 13.37 0.04 -0.16
N ALA A 8 13.86 0.96 -0.99
CA ALA A 8 13.10 2.18 -1.27
C ALA A 8 11.79 1.88 -1.97
N SER A 9 11.73 0.79 -2.74
CA SER A 9 10.53 0.45 -3.48
C SER A 9 9.36 0.06 -2.58
N VAL A 10 9.63 -0.33 -1.33
CA VAL A 10 8.59 -0.79 -0.42
C VAL A 10 8.43 0.14 0.78
N LEU A 11 9.06 1.31 0.75
CA LEU A 11 8.92 2.29 1.80
C LEU A 11 8.11 3.49 1.29
N PRO A 12 7.31 4.12 2.16
CA PRO A 12 6.60 5.34 1.79
C PRO A 12 7.55 6.49 1.47
N GLU A 17 11.75 13.50 7.24
CA GLU A 17 13.14 13.55 7.71
C GLU A 17 13.36 12.59 8.89
N ASP A 18 12.46 11.64 9.07
CA ASP A 18 12.47 10.76 10.23
C ASP A 18 12.50 9.29 9.84
N LEU A 19 13.04 8.97 8.67
CA LEU A 19 13.25 7.58 8.29
C LEU A 19 14.51 7.46 7.45
N ALA A 20 15.39 6.55 7.84
CA ALA A 20 16.60 6.25 7.10
C ALA A 20 16.67 4.77 6.78
N TYR A 21 17.50 4.44 5.79
CA TYR A 21 17.70 3.06 5.40
C TYR A 21 19.07 2.92 4.75
N ALA A 22 19.57 1.69 4.75
CA ALA A 22 20.82 1.34 4.11
C ALA A 22 20.80 -0.15 3.81
N GLU A 23 21.39 -0.54 2.69
CA GLU A 23 21.42 -1.95 2.31
C GLU A 23 22.72 -2.27 1.60
N LEU A 24 23.15 -3.52 1.72
CA LEU A 24 24.33 -4.02 1.05
C LEU A 24 24.04 -5.42 0.51
N TYR A 25 24.65 -5.73 -0.63
CA TYR A 25 24.39 -6.98 -1.33
C TYR A 25 25.49 -8.01 -1.13
N SER A 26 26.46 -7.71 -0.28
CA SER A 26 27.51 -8.67 0.05
C SER A 26 28.07 -8.29 1.41
N ASP A 27 28.94 -9.15 1.94
CA ASP A 27 29.60 -8.88 3.20
C ASP A 27 30.90 -8.14 2.93
N PRO A 28 31.01 -6.86 3.26
CA PRO A 28 32.28 -6.17 3.08
C PRO A 28 33.31 -6.77 4.01
N PRO A 29 34.47 -7.19 3.49
CA PRO A 29 35.45 -7.88 4.32
C PRO A 29 36.04 -6.97 5.40
N GLY A 30 36.37 -7.58 6.53
CA GLY A 30 37.07 -6.90 7.60
C GLY A 30 36.20 -6.19 8.62
N LEU A 31 34.89 -6.13 8.42
CA LEU A 31 34.03 -5.43 9.36
C LEU A 31 33.98 -6.17 10.69
N THR A 32 33.91 -5.42 11.78
CA THR A 32 33.93 -6.00 13.10
C THR A 32 32.78 -5.45 13.93
N PRO A 33 32.23 -6.25 14.83
CA PRO A 33 31.16 -5.75 15.69
C PRO A 33 31.69 -4.77 16.73
N LEU A 34 30.76 -4.13 17.42
CA LEU A 34 31.14 -3.28 18.53
C LEU A 34 31.56 -4.12 19.73
N PRO A 35 32.41 -3.59 20.60
CA PRO A 35 32.89 -4.39 21.74
C PRO A 35 31.81 -5.06 22.57
N GLU A 36 30.78 -4.33 22.98
CA GLU A 36 29.80 -4.99 23.82
C GLU A 36 28.77 -5.75 22.99
N GLU A 37 28.93 -5.77 21.66
CA GLU A 37 28.21 -6.67 20.76
C GLU A 37 28.94 -8.00 20.55
N ALA A 38 30.25 -8.03 20.78
CA ALA A 38 31.05 -9.19 20.40
C ALA A 38 30.60 -10.51 21.05
N PRO A 39 30.26 -10.58 22.34
CA PRO A 39 29.89 -11.89 22.90
C PRO A 39 28.67 -12.52 22.25
N LEU A 40 27.87 -11.75 21.52
CA LEU A 40 26.66 -12.30 20.92
C LEU A 40 26.99 -13.28 19.80
N ILE A 41 28.15 -13.14 19.15
CA ILE A 41 28.49 -13.97 18.00
C ILE A 41 29.85 -14.62 18.18
N ALA A 42 30.30 -14.73 19.43
CA ALA A 42 31.59 -15.38 19.69
C ALA A 42 31.57 -16.84 19.27
N ARG A 43 30.45 -17.53 19.50
CA ARG A 43 30.31 -18.93 19.13
C ARG A 43 29.54 -19.13 17.83
N SER A 44 29.10 -18.06 17.18
CA SER A 44 28.30 -18.20 15.98
C SER A 44 29.17 -18.62 14.79
N VAL A 45 28.53 -19.25 13.81
CA VAL A 45 29.23 -19.74 12.63
C VAL A 45 29.58 -18.56 11.73
N ALA A 46 30.44 -18.81 10.74
CA ALA A 46 30.94 -17.74 9.88
C ALA A 46 29.80 -17.11 9.11
N LYS A 47 28.93 -17.93 8.53
CA LYS A 47 27.87 -17.38 7.71
C LYS A 47 26.89 -16.54 8.51
N ARG A 48 26.53 -17.00 9.71
CA ARG A 48 25.76 -16.18 10.63
C ARG A 48 26.54 -14.94 11.08
N ARG A 49 27.85 -15.09 11.34
CA ARG A 49 28.64 -13.97 11.82
C ARG A 49 28.62 -12.82 10.83
N ASN A 50 28.77 -13.13 9.53
CA ASN A 50 28.88 -12.09 8.51
C ASN A 50 27.60 -11.27 8.43
N GLU A 51 26.44 -11.94 8.41
CA GLU A 51 25.20 -11.19 8.24
C GLU A 51 24.77 -10.49 9.53
N PHE A 52 25.15 -11.01 10.69
CA PHE A 52 24.99 -10.26 11.92
C PHE A 52 25.74 -8.94 11.86
N ILE A 53 26.99 -8.98 11.39
CA ILE A 53 27.82 -7.78 11.35
C ILE A 53 27.36 -6.84 10.23
N THR A 54 27.12 -7.39 9.05
CA THR A 54 26.78 -6.54 7.90
C THR A 54 25.47 -5.79 8.12
N VAL A 55 24.48 -6.44 8.74
CA VAL A 55 23.18 -5.80 8.90
C VAL A 55 23.26 -4.71 9.96
N ARG A 56 24.09 -4.89 11.00
CA ARG A 56 24.29 -3.84 11.99
C ARG A 56 25.19 -2.72 11.47
N HIS A 57 26.04 -3.01 10.49
CA HIS A 57 26.77 -1.93 9.81
C HIS A 57 25.83 -1.11 8.95
N CYS A 58 24.86 -1.76 8.29
CA CYS A 58 23.81 -1.03 7.58
C CYS A 58 22.95 -0.24 8.55
N ALA A 59 22.65 -0.82 9.73
CA ALA A 59 21.80 -0.15 10.70
C ALA A 59 22.45 1.14 11.20
N ARG A 60 23.76 1.13 11.38
CA ARG A 60 24.43 2.31 11.92
C ARG A 60 24.70 3.37 10.85
N ILE A 61 24.72 2.99 9.57
CA ILE A 61 24.76 4.00 8.52
C ILE A 61 23.47 4.81 8.55
N ALA A 62 22.33 4.12 8.62
CA ALA A 62 21.05 4.80 8.69
C ALA A 62 20.87 5.53 10.02
N LEU A 63 21.29 4.90 11.13
CA LEU A 63 21.15 5.55 12.42
C LEU A 63 22.02 6.79 12.57
N ASP A 64 23.19 6.83 11.92
CA ASP A 64 24.02 8.01 12.01
C ASP A 64 23.44 9.17 11.21
N GLN A 65 22.77 8.88 10.10
CA GLN A 65 22.20 9.92 9.27
C GLN A 65 20.93 10.50 9.88
N LEU A 66 20.45 9.91 10.98
CA LEU A 66 19.42 10.49 11.84
C LEU A 66 20.04 11.04 13.12
N GLY A 67 21.24 11.62 13.01
CA GLY A 67 21.96 12.19 14.14
C GLY A 67 22.19 11.34 15.37
N VAL A 68 22.08 10.03 15.25
CA VAL A 68 22.24 9.10 16.37
C VAL A 68 23.63 8.47 16.24
N PRO A 69 24.50 8.61 17.24
CA PRO A 69 25.85 8.05 17.14
C PRO A 69 25.85 6.53 17.24
N PRO A 70 26.88 5.88 16.72
CA PRO A 70 26.92 4.40 16.73
C PRO A 70 26.76 3.83 18.13
N ALA A 71 25.82 2.89 18.29
CA ALA A 71 25.53 2.26 19.56
C ALA A 71 25.37 0.77 19.33
N PRO A 72 25.61 -0.06 20.35
CA PRO A 72 25.46 -1.50 20.17
C PRO A 72 24.01 -1.89 19.95
N ILE A 73 23.79 -2.84 19.05
CA ILE A 73 22.47 -3.38 18.78
C ILE A 73 22.39 -4.81 19.28
N LEU A 74 21.92 -4.99 20.51
CA LEU A 74 21.84 -6.29 21.15
C LEU A 74 20.53 -6.98 20.74
N LYS A 75 20.23 -8.11 21.37
CA LYS A 75 19.05 -8.90 21.05
C LYS A 75 18.30 -9.20 22.32
N GLY A 76 16.99 -8.94 22.31
CA GLY A 76 16.15 -9.13 23.47
C GLY A 76 15.09 -10.21 23.32
N ASP A 77 13.86 -9.87 23.71
CA ASP A 77 12.74 -10.80 23.71
C ASP A 77 12.67 -11.60 22.41
N LYS A 78 12.83 -12.92 22.53
CA LYS A 78 12.85 -13.84 21.39
C LYS A 78 13.79 -13.34 20.30
N GLY A 79 14.96 -12.85 20.71
CA GLY A 79 15.96 -12.37 19.78
C GLY A 79 15.69 -11.03 19.13
N GLU A 80 14.74 -10.26 19.66
CA GLU A 80 14.37 -9.01 19.01
C GLU A 80 15.51 -8.01 19.09
N PRO A 81 15.81 -7.32 17.98
CA PRO A 81 16.85 -6.29 18.03
C PRO A 81 16.50 -5.18 19.01
N CYS A 82 17.54 -4.62 19.63
CA CYS A 82 17.41 -3.49 20.54
C CYS A 82 18.04 -2.26 19.90
N TRP A 83 17.44 -1.10 20.13
CA TRP A 83 17.81 0.13 19.47
C TRP A 83 18.13 1.21 20.49
N PRO A 84 18.90 2.23 20.11
CA PRO A 84 19.10 3.38 21.00
C PRO A 84 17.77 3.98 21.41
N ASP A 85 17.80 4.82 22.44
CA ASP A 85 16.56 5.40 22.94
C ASP A 85 15.86 6.20 21.85
N GLY A 86 14.57 6.45 22.07
CA GLY A 86 13.72 7.09 21.09
C GLY A 86 13.70 6.50 19.69
N MET A 87 14.35 5.35 19.47
CA MET A 87 14.52 4.78 18.14
C MET A 87 13.76 3.47 17.99
N VAL A 88 13.31 3.22 16.76
CA VAL A 88 12.78 1.92 16.35
C VAL A 88 13.42 1.57 15.02
N GLY A 89 13.37 0.28 14.69
CA GLY A 89 13.99 -0.16 13.46
C GLY A 89 13.69 -1.62 13.18
N SER A 90 14.20 -2.09 12.04
CA SER A 90 13.99 -3.47 11.63
C SER A 90 15.21 -3.94 10.84
N LEU A 91 15.59 -5.20 11.04
CA LEU A 91 16.73 -5.81 10.36
C LEU A 91 16.26 -7.00 9.53
N THR A 92 16.90 -7.19 8.38
CA THR A 92 16.58 -8.33 7.52
C THR A 92 17.82 -8.73 6.76
N HIS A 93 17.81 -9.97 6.27
CA HIS A 93 18.93 -10.52 5.51
C HIS A 93 18.43 -11.70 4.70
N CYS A 94 19.17 -12.01 3.63
CA CYS A 94 18.95 -13.22 2.85
C CYS A 94 20.15 -13.38 1.92
N ALA A 95 20.07 -14.41 1.07
CA ALA A 95 21.17 -14.80 0.18
C ALA A 95 21.38 -13.73 -0.89
N GLY A 96 22.05 -12.66 -0.50
CA GLY A 96 22.40 -11.61 -1.44
C GLY A 96 21.87 -10.26 -1.02
N TYR A 97 21.54 -10.13 0.26
CA TYR A 97 20.95 -8.89 0.75
C TYR A 97 21.19 -8.77 2.24
N ARG A 98 21.52 -7.55 2.66
CA ARG A 98 21.50 -7.17 4.07
C ARG A 98 20.92 -5.78 4.08
N GLY A 99 19.99 -5.52 4.98
CA GLY A 99 19.28 -4.26 4.97
C GLY A 99 18.78 -3.91 6.35
N ALA A 100 18.67 -2.60 6.58
CA ALA A 100 18.12 -2.08 7.82
C ALA A 100 17.35 -0.82 7.49
N VAL A 101 16.25 -0.62 8.23
CA VAL A 101 15.44 0.59 8.14
C VAL A 101 15.18 1.01 9.56
N VAL A 102 15.40 2.30 9.87
CA VAL A 102 15.28 2.77 11.22
C VAL A 102 14.46 4.04 11.24
N GLY A 103 13.86 4.30 12.39
CA GLY A 103 13.03 5.48 12.55
C GLY A 103 13.00 5.90 13.99
N ARG A 104 12.72 7.18 14.15
CA ARG A 104 12.58 7.72 15.48
C ARG A 104 11.17 7.38 15.89
N ARG A 105 10.98 7.14 17.16
CA ARG A 105 9.67 6.70 17.69
C ARG A 105 8.48 7.62 17.55
N ASP A 106 8.67 8.89 17.82
CA ASP A 106 7.50 9.76 17.72
C ASP A 106 6.96 9.82 16.30
N ALA A 107 7.83 9.89 15.30
CA ALA A 107 7.38 9.86 13.91
C ALA A 107 7.00 8.46 13.44
N VAL A 108 7.76 7.45 13.85
CA VAL A 108 7.55 6.07 13.40
C VAL A 108 7.26 5.19 14.59
N ARG A 109 6.01 4.74 14.73
CA ARG A 109 5.63 3.90 15.86
C ARG A 109 6.36 2.56 15.83
N SER A 110 6.51 1.97 14.64
CA SER A 110 7.14 0.67 14.50
C SER A 110 7.58 0.50 13.05
N VAL A 111 8.57 -0.36 12.85
CA VAL A 111 9.08 -0.69 11.52
C VAL A 111 9.15 -2.20 11.37
N GLY A 112 8.75 -2.70 10.21
CA GLY A 112 8.93 -4.11 9.89
C GLY A 112 9.31 -4.35 8.44
N ILE A 113 10.41 -5.07 8.21
CA ILE A 113 10.89 -5.34 6.86
C ILE A 113 11.30 -6.80 6.77
N ASP A 114 11.36 -7.30 5.53
CA ASP A 114 11.91 -8.63 5.25
C ASP A 114 12.39 -8.66 3.81
N ALA A 115 13.42 -9.46 3.57
CA ALA A 115 13.93 -9.71 2.23
C ALA A 115 14.10 -11.22 2.05
N GLU A 116 13.70 -11.72 0.88
CA GLU A 116 13.77 -13.13 0.53
C GLU A 116 14.14 -13.28 -0.93
N PRO A 117 14.80 -14.39 -1.30
CA PRO A 117 14.99 -14.68 -2.73
C PRO A 117 13.66 -15.01 -3.39
N HIS A 118 13.51 -14.56 -4.64
CA HIS A 118 12.26 -14.79 -5.37
C HIS A 118 12.26 -16.22 -5.93
N ASP A 119 12.17 -17.17 -5.01
CA ASP A 119 12.11 -18.58 -5.35
C ASP A 119 10.96 -19.25 -4.61
N VAL A 120 10.56 -20.40 -5.13
CA VAL A 120 9.53 -21.20 -4.48
C VAL A 120 9.95 -21.55 -3.05
N LEU A 121 8.97 -21.58 -2.15
CA LEU A 121 9.21 -21.95 -0.77
C LEU A 121 9.63 -23.42 -0.68
N PRO A 122 10.40 -23.79 0.34
CA PRO A 122 10.71 -25.21 0.54
C PRO A 122 9.43 -25.98 0.81
N ASN A 123 9.43 -27.28 0.49
CA ASN A 123 8.22 -28.08 0.63
C ASN A 123 7.68 -28.05 2.06
N GLY A 124 6.37 -27.79 2.19
CA GLY A 124 5.72 -27.82 3.48
C GLY A 124 5.64 -26.51 4.23
N VAL A 125 6.19 -25.44 3.68
CA VAL A 125 6.25 -24.15 4.38
C VAL A 125 4.99 -23.33 4.15
N LEU A 126 4.50 -23.32 2.91
CA LEU A 126 3.27 -22.59 2.58
C LEU A 126 2.11 -22.93 3.51
N ASP A 127 2.05 -24.16 4.03
CA ASP A 127 0.91 -24.54 4.83
C ASP A 127 1.01 -24.04 6.26
N ALA A 128 2.22 -24.03 6.83
CA ALA A 128 2.40 -23.55 8.19
C ALA A 128 2.21 -22.03 8.28
N ILE A 129 2.66 -21.30 7.28
CA ILE A 129 2.68 -19.84 7.32
C ILE A 129 1.42 -19.16 6.81
N SER A 130 0.34 -19.92 6.58
CA SER A 130 -0.74 -19.35 5.80
C SER A 130 -2.08 -19.97 6.16
N LEU A 131 -3.14 -19.31 5.71
CA LEU A 131 -4.53 -19.63 5.96
C LEU A 131 -5.18 -20.22 4.72
N PRO A 132 -6.26 -20.99 4.87
CA PRO A 132 -6.94 -21.52 3.68
C PRO A 132 -7.45 -20.43 2.74
N ALA A 133 -7.69 -19.22 3.25
CA ALA A 133 -8.19 -18.13 2.42
C ALA A 133 -7.07 -17.49 1.62
N GLU A 134 -5.98 -17.09 2.30
CA GLU A 134 -4.80 -16.57 1.60
C GLU A 134 -4.35 -17.46 0.45
N ARG A 135 -4.52 -18.78 0.58
CA ARG A 135 -4.07 -19.71 -0.46
C ARG A 135 -5.04 -19.81 -1.62
N ALA A 136 -6.31 -19.49 -1.40
CA ALA A 136 -7.30 -19.45 -2.46
C ALA A 136 -7.39 -18.10 -3.15
N ASP A 137 -7.12 -17.02 -2.41
CA ASP A 137 -7.29 -15.67 -2.92
C ASP A 137 -6.07 -15.15 -3.67
N MET A 138 -4.87 -15.39 -3.13
CA MET A 138 -3.65 -14.90 -3.76
C MET A 138 -3.45 -15.40 -5.19
N PRO A 139 -3.66 -16.68 -5.52
CA PRO A 139 -3.49 -17.10 -6.92
C PRO A 139 -4.50 -16.51 -7.89
N ARG A 140 -5.60 -15.92 -7.40
CA ARG A 140 -6.57 -15.34 -8.34
C ARG A 140 -6.11 -13.99 -8.87
N THR A 141 -5.40 -13.20 -8.06
CA THR A 141 -5.03 -11.85 -8.46
C THR A 141 -3.52 -11.60 -8.58
N MET A 142 -2.67 -12.52 -8.09
CA MET A 142 -1.24 -12.26 -8.22
C MET A 142 -0.76 -12.62 -9.62
N PRO A 143 0.11 -11.80 -10.21
CA PRO A 143 0.58 -12.09 -11.58
C PRO A 143 1.20 -13.46 -11.71
N ALA A 144 1.05 -14.04 -12.91
CA ALA A 144 1.50 -15.41 -13.15
C ALA A 144 3.00 -15.58 -13.01
N ALA A 145 3.78 -14.51 -13.14
CA ALA A 145 5.23 -14.60 -13.12
C ALA A 145 5.82 -14.47 -11.72
N LEU A 146 5.00 -14.55 -10.66
CA LEU A 146 5.44 -14.33 -9.30
C LEU A 146 5.24 -15.57 -8.44
N HIS A 147 6.15 -15.78 -7.50
CA HIS A 147 6.00 -16.81 -6.47
C HIS A 147 5.16 -16.24 -5.35
N TRP A 148 3.84 -16.32 -5.50
CA TRP A 148 2.95 -15.72 -4.50
C TRP A 148 3.14 -16.36 -3.13
N ASP A 149 3.56 -17.62 -3.06
CA ASP A 149 3.81 -18.27 -1.78
C ASP A 149 4.98 -17.64 -1.04
N ARG A 150 6.09 -17.37 -1.76
CA ARG A 150 7.23 -16.73 -1.14
C ARG A 150 6.91 -15.29 -0.74
N ILE A 151 6.22 -14.55 -1.63
CA ILE A 151 5.83 -13.18 -1.32
C ILE A 151 4.93 -13.14 -0.10
N LEU A 152 4.06 -14.14 0.05
CA LEU A 152 3.22 -14.23 1.24
C LEU A 152 4.09 -14.42 2.49
N PHE A 153 5.09 -15.29 2.42
CA PHE A 153 5.98 -15.47 3.57
C PHE A 153 6.69 -14.19 3.94
N CYS A 154 7.18 -13.46 2.94
CA CYS A 154 7.88 -12.20 3.20
C CYS A 154 6.98 -11.18 3.87
N ALA A 155 5.74 -11.09 3.41
CA ALA A 155 4.78 -10.17 4.04
C ALA A 155 4.45 -10.63 5.46
N LYS A 156 4.37 -11.95 5.69
CA LYS A 156 4.11 -12.45 7.04
C LYS A 156 5.22 -12.06 8.01
N GLU A 157 6.48 -12.19 7.58
CA GLU A 157 7.57 -11.85 8.51
C GLU A 157 7.63 -10.35 8.75
N ALA A 158 7.36 -9.55 7.73
CA ALA A 158 7.37 -8.11 7.90
C ALA A 158 6.26 -7.65 8.83
N THR A 159 5.23 -8.46 9.02
CA THR A 159 4.10 -8.04 9.86
C THR A 159 4.42 -8.30 11.32
N TYR A 160 4.88 -9.51 11.63
CA TYR A 160 5.26 -9.80 13.00
C TYR A 160 6.38 -8.92 13.54
N LYS A 161 7.36 -8.57 12.69
CA LYS A 161 8.44 -7.67 13.11
C LYS A 161 7.94 -6.27 13.42
N ALA A 162 6.89 -5.80 12.72
CA ALA A 162 6.32 -4.51 13.10
C ALA A 162 5.32 -4.64 14.23
N TRP A 163 4.61 -5.76 14.28
CA TRP A 163 3.62 -6.00 15.32
C TRP A 163 4.28 -6.18 16.69
N PHE A 164 5.23 -7.12 16.78
CA PHE A 164 5.74 -7.59 18.07
C PHE A 164 6.24 -6.49 19.00
N PRO A 165 7.06 -5.52 18.55
CA PRO A 165 7.54 -4.51 19.50
C PRO A 165 6.44 -3.72 20.18
N LEU A 166 5.31 -3.52 19.50
CA LEU A 166 4.25 -2.71 20.08
C LEU A 166 3.33 -3.49 21.01
N THR A 167 3.38 -4.83 20.97
CA THR A 167 2.57 -5.64 21.86
C THR A 167 3.37 -6.57 22.75
N LYS A 168 4.59 -6.94 22.34
CA LYS A 168 5.40 -7.94 23.04
C LYS A 168 4.63 -9.24 23.22
N ARG A 169 3.68 -9.49 22.32
CA ARG A 169 2.96 -10.75 22.24
C ARG A 169 3.31 -11.43 20.92
N TRP A 170 3.28 -12.75 20.93
CA TRP A 170 3.71 -13.52 19.78
C TRP A 170 2.60 -13.56 18.74
N LEU A 171 2.96 -13.30 17.49
CA LEU A 171 2.01 -13.26 16.38
C LEU A 171 2.24 -14.47 15.49
N GLY A 172 1.43 -15.51 15.67
CA GLY A 172 1.54 -16.68 14.83
C GLY A 172 1.21 -16.36 13.38
N PHE A 173 1.65 -17.26 12.50
CA PHE A 173 1.47 -17.07 11.06
C PHE A 173 0.01 -17.09 10.64
N GLU A 174 -0.84 -17.71 11.43
CA GLU A 174 -2.27 -17.80 11.16
C GLU A 174 -3.12 -16.88 12.04
N ASP A 175 -2.48 -15.96 12.76
CA ASP A 175 -3.16 -14.89 13.46
C ASP A 175 -3.26 -13.62 12.61
N ALA A 176 -2.64 -13.61 11.43
CA ALA A 176 -2.68 -12.47 10.53
C ALA A 176 -3.20 -12.92 9.17
N HIS A 177 -4.16 -12.19 8.62
CA HIS A 177 -4.70 -12.43 7.29
C HIS A 177 -4.20 -11.32 6.38
N ILE A 178 -3.49 -11.69 5.31
CA ILE A 178 -2.87 -10.73 4.42
C ILE A 178 -3.53 -10.82 3.04
N THR A 179 -4.01 -9.69 2.56
CA THR A 179 -4.58 -9.56 1.22
C THR A 179 -3.68 -8.67 0.38
N PHE A 180 -3.55 -8.98 -0.91
CA PHE A 180 -2.58 -8.33 -1.77
C PHE A 180 -3.26 -7.64 -2.94
N GLU A 181 -2.63 -6.55 -3.38
CA GLU A 181 -3.00 -5.88 -4.61
C GLU A 181 -1.72 -5.61 -5.39
N THR A 182 -1.79 -5.75 -6.70
CA THR A 182 -0.62 -5.63 -7.55
C THR A 182 -0.67 -4.30 -8.28
N ASP A 183 0.42 -3.54 -8.17
CA ASP A 183 0.48 -2.30 -8.92
C ASP A 183 0.54 -2.61 -10.42
N SER A 184 0.18 -1.59 -11.21
CA SER A 184 0.08 -1.74 -12.65
C SER A 184 1.43 -2.02 -13.30
N THR A 185 2.54 -1.84 -12.58
CA THR A 185 3.85 -2.20 -13.11
C THR A 185 4.02 -3.72 -13.18
N GLY A 186 3.42 -4.46 -12.23
CA GLY A 186 3.36 -5.91 -12.27
C GLY A 186 4.36 -6.61 -11.37
N TRP A 187 5.43 -5.93 -10.94
CA TRP A 187 6.41 -6.53 -10.04
C TRP A 187 6.39 -5.93 -8.65
N THR A 188 5.57 -4.91 -8.43
CA THR A 188 5.49 -4.23 -7.14
C THR A 188 4.03 -4.10 -6.73
N GLY A 189 3.82 -3.80 -5.47
CA GLY A 189 2.47 -3.67 -4.96
C GLY A 189 2.47 -3.42 -3.48
N ARG A 190 1.34 -3.69 -2.86
CA ARG A 190 1.16 -3.45 -1.44
C ARG A 190 0.10 -4.40 -0.90
N PHE A 191 0.07 -4.54 0.43
CA PHE A 191 -0.75 -5.55 1.07
C PHE A 191 -1.35 -4.99 2.36
N VAL A 192 -2.38 -5.68 2.86
CA VAL A 192 -3.05 -5.34 4.11
C VAL A 192 -3.04 -6.58 4.98
N SER A 193 -2.43 -6.48 6.16
CA SER A 193 -2.41 -7.56 7.13
C SER A 193 -3.44 -7.27 8.21
N ARG A 194 -4.39 -8.18 8.40
CA ARG A 194 -5.46 -8.02 9.37
C ARG A 194 -5.25 -9.00 10.52
N ILE A 195 -5.23 -8.48 11.74
CA ILE A 195 -4.88 -9.26 12.92
C ILE A 195 -6.12 -9.95 13.46
N LEU A 196 -6.03 -11.27 13.60
CA LEU A 196 -7.15 -12.08 14.09
C LEU A 196 -7.12 -12.30 15.59
N ILE A 197 -6.10 -11.79 16.29
CA ILE A 197 -6.06 -11.88 17.74
C ILE A 197 -6.20 -10.49 18.34
N ASP A 198 -6.24 -10.40 19.67
CA ASP A 198 -6.37 -9.12 20.35
C ASP A 198 -5.23 -8.19 19.95
N GLY A 199 -5.59 -6.93 19.65
CA GLY A 199 -4.61 -5.96 19.21
C GLY A 199 -4.19 -4.97 20.27
N SER A 200 -4.30 -5.38 21.54
CA SER A 200 -3.90 -4.51 22.64
C SER A 200 -2.41 -4.21 22.58
N THR A 201 -2.06 -2.94 22.48
CA THR A 201 -0.67 -2.51 22.49
C THR A 201 -0.25 -2.10 23.89
N LEU A 202 1.06 -2.19 24.16
CA LEU A 202 1.60 -1.67 25.41
C LEU A 202 1.41 -0.16 25.50
N SER A 203 1.38 0.53 24.37
CA SER A 203 1.13 1.97 24.34
C SER A 203 0.57 2.34 22.99
N GLY A 204 -0.34 3.31 22.98
CA GLY A 204 -0.97 3.75 21.76
C GLY A 204 -2.32 3.08 21.55
N PRO A 205 -3.01 3.45 20.47
CA PRO A 205 -4.30 2.82 20.16
C PRO A 205 -4.12 1.36 19.79
N PRO A 206 -5.18 0.56 19.87
CA PRO A 206 -5.08 -0.84 19.44
C PRO A 206 -4.62 -0.95 18.00
N LEU A 207 -4.13 -2.13 17.64
CA LEU A 207 -3.54 -2.37 16.33
C LEU A 207 -4.06 -3.68 15.75
N THR A 208 -4.86 -3.58 14.70
CA THR A 208 -5.44 -4.74 14.03
C THR A 208 -5.26 -4.72 12.52
N THR A 209 -4.83 -3.61 11.94
CA THR A 209 -4.63 -3.49 10.49
C THR A 209 -3.28 -2.86 10.23
N LEU A 210 -2.42 -3.58 9.54
CA LEU A 210 -1.08 -3.10 9.19
C LEU A 210 -0.99 -3.04 7.67
N ARG A 211 -0.63 -1.88 7.14
CA ARG A 211 -0.47 -1.68 5.71
C ARG A 211 1.00 -1.60 5.36
N GLY A 212 1.42 -2.38 4.36
CA GLY A 212 2.80 -2.40 3.94
C GLY A 212 2.91 -2.49 2.43
N ARG A 213 4.14 -2.54 1.95
CA ARG A 213 4.42 -2.58 0.53
C ARG A 213 5.29 -3.79 0.20
N TRP A 214 5.13 -4.32 -1.00
CA TRP A 214 5.92 -5.45 -1.48
C TRP A 214 6.50 -5.14 -2.86
N SER A 215 7.65 -5.73 -3.14
CA SER A 215 8.34 -5.51 -4.41
C SER A 215 9.21 -6.72 -4.75
N VAL A 216 9.30 -7.02 -6.04
CA VAL A 216 10.19 -8.06 -6.54
C VAL A 216 11.16 -7.41 -7.51
N GLU A 217 12.45 -7.53 -7.22
CA GLU A 217 13.47 -6.79 -7.95
C GLU A 217 14.82 -7.46 -7.74
N ARG A 218 15.57 -7.62 -8.83
CA ARG A 218 16.91 -8.22 -8.80
C ARG A 218 16.88 -9.62 -8.18
N GLY A 219 15.86 -10.40 -8.54
CA GLY A 219 15.72 -11.74 -8.01
C GLY A 219 15.43 -11.79 -6.53
N LEU A 220 14.97 -10.69 -5.94
CA LEU A 220 14.74 -10.58 -4.52
C LEU A 220 13.34 -10.05 -4.24
N VAL A 221 12.69 -10.62 -3.23
CA VAL A 221 11.41 -10.12 -2.75
C VAL A 221 11.68 -9.25 -1.53
N LEU A 222 11.16 -8.02 -1.56
CA LEU A 222 11.30 -7.07 -0.48
C LEU A 222 9.93 -6.68 0.04
N THR A 223 9.78 -6.59 1.36
CA THR A 223 8.55 -6.11 1.98
C THR A 223 8.91 -5.17 3.12
N ALA A 224 8.00 -4.22 3.39
CA ALA A 224 8.22 -3.28 4.48
C ALA A 224 6.88 -2.78 4.98
N ILE A 225 6.81 -2.55 6.29
CA ILE A 225 5.66 -1.92 6.93
C ILE A 225 6.17 -0.78 7.79
N VAL A 226 5.62 0.41 7.59
CA VAL A 226 5.97 1.59 8.38
C VAL A 226 4.70 2.11 9.04
N LEU A 227 4.64 2.01 10.37
CA LEU A 227 3.47 2.41 11.15
C LEU A 227 3.70 3.82 11.70
N ALA A 228 3.31 4.82 10.90
CA ALA A 228 3.36 6.23 11.31
C ALA A 228 2.90 6.46 12.76
N THR B 5 40.42 15.90 14.52
CA THR B 5 40.18 17.11 13.74
C THR B 5 38.80 17.75 14.03
N LEU B 6 38.66 19.02 13.65
CA LEU B 6 37.38 19.70 13.81
C LEU B 6 36.36 19.26 12.78
N VAL B 7 36.79 19.11 11.51
CA VAL B 7 35.85 18.80 10.43
C VAL B 7 35.26 17.40 10.57
N ALA B 8 35.93 16.51 11.31
CA ALA B 8 35.41 15.16 11.49
C ALA B 8 34.09 15.16 12.24
N SER B 9 33.84 16.19 13.04
CA SER B 9 32.61 16.26 13.82
C SER B 9 31.38 16.55 12.95
N VAL B 10 31.56 17.09 11.76
CA VAL B 10 30.46 17.45 10.89
C VAL B 10 30.42 16.57 9.65
N LEU B 11 31.10 15.44 9.68
CA LEU B 11 31.12 14.56 8.53
C LEU B 11 30.46 13.24 8.88
N PRO B 12 29.91 12.53 7.88
CA PRO B 12 29.22 11.27 8.18
C PRO B 12 30.21 10.23 8.68
N VAL B 15 32.12 6.99 6.66
CA VAL B 15 31.90 7.12 5.22
C VAL B 15 33.20 7.11 4.41
N PHE B 16 34.34 6.91 5.06
CA PHE B 16 35.61 7.10 4.35
C PHE B 16 36.16 5.79 3.79
N GLU B 17 36.27 5.78 2.47
CA GLU B 17 36.98 4.90 1.56
C GLU B 17 37.12 5.83 0.38
N ASP B 18 36.08 6.66 0.23
CA ASP B 18 35.99 7.68 -0.80
C ASP B 18 35.85 9.09 -0.26
N LEU B 19 36.10 9.32 1.04
CA LEU B 19 36.09 10.68 1.60
C LEU B 19 37.34 10.95 2.42
N ALA B 20 38.18 11.87 1.96
CA ALA B 20 39.38 12.23 2.70
C ALA B 20 39.33 13.70 3.07
N TYR B 21 40.02 14.05 4.15
CA TYR B 21 40.02 15.41 4.66
C TYR B 21 41.33 15.73 5.36
N ALA B 22 41.72 17.00 5.31
CA ALA B 22 42.88 17.51 6.01
C ALA B 22 42.61 18.94 6.43
N GLU B 23 43.19 19.35 7.56
CA GLU B 23 42.95 20.68 8.08
C GLU B 23 44.17 21.15 8.87
N LEU B 24 44.34 22.48 8.89
CA LEU B 24 45.43 23.12 9.63
C LEU B 24 44.89 24.39 10.28
N TYR B 25 45.64 24.91 11.25
CA TYR B 25 45.21 26.07 12.01
C TYR B 25 46.14 27.26 11.86
N SER B 26 47.22 27.13 11.10
CA SER B 26 48.11 28.23 10.78
C SER B 26 48.60 28.02 9.36
N ASP B 27 49.56 28.84 8.94
CA ASP B 27 50.11 28.72 7.59
C ASP B 27 51.53 28.18 7.66
N PRO B 28 51.75 26.93 7.28
CA PRO B 28 53.10 26.36 7.35
C PRO B 28 54.08 27.17 6.53
N PRO B 29 55.27 27.41 7.07
CA PRO B 29 56.22 28.29 6.38
C PRO B 29 56.73 27.69 5.09
N GLY B 30 57.00 28.57 4.13
CA GLY B 30 57.66 28.16 2.90
C GLY B 30 56.80 27.35 1.94
N LEU B 31 55.51 27.20 2.21
CA LEU B 31 54.64 26.52 1.27
C LEU B 31 54.46 27.37 0.02
N THR B 32 54.50 26.72 -1.13
CA THR B 32 54.40 27.39 -2.41
C THR B 32 53.32 26.74 -3.27
N PRO B 33 52.69 27.49 -4.15
CA PRO B 33 51.71 26.90 -5.05
C PRO B 33 52.42 26.09 -6.13
N LEU B 34 51.66 25.22 -6.76
CA LEU B 34 52.16 24.54 -7.95
C LEU B 34 52.38 25.56 -9.06
N PRO B 35 53.30 25.30 -10.00
CA PRO B 35 53.57 26.33 -11.01
C PRO B 35 52.29 26.74 -11.75
N GLU B 36 51.33 25.83 -11.97
CA GLU B 36 50.06 26.23 -12.57
C GLU B 36 49.22 27.07 -11.67
N GLU B 37 49.38 26.95 -10.37
CA GLU B 37 48.57 27.79 -9.52
C GLU B 37 49.17 29.19 -9.41
N ALA B 38 50.46 29.35 -9.71
CA ALA B 38 51.16 30.60 -9.45
C ALA B 38 50.49 31.85 -10.02
N PRO B 39 50.05 31.90 -11.28
CA PRO B 39 49.46 33.16 -11.79
C PRO B 39 48.19 33.57 -11.06
N LEU B 40 47.49 32.64 -10.41
CA LEU B 40 46.23 32.96 -9.76
C LEU B 40 46.43 33.91 -8.58
N ILE B 41 47.61 33.90 -7.95
CA ILE B 41 47.84 34.70 -6.76
C ILE B 41 49.08 35.54 -6.92
N ALA B 42 49.49 35.79 -8.17
CA ALA B 42 50.66 36.62 -8.41
C ALA B 42 50.47 38.02 -7.86
N ARG B 43 49.29 38.61 -8.07
CA ARG B 43 48.99 39.95 -7.62
C ARG B 43 48.11 39.98 -6.37
N SER B 44 48.01 38.84 -5.67
CA SER B 44 47.21 38.78 -4.46
C SER B 44 48.01 39.25 -3.25
N VAL B 45 47.28 39.70 -2.23
CA VAL B 45 47.90 40.18 -0.99
C VAL B 45 48.34 38.97 -0.16
N ALA B 46 49.15 39.21 0.88
CA ALA B 46 49.75 38.12 1.62
C ALA B 46 48.71 37.23 2.31
N LYS B 47 47.71 37.86 2.92
CA LYS B 47 46.67 37.08 3.60
C LYS B 47 45.96 36.15 2.62
N ARG B 48 45.57 36.68 1.45
CA ARG B 48 44.93 35.85 0.44
C ARG B 48 45.88 34.77 -0.07
N ARG B 49 47.15 35.13 -0.27
CA ARG B 49 48.13 34.15 -0.75
C ARG B 49 48.24 32.98 0.21
N ASN B 50 48.34 33.25 1.52
CA ASN B 50 48.57 32.19 2.49
C ASN B 50 47.40 31.22 2.52
N GLU B 51 46.17 31.74 2.58
CA GLU B 51 45.02 30.86 2.67
C GLU B 51 44.79 30.12 1.35
N PHE B 52 45.09 30.75 0.21
CA PHE B 52 45.04 30.03 -1.06
C PHE B 52 46.01 28.86 -1.06
N ILE B 53 47.24 29.09 -0.57
CA ILE B 53 48.26 28.05 -0.61
C ILE B 53 47.96 26.96 0.40
N THR B 54 47.65 27.36 1.64
CA THR B 54 47.47 26.38 2.71
C THR B 54 46.24 25.50 2.46
N VAL B 55 45.15 26.08 1.96
CA VAL B 55 43.95 25.27 1.77
C VAL B 55 44.19 24.21 0.69
N ARG B 56 44.98 24.53 -0.33
CA ARG B 56 45.35 23.55 -1.33
C ARG B 56 46.40 22.56 -0.83
N HIS B 57 47.18 22.95 0.17
CA HIS B 57 48.06 21.97 0.81
C HIS B 57 47.24 20.94 1.57
N CYS B 58 46.16 21.38 2.21
CA CYS B 58 45.24 20.43 2.81
C CYS B 58 44.55 19.58 1.74
N ALA B 59 44.19 20.21 0.63
CA ALA B 59 43.48 19.49 -0.44
C ALA B 59 44.35 18.39 -1.02
N ARG B 60 45.65 18.65 -1.18
CA ARG B 60 46.49 17.64 -1.79
C ARG B 60 46.94 16.57 -0.80
N ILE B 61 46.92 16.87 0.50
CA ILE B 61 47.09 15.83 1.50
C ILE B 61 45.91 14.86 1.45
N ALA B 62 44.70 15.40 1.39
CA ALA B 62 43.51 14.57 1.32
C ALA B 62 43.44 13.81 0.00
N LEU B 63 43.77 14.47 -1.11
CA LEU B 63 43.77 13.78 -2.40
C LEU B 63 44.83 12.69 -2.47
N ASP B 64 45.91 12.83 -1.70
CA ASP B 64 46.93 11.79 -1.69
C ASP B 64 46.44 10.53 -0.98
N GLN B 65 45.55 10.69 0.00
CA GLN B 65 45.02 9.53 0.71
C GLN B 65 44.03 8.75 -0.14
N LEU B 66 43.53 9.35 -1.22
CA LEU B 66 42.64 8.68 -2.17
C LEU B 66 43.38 8.23 -3.43
N GLY B 67 44.72 8.18 -3.39
CA GLY B 67 45.47 7.73 -4.54
C GLY B 67 45.58 8.69 -5.69
N VAL B 68 45.32 9.97 -5.46
CA VAL B 68 45.36 11.00 -6.51
C VAL B 68 46.69 11.74 -6.41
N PRO B 69 47.51 11.73 -7.45
CA PRO B 69 48.81 12.42 -7.38
C PRO B 69 48.61 13.92 -7.40
N PRO B 70 49.59 14.68 -6.90
CA PRO B 70 49.43 16.14 -6.80
C PRO B 70 49.07 16.77 -8.13
N ALA B 71 47.99 17.56 -8.12
CA ALA B 71 47.52 18.24 -9.32
C ALA B 71 47.13 19.67 -8.96
N PRO B 72 47.21 20.59 -9.92
CA PRO B 72 46.81 21.97 -9.63
C PRO B 72 45.31 22.11 -9.41
N ILE B 73 44.95 22.96 -8.45
CA ILE B 73 43.55 23.29 -8.17
C ILE B 73 43.28 24.73 -8.57
N LEU B 74 42.78 24.94 -9.79
CA LEU B 74 42.51 26.28 -10.30
C LEU B 74 41.10 26.69 -9.88
N LYS B 75 40.60 27.80 -10.44
CA LYS B 75 39.32 28.36 -10.07
C LYS B 75 38.51 28.60 -11.34
N GLY B 76 37.26 28.13 -11.35
CA GLY B 76 36.40 28.26 -12.50
C GLY B 76 35.20 29.14 -12.29
N ASP B 77 34.02 28.65 -12.69
CA ASP B 77 32.78 29.41 -12.62
C ASP B 77 32.61 30.09 -11.27
N LYS B 78 32.58 31.43 -11.28
CA LYS B 78 32.47 32.24 -10.07
C LYS B 78 33.56 31.91 -9.05
N GLY B 79 34.72 31.46 -9.54
CA GLY B 79 35.82 31.11 -8.67
C GLY B 79 35.77 29.71 -8.11
N GLU B 80 34.83 28.88 -8.53
CA GLU B 80 34.67 27.55 -7.96
C GLU B 80 35.94 26.73 -8.15
N PRO B 81 36.46 26.11 -7.10
CA PRO B 81 37.68 25.30 -7.26
C PRO B 81 37.47 24.15 -8.24
N CYS B 82 38.53 23.85 -9.00
CA CYS B 82 38.53 22.78 -9.98
C CYS B 82 39.35 21.60 -9.47
N TRP B 83 38.81 20.39 -9.61
CA TRP B 83 39.33 19.20 -8.99
C TRP B 83 39.87 18.22 -10.03
N PRO B 84 40.72 17.28 -9.63
CA PRO B 84 41.19 16.26 -10.58
C PRO B 84 40.05 15.42 -11.10
N ASP B 85 40.34 14.69 -12.18
CA ASP B 85 39.32 13.86 -12.83
C ASP B 85 38.76 12.83 -11.86
N GLY B 86 37.45 12.61 -11.94
CA GLY B 86 36.72 11.73 -11.06
C GLY B 86 36.58 12.20 -9.63
N MET B 87 37.05 13.39 -9.29
CA MET B 87 37.08 13.85 -7.91
C MET B 87 36.16 15.06 -7.75
N VAL B 88 35.59 15.19 -6.56
CA VAL B 88 34.88 16.41 -6.15
C VAL B 88 35.41 16.78 -4.77
N GLY B 89 35.19 18.03 -4.39
CA GLY B 89 35.69 18.48 -3.10
C GLY B 89 35.21 19.87 -2.76
N SER B 90 35.62 20.33 -1.58
CA SER B 90 35.25 21.65 -1.09
C SER B 90 36.38 22.20 -0.23
N LEU B 91 36.60 23.50 -0.34
CA LEU B 91 37.64 24.20 0.41
C LEU B 91 37.01 25.27 1.30
N THR B 92 37.64 25.51 2.45
CA THR B 92 37.18 26.55 3.36
C THR B 92 38.37 27.13 4.11
N HIS B 93 38.19 28.34 4.62
CA HIS B 93 39.24 29.02 5.37
C HIS B 93 38.60 30.09 6.24
N CYS B 94 39.27 30.44 7.32
CA CYS B 94 38.89 31.57 8.16
C CYS B 94 40.06 31.82 9.11
N ALA B 95 39.88 32.79 10.00
CA ALA B 95 40.95 33.16 10.91
C ALA B 95 41.27 31.98 11.81
N GLY B 96 42.43 31.37 11.59
CA GLY B 96 42.86 30.25 12.40
C GLY B 96 42.43 28.88 11.90
N TYR B 97 42.05 28.77 10.62
CA TYR B 97 41.58 27.50 10.10
C TYR B 97 41.75 27.47 8.58
N ARG B 98 42.22 26.34 8.08
CA ARG B 98 42.20 26.00 6.67
C ARG B 98 41.85 24.52 6.57
N GLY B 99 40.95 24.17 5.65
CA GLY B 99 40.46 22.81 5.59
C GLY B 99 40.01 22.43 4.20
N ALA B 100 40.08 21.14 3.90
CA ALA B 100 39.60 20.59 2.64
C ALA B 100 39.01 19.21 2.87
N VAL B 101 37.98 18.91 2.09
CA VAL B 101 37.33 17.59 2.09
C VAL B 101 37.15 17.21 0.63
N VAL B 102 37.54 15.98 0.29
CA VAL B 102 37.52 15.52 -1.09
C VAL B 102 36.90 14.13 -1.16
N GLY B 103 36.37 13.80 -2.33
CA GLY B 103 35.77 12.50 -2.52
C GLY B 103 35.67 12.11 -3.97
N ARG B 104 35.55 10.80 -4.20
CA ARG B 104 35.34 10.29 -5.54
C ARG B 104 33.89 10.47 -5.95
N ARG B 105 33.68 10.84 -7.22
CA ARG B 105 32.33 11.15 -7.68
C ARG B 105 31.43 9.93 -7.72
N ASP B 106 31.99 8.73 -7.83
CA ASP B 106 31.16 7.53 -7.82
C ASP B 106 30.43 7.35 -6.50
N ALA B 107 31.08 7.70 -5.39
CA ALA B 107 30.45 7.57 -4.08
C ALA B 107 30.02 8.90 -3.45
N VAL B 108 30.67 10.01 -3.82
CA VAL B 108 30.32 11.32 -3.30
C VAL B 108 29.90 12.21 -4.47
N ARG B 109 28.61 12.52 -4.55
CA ARG B 109 28.12 13.37 -5.63
C ARG B 109 28.64 14.79 -5.51
N SER B 110 28.69 15.33 -4.29
CA SER B 110 29.11 16.70 -4.06
C SER B 110 29.51 16.86 -2.61
N VAL B 111 30.36 17.87 -2.36
CA VAL B 111 30.81 18.22 -1.02
C VAL B 111 30.68 19.73 -0.84
N GLY B 112 30.22 20.14 0.34
CA GLY B 112 30.22 21.54 0.70
C GLY B 112 30.56 21.74 2.16
N ILE B 113 31.56 22.58 2.47
CA ILE B 113 32.00 22.81 3.83
C ILE B 113 32.21 24.30 4.03
N ASP B 114 32.18 24.72 5.29
CA ASP B 114 32.53 26.09 5.61
C ASP B 114 33.02 26.17 7.04
N ALA B 115 33.92 27.12 7.28
CA ALA B 115 34.41 27.43 8.61
C ALA B 115 34.34 28.93 8.82
N GLU B 116 33.89 29.33 10.00
CA GLU B 116 33.75 30.72 10.41
C GLU B 116 34.17 30.82 11.86
N PRO B 117 34.66 31.99 12.29
CA PRO B 117 34.87 32.19 13.73
C PRO B 117 33.54 32.29 14.45
N HIS B 118 33.49 31.73 15.67
CA HIS B 118 32.27 31.72 16.46
C HIS B 118 32.08 33.08 17.12
N ASP B 119 31.77 34.07 16.28
CA ASP B 119 31.50 35.42 16.71
C ASP B 119 30.19 35.87 16.09
N VAL B 120 29.59 36.90 16.70
CA VAL B 120 28.40 37.51 16.11
C VAL B 120 28.73 38.00 14.71
N LEU B 121 27.76 37.91 13.81
CA LEU B 121 27.97 38.42 12.47
C LEU B 121 28.15 39.93 12.52
N PRO B 122 28.91 40.50 11.59
CA PRO B 122 29.00 41.96 11.51
C PRO B 122 27.64 42.56 11.18
N ASN B 123 27.52 43.85 11.44
CA ASN B 123 26.25 44.55 11.22
C ASN B 123 25.79 44.48 9.77
N GLY B 124 24.57 43.97 9.59
CA GLY B 124 23.92 43.86 8.30
C GLY B 124 24.07 42.55 7.58
N VAL B 125 24.97 41.68 8.04
CA VAL B 125 25.18 40.41 7.33
C VAL B 125 24.02 39.46 7.54
N LEU B 126 23.37 39.53 8.69
CA LEU B 126 22.29 38.61 8.96
C LEU B 126 21.08 38.88 8.19
N ASP B 127 20.74 40.12 8.06
CA ASP B 127 19.60 40.43 7.21
C ASP B 127 19.75 40.04 5.74
N ALA B 128 20.95 40.02 5.22
CA ALA B 128 21.14 39.59 3.83
C ALA B 128 20.99 38.09 3.65
N ILE B 129 21.54 37.31 4.58
CA ILE B 129 21.56 35.86 4.45
C ILE B 129 20.31 35.17 4.96
N SER B 130 19.45 35.87 5.68
CA SER B 130 18.35 35.23 6.37
C SER B 130 17.01 35.57 5.74
N LEU B 131 16.10 34.68 5.91
CA LEU B 131 14.68 34.68 5.61
C LEU B 131 13.92 35.04 6.88
N PRO B 132 12.72 35.60 6.77
CA PRO B 132 11.96 35.91 7.99
C PRO B 132 11.65 34.69 8.84
N ALA B 133 11.63 33.49 8.24
CA ALA B 133 11.30 32.28 8.97
C ALA B 133 12.49 31.76 9.78
N GLU B 134 13.62 31.51 9.10
CA GLU B 134 14.85 31.10 9.77
C GLU B 134 15.21 32.01 10.94
N ARG B 135 14.82 33.27 10.87
CA ARG B 135 15.16 34.26 11.89
C ARG B 135 14.26 34.23 13.08
N ALA B 136 13.06 33.79 12.89
CA ALA B 136 12.15 33.60 14.00
C ALA B 136 12.29 32.23 14.65
N ASP B 137 12.69 31.21 13.88
CA ASP B 137 12.76 29.84 14.36
C ASP B 137 14.08 29.50 15.03
N MET B 138 15.20 29.79 14.36
CA MET B 138 16.51 29.34 14.84
C MET B 138 16.83 29.71 16.28
N PRO B 139 16.70 30.97 16.72
CA PRO B 139 17.10 31.28 18.10
C PRO B 139 16.27 30.56 19.14
N ARG B 140 15.13 30.01 18.76
CA ARG B 140 14.21 29.33 19.67
C ARG B 140 14.59 27.88 19.92
N THR B 141 15.44 27.28 19.10
CA THR B 141 15.78 25.88 19.27
C THR B 141 17.22 25.67 19.70
N MET B 142 18.05 26.72 19.67
CA MET B 142 19.47 26.56 19.91
C MET B 142 19.93 27.30 21.17
N PRO B 143 20.88 26.73 21.91
CA PRO B 143 21.24 27.28 23.22
C PRO B 143 21.74 28.72 23.16
N ALA B 144 21.67 29.39 24.32
CA ALA B 144 22.09 30.78 24.43
C ALA B 144 23.56 30.96 24.10
N ALA B 145 24.40 29.98 24.43
CA ALA B 145 25.83 30.09 24.25
C ALA B 145 26.26 30.17 22.79
N LEU B 146 25.36 29.90 21.84
CA LEU B 146 25.71 29.85 20.43
C LEU B 146 25.35 31.16 19.72
N HIS B 147 26.28 31.63 18.87
CA HIS B 147 25.97 32.71 17.94
C HIS B 147 25.17 32.11 16.78
N TRP B 148 23.86 32.01 16.99
CA TRP B 148 23.00 31.36 16.01
C TRP B 148 23.08 32.05 14.65
N ASP B 149 23.33 33.36 14.64
CA ASP B 149 23.46 34.07 13.36
C ASP B 149 24.66 33.54 12.57
N ARG B 150 25.79 33.35 13.24
CA ARG B 150 26.98 32.87 12.54
C ARG B 150 26.79 31.45 12.02
N ILE B 151 26.16 30.59 12.82
CA ILE B 151 25.98 29.20 12.42
C ILE B 151 25.10 29.11 11.18
N LEU B 152 24.04 29.92 11.12
CA LEU B 152 23.19 29.95 9.95
C LEU B 152 23.97 30.40 8.72
N PHE B 153 24.82 31.42 8.88
CA PHE B 153 25.65 31.87 7.75
C PHE B 153 26.57 30.75 7.27
N CYS B 154 27.19 30.04 8.22
CA CYS B 154 28.06 28.92 7.87
C CYS B 154 27.28 27.82 7.14
N ALA B 155 26.08 27.50 7.63
CA ALA B 155 25.27 26.51 6.94
C ALA B 155 24.77 27.02 5.59
N LYS B 156 24.52 28.33 5.49
CA LYS B 156 24.09 28.88 4.21
C LYS B 156 25.11 28.60 3.13
N GLU B 157 26.39 28.75 3.42
CA GLU B 157 27.36 28.69 2.33
C GLU B 157 27.99 27.31 2.19
N ALA B 158 27.87 26.45 3.19
CA ALA B 158 28.11 25.04 2.95
C ALA B 158 27.08 24.45 2.00
N THR B 159 25.93 25.11 1.85
CA THR B 159 24.83 24.60 1.04
C THR B 159 25.00 25.01 -0.42
N TYR B 160 25.38 26.26 -0.64
CA TYR B 160 25.66 26.73 -2.01
C TYR B 160 26.88 26.10 -2.63
N LYS B 161 27.87 25.76 -1.79
CA LYS B 161 29.08 25.07 -2.24
C LYS B 161 28.80 23.62 -2.62
N ALA B 162 27.79 23.01 -2.01
CA ALA B 162 27.38 21.68 -2.44
C ALA B 162 26.40 21.73 -3.59
N TRP B 163 25.59 22.79 -3.67
CA TRP B 163 24.54 22.89 -4.68
C TRP B 163 25.09 23.38 -6.01
N PHE B 164 25.97 24.38 -5.99
CA PHE B 164 26.46 24.97 -7.24
C PHE B 164 27.16 23.97 -8.16
N PRO B 165 28.04 23.09 -7.70
CA PRO B 165 28.70 22.17 -8.63
C PRO B 165 27.76 21.28 -9.41
N LEU B 166 26.59 20.97 -8.85
CA LEU B 166 25.66 20.07 -9.52
C LEU B 166 24.70 20.79 -10.46
N THR B 167 24.34 22.04 -10.17
CA THR B 167 23.40 22.78 -11.00
C THR B 167 24.05 23.88 -11.82
N LYS B 168 25.20 24.41 -11.39
CA LYS B 168 25.84 25.55 -12.03
C LYS B 168 24.91 26.76 -12.11
N ARG B 169 23.97 26.84 -11.17
CA ARG B 169 23.07 27.97 -11.04
C ARG B 169 23.35 28.69 -9.72
N TRP B 170 23.13 29.99 -9.71
CA TRP B 170 23.48 30.78 -8.55
C TRP B 170 22.40 30.62 -7.48
N LEU B 171 22.82 30.30 -6.27
CA LEU B 171 21.91 30.04 -5.16
C LEU B 171 22.02 31.21 -4.19
N GLY B 172 21.11 32.17 -4.31
CA GLY B 172 21.06 33.25 -3.35
C GLY B 172 20.75 32.75 -1.95
N PHE B 173 21.09 33.60 -0.97
CA PHE B 173 20.88 33.22 0.42
C PHE B 173 19.42 32.97 0.72
N GLU B 174 18.52 33.75 0.12
CA GLU B 174 17.10 33.60 0.36
C GLU B 174 16.45 32.54 -0.52
N ASP B 175 17.22 31.82 -1.32
CA ASP B 175 16.71 30.72 -2.13
C ASP B 175 16.82 29.39 -1.43
N ALA B 176 17.29 29.36 -0.19
CA ALA B 176 17.39 28.13 0.60
C ALA B 176 16.89 28.41 2.02
N HIS B 177 16.15 27.45 2.56
CA HIS B 177 15.55 27.55 3.88
C HIS B 177 16.12 26.45 4.76
N ILE B 178 16.73 26.82 5.87
CA ILE B 178 17.52 25.91 6.68
C ILE B 178 16.86 25.74 8.04
N THR B 179 16.58 24.49 8.41
CA THR B 179 16.07 24.13 9.71
C THR B 179 17.18 23.43 10.49
N PHE B 180 17.31 23.77 11.78
CA PHE B 180 18.40 23.27 12.61
C PHE B 180 17.87 22.40 13.74
N GLU B 181 18.67 21.41 14.11
CA GLU B 181 18.43 20.61 15.29
C GLU B 181 19.74 20.53 16.08
N THR B 182 19.62 20.50 17.40
CA THR B 182 20.77 20.52 18.28
C THR B 182 20.87 19.20 19.02
N ASP B 183 22.08 18.64 19.07
CA ASP B 183 22.28 17.44 19.86
C ASP B 183 22.30 17.79 21.35
N SER B 184 22.10 16.78 22.18
CA SER B 184 22.01 17.01 23.62
C SER B 184 23.33 17.49 24.21
N THR B 185 24.44 17.35 23.48
CA THR B 185 25.68 17.99 23.89
C THR B 185 25.60 19.51 23.77
N GLY B 186 24.69 20.01 22.93
CA GLY B 186 24.47 21.43 22.79
C GLY B 186 25.44 22.18 21.89
N TRP B 187 26.55 21.58 21.50
CA TRP B 187 27.55 22.26 20.69
C TRP B 187 27.65 21.63 19.30
N THR B 188 26.76 20.69 18.99
CA THR B 188 26.71 20.09 17.67
C THR B 188 25.26 19.73 17.35
N GLY B 189 25.01 19.38 16.09
CA GLY B 189 23.68 19.01 15.66
C GLY B 189 23.64 18.79 14.15
N ARG B 190 22.43 18.83 13.61
CA ARG B 190 22.17 18.66 12.18
C ARG B 190 21.45 19.89 11.64
N PHE B 191 21.39 19.97 10.31
CA PHE B 191 20.54 20.95 9.65
C PHE B 191 20.07 20.37 8.32
N VAL B 192 18.96 20.92 7.82
CA VAL B 192 18.38 20.52 6.54
C VAL B 192 18.14 21.78 5.71
N SER B 193 18.76 21.85 4.54
CA SER B 193 18.58 22.97 3.61
C SER B 193 17.49 22.62 2.60
N ARG B 194 16.52 23.51 2.45
CA ARG B 194 15.40 23.32 1.53
C ARG B 194 15.48 24.38 0.44
N ILE B 195 15.57 23.95 -0.80
CA ILE B 195 15.82 24.85 -1.92
C ILE B 195 14.49 25.41 -2.42
N LEU B 196 14.37 26.73 -2.46
CA LEU B 196 13.14 27.38 -2.87
C LEU B 196 13.08 27.67 -4.36
N ILE B 197 14.17 27.48 -5.09
CA ILE B 197 14.19 27.66 -6.53
C ILE B 197 14.22 26.29 -7.19
N ASP B 198 14.11 26.27 -8.52
CA ASP B 198 14.12 25.01 -9.24
C ASP B 198 15.40 24.24 -8.95
N GLY B 199 15.25 22.94 -8.75
CA GLY B 199 16.38 22.12 -8.36
C GLY B 199 16.89 21.18 -9.43
N SER B 200 16.62 21.49 -10.69
CA SER B 200 17.09 20.67 -11.79
C SER B 200 18.61 20.58 -11.76
N THR B 201 19.13 19.36 -11.87
CA THR B 201 20.56 19.11 -11.85
C THR B 201 21.04 18.65 -13.21
N LEU B 202 22.23 19.09 -13.60
CA LEU B 202 22.79 18.71 -14.89
C LEU B 202 22.97 17.21 -15.03
N SER B 203 23.04 16.48 -13.92
CA SER B 203 23.18 15.04 -13.94
C SER B 203 22.47 14.45 -12.74
N GLY B 204 21.49 13.59 -12.99
CA GLY B 204 20.83 12.83 -11.95
C GLY B 204 19.51 13.43 -11.50
N PRO B 205 18.97 12.90 -10.40
CA PRO B 205 17.69 13.45 -9.91
C PRO B 205 17.86 14.85 -9.41
N PRO B 206 16.80 15.67 -9.48
CA PRO B 206 16.90 17.07 -9.04
C PRO B 206 17.27 17.16 -7.56
N LEU B 207 17.67 18.37 -7.17
CA LEU B 207 18.15 18.64 -5.82
C LEU B 207 17.29 19.71 -5.19
N THR B 208 16.58 19.35 -4.12
CA THR B 208 15.75 20.29 -3.38
C THR B 208 15.94 20.22 -1.87
N THR B 209 16.48 19.11 -1.34
CA THR B 209 16.78 18.96 0.07
C THR B 209 18.22 18.50 0.23
N LEU B 210 19.00 19.24 1.02
CA LEU B 210 20.37 18.86 1.35
C LEU B 210 20.50 18.72 2.85
N ARG B 211 21.17 17.65 3.29
CA ARG B 211 21.39 17.39 4.71
C ARG B 211 22.87 17.57 5.02
N GLY B 212 23.15 18.13 6.20
CA GLY B 212 24.51 18.39 6.63
C GLY B 212 24.55 18.51 8.14
N ARG B 213 25.77 18.65 8.66
CA ARG B 213 25.95 18.68 10.11
C ARG B 213 26.69 19.96 10.46
N TRP B 214 26.48 20.43 11.70
CA TRP B 214 27.10 21.66 12.19
C TRP B 214 27.76 21.41 13.52
N SER B 215 28.84 22.15 13.79
CA SER B 215 29.59 22.00 15.03
C SER B 215 30.29 23.29 15.40
N VAL B 216 30.28 23.61 16.69
CA VAL B 216 30.99 24.75 17.23
C VAL B 216 32.05 24.21 18.19
N GLU B 217 33.31 24.55 17.93
CA GLU B 217 34.42 23.94 18.64
C GLU B 217 35.67 24.78 18.47
N ARG B 218 36.43 24.93 19.55
CA ARG B 218 37.65 25.75 19.59
C ARG B 218 37.39 27.16 19.02
N GLY B 219 36.28 27.77 19.41
CA GLY B 219 36.02 29.11 18.94
C GLY B 219 35.77 29.19 17.45
N LEU B 220 35.41 28.08 16.81
CA LEU B 220 35.17 28.01 15.38
C LEU B 220 33.84 27.32 15.11
N VAL B 221 33.21 27.69 14.00
CA VAL B 221 32.00 27.04 13.53
C VAL B 221 32.34 26.26 12.28
N LEU B 222 32.00 24.97 12.27
CA LEU B 222 32.21 24.11 11.12
C LEU B 222 30.88 23.56 10.65
N THR B 223 30.70 23.54 9.33
CA THR B 223 29.53 22.90 8.72
C THR B 223 30.01 22.10 7.53
N ALA B 224 29.27 21.04 7.20
CA ALA B 224 29.62 20.20 6.06
C ALA B 224 28.36 19.53 5.53
N ILE B 225 28.31 19.37 4.21
CA ILE B 225 27.27 18.60 3.54
C ILE B 225 27.95 17.62 2.61
N VAL B 226 27.60 16.34 2.74
CA VAL B 226 28.14 15.28 1.89
C VAL B 226 26.97 14.61 1.19
N LEU B 227 26.89 14.78 -0.12
CA LEU B 227 25.81 14.24 -0.95
C LEU B 227 26.29 12.92 -1.54
N ALA B 228 26.08 11.83 -0.80
CA ALA B 228 26.38 10.48 -1.29
C ALA B 228 25.92 10.26 -2.72
N GLY B 229 26.64 9.42 -3.46
CA GLY B 229 26.31 8.98 -4.82
C GLY B 229 24.91 9.22 -5.36
N THR C 5 17.53 39.11 28.19
CA THR C 5 17.43 37.89 28.99
C THR C 5 16.19 37.08 28.63
N LEU C 6 16.19 35.81 29.01
CA LEU C 6 15.10 34.91 28.65
C LEU C 6 13.90 35.08 29.57
N VAL C 7 14.16 35.20 30.87
CA VAL C 7 13.07 35.26 31.85
C VAL C 7 12.27 36.55 31.74
N ALA C 8 12.81 37.58 31.08
CA ALA C 8 12.05 38.80 30.86
C ALA C 8 10.80 38.53 30.02
N SER C 9 10.84 37.51 29.17
CA SER C 9 9.70 37.17 28.31
C SER C 9 8.50 36.69 29.10
N VAL C 10 8.67 36.26 30.35
CA VAL C 10 7.59 35.68 31.12
C VAL C 10 7.26 36.50 32.36
N LEU C 11 7.75 37.75 32.44
CA LEU C 11 7.55 38.59 33.60
C LEU C 11 6.78 39.84 33.23
N PRO C 12 6.07 40.46 34.19
CA PRO C 12 5.35 41.70 33.91
C PRO C 12 6.32 42.88 33.82
N ALA C 13 6.28 43.60 32.70
CA ALA C 13 7.15 44.76 32.51
C ALA C 13 6.71 45.94 33.36
N THR C 14 5.41 46.05 33.64
CA THR C 14 4.87 47.13 34.45
C THR C 14 5.11 46.93 35.94
N VAL C 15 5.97 45.98 36.32
CA VAL C 15 6.32 45.69 37.70
C VAL C 15 7.84 45.63 37.78
N PHE C 16 8.51 46.20 36.78
CA PHE C 16 9.97 46.11 36.82
C PHE C 16 10.59 47.07 37.84
N GLU C 17 9.79 47.95 38.45
CA GLU C 17 10.10 48.49 39.75
C GLU C 17 9.64 47.53 40.84
N ASP C 18 10.46 47.39 41.89
CA ASP C 18 10.23 46.41 42.96
C ASP C 18 10.32 44.97 42.46
N LEU C 19 10.89 44.74 41.28
CA LEU C 19 11.16 43.40 40.77
C LEU C 19 12.49 43.41 40.04
N ALA C 20 13.34 42.44 40.33
CA ALA C 20 14.62 42.30 39.66
C ALA C 20 14.84 40.85 39.26
N TYR C 21 15.67 40.67 38.23
CA TYR C 21 15.96 39.34 37.72
C TYR C 21 17.37 39.32 37.17
N ALA C 22 17.94 38.11 37.13
CA ALA C 22 19.30 37.91 36.63
C ALA C 22 19.49 36.44 36.31
N GLU C 23 19.97 36.15 35.10
CA GLU C 23 20.16 34.79 34.65
C GLU C 23 21.55 34.61 34.08
N LEU C 24 21.99 33.35 34.03
CA LEU C 24 23.23 32.93 33.39
C LEU C 24 22.97 31.60 32.69
N TYR C 25 23.88 31.23 31.79
CA TYR C 25 23.71 30.01 31.01
C TYR C 25 24.84 29.02 31.23
N SER C 26 25.67 29.25 32.24
CA SER C 26 26.83 28.43 32.53
C SER C 26 27.19 28.65 33.98
N ASP C 27 28.07 27.81 34.50
CA ASP C 27 28.59 28.07 35.83
C ASP C 27 29.90 28.80 35.64
N PRO C 28 29.98 30.09 35.95
CA PRO C 28 31.23 30.81 35.79
C PRO C 28 32.28 30.31 36.75
N PRO C 29 33.53 30.24 36.31
CA PRO C 29 34.60 29.70 37.15
C PRO C 29 35.01 30.66 38.25
N GLY C 30 35.39 30.09 39.39
CA GLY C 30 35.87 30.85 40.52
C GLY C 30 34.80 31.25 41.51
N LEU C 31 33.55 30.90 41.23
CA LEU C 31 32.44 31.34 42.06
C LEU C 31 32.45 30.56 43.37
N THR C 32 32.11 31.23 44.46
CA THR C 32 32.14 30.61 45.77
C THR C 32 30.85 30.89 46.51
N PRO C 33 30.51 30.06 47.48
CA PRO C 33 29.34 30.30 48.34
C PRO C 33 29.64 31.39 49.35
N LEU C 34 28.63 31.72 50.14
CA LEU C 34 28.93 32.59 51.25
C LEU C 34 29.25 31.74 52.48
N PRO C 35 30.18 32.18 53.33
CA PRO C 35 30.62 31.31 54.44
C PRO C 35 29.48 30.76 55.29
N GLU C 36 28.34 31.44 55.35
CA GLU C 36 27.17 30.91 56.03
C GLU C 36 26.41 29.89 55.20
N GLU C 37 26.59 29.89 53.88
CA GLU C 37 25.93 28.93 53.01
C GLU C 37 26.75 27.67 52.76
N ALA C 38 28.05 27.71 53.06
CA ALA C 38 28.93 26.59 52.75
C ALA C 38 28.48 25.25 53.33
N PRO C 39 27.96 25.16 54.57
CA PRO C 39 27.48 23.84 55.05
C PRO C 39 26.44 23.19 54.16
N LEU C 40 25.61 23.97 53.47
CA LEU C 40 24.47 23.39 52.73
C LEU C 40 24.90 22.55 51.54
N ILE C 41 26.12 22.75 51.01
CA ILE C 41 26.56 21.95 49.88
C ILE C 41 27.92 21.35 50.21
N ALA C 42 28.25 21.30 51.50
CA ALA C 42 29.53 20.75 51.91
C ALA C 42 29.65 19.28 51.51
N ARG C 43 28.53 18.55 51.56
CA ARG C 43 28.55 17.14 51.21
C ARG C 43 27.74 16.85 49.95
N SER C 44 27.58 17.84 49.08
CA SER C 44 26.81 17.70 47.85
C SER C 44 27.69 17.40 46.64
N VAL C 45 27.08 16.78 45.63
CA VAL C 45 27.78 16.35 44.42
C VAL C 45 28.20 17.57 43.61
N ALA C 46 29.03 17.35 42.59
CA ALA C 46 29.59 18.44 41.79
C ALA C 46 28.51 19.28 41.12
N LYS C 47 27.68 18.61 40.31
CA LYS C 47 26.58 19.30 39.60
C LYS C 47 25.73 20.11 40.57
N ARG C 48 25.37 19.52 41.70
CA ARG C 48 24.54 20.21 42.69
C ARG C 48 25.28 21.39 43.31
N ARG C 49 26.60 21.24 43.53
CA ARG C 49 27.38 22.34 44.09
C ARG C 49 27.35 23.56 43.18
N ASN C 50 27.48 23.35 41.87
CA ASN C 50 27.56 24.47 40.94
C ASN C 50 26.22 25.20 40.83
N GLU C 51 25.12 24.45 40.65
CA GLU C 51 23.81 25.06 40.51
C GLU C 51 23.45 25.85 41.75
N PHE C 52 23.73 25.28 42.93
CA PHE C 52 23.48 25.98 44.17
C PHE C 52 24.23 27.32 44.21
N ILE C 53 25.45 27.34 43.67
CA ILE C 53 26.28 28.54 43.77
C ILE C 53 25.89 29.57 42.71
N THR C 54 25.63 29.12 41.47
CA THR C 54 25.33 30.06 40.40
C THR C 54 23.99 30.78 40.63
N VAL C 55 22.96 30.05 41.05
CA VAL C 55 21.64 30.68 41.17
C VAL C 55 21.65 31.72 42.29
N ARG C 56 22.47 31.50 43.28
CA ARG C 56 22.56 32.42 44.40
C ARG C 56 23.40 33.60 44.00
N HIS C 57 24.29 33.40 43.08
CA HIS C 57 25.01 34.52 42.50
C HIS C 57 24.09 35.36 41.63
N CYS C 58 23.18 34.70 40.89
CA CYS C 58 22.14 35.43 40.18
C CYS C 58 21.15 36.08 41.14
N ALA C 59 20.83 35.39 42.24
CA ALA C 59 19.85 35.93 43.18
C ALA C 59 20.35 37.21 43.82
N ARG C 60 21.64 37.28 44.10
CA ARG C 60 22.19 38.43 44.79
C ARG C 60 22.51 39.58 43.84
N ILE C 61 22.74 39.27 42.56
CA ILE C 61 22.83 40.32 41.55
C ILE C 61 21.49 41.05 41.46
N ALA C 62 20.40 40.28 41.40
CA ALA C 62 19.07 40.88 41.36
C ALA C 62 18.75 41.60 42.66
N LEU C 63 19.11 41.00 43.79
CA LEU C 63 18.90 41.69 45.06
C LEU C 63 19.75 42.94 45.18
N ASP C 64 20.92 42.95 44.55
CA ASP C 64 21.74 44.16 44.56
C ASP C 64 21.13 45.26 43.72
N GLN C 65 20.41 44.91 42.64
CA GLN C 65 19.80 45.95 41.82
C GLN C 65 18.66 46.62 42.56
N LEU C 66 18.29 46.08 43.72
CA LEU C 66 17.42 46.72 44.66
C LEU C 66 18.28 47.30 45.78
N GLY C 67 17.65 47.77 46.83
CA GLY C 67 18.36 48.31 47.98
C GLY C 67 18.75 47.25 48.98
N VAL C 68 18.78 45.99 48.54
CA VAL C 68 18.96 44.85 49.42
C VAL C 68 20.44 44.42 49.36
N PRO C 69 21.17 44.50 50.46
CA PRO C 69 22.59 44.10 50.44
C PRO C 69 22.76 42.59 50.45
N PRO C 70 23.92 42.09 49.99
CA PRO C 70 24.14 40.64 49.94
C PRO C 70 23.96 39.97 51.30
N ALA C 71 23.12 38.95 51.34
CA ALA C 71 22.83 38.20 52.55
C ALA C 71 22.79 36.72 52.21
N PRO C 72 23.02 35.85 53.18
CA PRO C 72 22.99 34.42 52.91
C PRO C 72 21.58 33.98 52.51
N ILE C 73 21.52 33.08 51.54
CA ILE C 73 20.24 32.50 51.14
C ILE C 73 20.22 31.03 51.56
N LEU C 74 19.68 30.76 52.74
CA LEU C 74 19.64 29.40 53.26
C LEU C 74 18.38 28.70 52.74
N LYS C 75 18.09 27.51 53.26
CA LYS C 75 16.96 26.71 52.80
C LYS C 75 16.13 26.26 53.99
N GLY C 76 14.83 26.47 53.90
CA GLY C 76 13.92 26.15 54.98
C GLY C 76 12.93 25.04 54.64
N ASP C 77 11.65 25.29 54.91
CA ASP C 77 10.57 24.33 54.74
C ASP C 77 10.67 23.60 53.41
N LYS C 78 10.82 22.27 53.48
CA LYS C 78 10.94 21.41 52.30
C LYS C 78 12.02 21.91 51.34
N GLY C 79 13.01 22.62 51.88
CA GLY C 79 14.08 23.16 51.07
C GLY C 79 13.80 24.52 50.47
N GLU C 80 12.73 25.18 50.87
CA GLU C 80 12.37 26.45 50.26
C GLU C 80 13.43 27.50 50.57
N PRO C 81 13.83 28.29 49.58
CA PRO C 81 14.82 29.35 49.84
C PRO C 81 14.29 30.38 50.83
N CYS C 82 15.20 30.89 51.66
CA CYS C 82 14.90 31.97 52.60
C CYS C 82 15.48 33.27 52.06
N TRP C 83 14.63 34.26 51.94
CA TRP C 83 15.01 35.51 51.29
C TRP C 83 15.25 36.60 52.34
N PRO C 84 15.99 37.66 51.98
CA PRO C 84 16.18 38.77 52.92
C PRO C 84 14.85 39.30 53.42
N ASP C 85 14.90 40.07 54.50
CA ASP C 85 13.67 40.56 55.11
C ASP C 85 12.87 41.40 54.13
N GLY C 86 11.55 41.40 54.33
CA GLY C 86 10.60 41.99 53.41
C GLY C 86 10.63 41.56 51.95
N MET C 87 11.47 40.58 51.62
CA MET C 87 11.71 40.17 50.23
C MET C 87 11.12 38.79 49.96
N VAL C 88 10.73 38.59 48.70
CA VAL C 88 10.34 37.29 48.18
C VAL C 88 11.09 37.06 46.87
N GLY C 89 11.18 35.80 46.47
CA GLY C 89 11.89 35.47 45.24
C GLY C 89 11.73 34.01 44.90
N SER C 90 12.34 33.65 43.76
CA SER C 90 12.28 32.27 43.28
C SER C 90 13.56 31.94 42.52
N LEU C 91 14.04 30.71 42.68
CA LEU C 91 15.25 30.24 42.02
C LEU C 91 14.92 29.06 41.11
N THR C 92 15.65 28.95 40.01
CA THR C 92 15.45 27.84 39.08
C THR C 92 16.78 27.49 38.42
N HIS C 93 16.85 26.28 37.90
CA HIS C 93 18.05 25.78 37.23
C HIS C 93 17.66 24.64 36.30
N CYS C 94 18.50 24.42 35.29
CA CYS C 94 18.38 23.27 34.39
C CYS C 94 19.66 23.19 33.57
N ALA C 95 19.68 22.24 32.63
CA ALA C 95 20.86 21.94 31.82
C ALA C 95 21.15 23.08 30.86
N GLY C 96 21.75 24.15 31.39
CA GLY C 96 22.15 25.26 30.56
C GLY C 96 21.54 26.59 30.96
N TYR C 97 21.07 26.68 32.20
CA TYR C 97 20.39 27.87 32.67
C TYR C 97 20.45 27.95 34.18
N ARG C 98 20.67 29.16 34.69
CA ARG C 98 20.48 29.48 36.09
C ARG C 98 19.83 30.86 36.13
N GLY C 99 18.81 31.00 36.97
CA GLY C 99 18.04 32.23 36.98
C GLY C 99 17.41 32.47 38.33
N ALA C 100 17.18 33.75 38.63
CA ALA C 100 16.51 34.15 39.85
C ALA C 100 15.65 35.37 39.56
N VAL C 101 14.52 35.46 40.25
CA VAL C 101 13.61 36.61 40.18
C VAL C 101 13.22 36.97 41.60
N VAL C 102 13.31 38.25 41.93
CA VAL C 102 13.06 38.72 43.29
C VAL C 102 12.14 39.94 43.23
N GLY C 103 11.42 40.17 44.32
CA GLY C 103 10.52 41.31 44.40
C GLY C 103 10.20 41.67 45.83
N ARG C 104 9.76 42.92 46.02
CA ARG C 104 9.36 43.37 47.35
C ARG C 104 7.98 42.85 47.70
N ARG C 105 7.78 42.49 48.97
CA ARG C 105 6.52 41.86 49.37
C ARG C 105 5.34 42.82 49.29
N ASP C 106 5.56 44.10 49.62
CA ASP C 106 4.46 45.07 49.59
C ASP C 106 3.95 45.35 48.18
N ALA C 107 4.71 44.98 47.16
CA ALA C 107 4.29 45.15 45.78
C ALA C 107 4.18 43.84 45.03
N VAL C 108 4.98 42.85 45.38
CA VAL C 108 4.95 41.53 44.77
C VAL C 108 4.68 40.55 45.91
N ARG C 109 3.48 39.97 45.92
CA ARG C 109 3.12 39.05 46.99
C ARG C 109 3.96 37.78 46.95
N SER C 110 4.23 37.25 45.76
CA SER C 110 4.95 36.00 45.62
C SER C 110 5.51 35.90 44.20
N VAL C 111 6.57 35.10 44.07
CA VAL C 111 7.20 34.83 42.79
C VAL C 111 7.39 33.33 42.65
N GLY C 112 7.12 32.82 41.44
CA GLY C 112 7.42 31.43 41.13
C GLY C 112 7.94 31.30 39.72
N ILE C 113 9.11 30.66 39.55
CA ILE C 113 9.72 30.52 38.23
C ILE C 113 10.22 29.10 38.05
N ASP C 114 10.38 28.70 36.80
CA ASP C 114 11.01 27.43 36.50
C ASP C 114 11.62 27.48 35.11
N ALA C 115 12.72 26.76 34.94
CA ALA C 115 13.35 26.57 33.64
C ALA C 115 13.64 25.10 33.44
N GLU C 116 13.34 24.61 32.24
CA GLU C 116 13.56 23.21 31.86
C GLU C 116 14.04 23.20 30.42
N PRO C 117 14.82 22.19 30.03
CA PRO C 117 15.16 22.05 28.61
C PRO C 117 13.94 21.68 27.80
N HIS C 118 13.85 22.25 26.58
CA HIS C 118 12.71 22.01 25.72
C HIS C 118 12.85 20.67 25.00
N ASP C 119 12.72 19.60 25.80
CA ASP C 119 12.75 18.24 25.30
C ASP C 119 11.56 17.48 25.86
N VAL C 120 11.22 16.38 25.20
CA VAL C 120 10.14 15.53 25.71
C VAL C 120 10.49 15.06 27.12
N LEU C 121 9.48 14.97 27.96
CA LEU C 121 9.65 14.48 29.32
C LEU C 121 10.02 13.00 29.32
N PRO C 122 10.76 12.54 30.32
CA PRO C 122 10.97 11.09 30.46
C PRO C 122 9.64 10.40 30.74
N ASN C 123 9.61 9.10 30.49
CA ASN C 123 8.34 8.37 30.64
C ASN C 123 7.86 8.33 32.08
N GLY C 124 6.56 8.61 32.25
CA GLY C 124 5.88 8.56 33.53
C GLY C 124 5.77 9.86 34.30
N VAL C 125 6.47 10.92 33.90
CA VAL C 125 6.29 12.16 34.65
C VAL C 125 4.97 12.84 34.27
N LEU C 126 4.61 12.83 32.98
CA LEU C 126 3.37 13.47 32.55
C LEU C 126 2.19 12.79 33.23
N ASP C 127 2.31 11.48 33.37
CA ASP C 127 1.37 10.67 34.13
C ASP C 127 1.36 11.05 35.61
N ALA C 128 2.53 11.28 36.20
CA ALA C 128 2.58 11.65 37.61
C ALA C 128 2.08 13.07 37.85
N ILE C 129 2.35 14.00 36.92
CA ILE C 129 2.06 15.42 37.15
C ILE C 129 0.69 15.92 36.68
N SER C 130 -0.20 15.08 36.19
CA SER C 130 -1.28 15.66 35.41
C SER C 130 -2.54 14.83 35.49
N LEU C 131 -3.62 15.45 35.03
CA LEU C 131 -4.99 14.98 35.05
C LEU C 131 -5.42 14.61 33.63
N PRO C 132 -6.43 13.76 33.49
CA PRO C 132 -6.92 13.43 32.14
C PRO C 132 -7.41 14.65 31.37
N ALA C 133 -7.78 15.73 32.05
CA ALA C 133 -8.29 16.91 31.37
C ALA C 133 -7.15 17.75 30.78
N GLU C 134 -6.15 18.06 31.59
CA GLU C 134 -4.99 18.82 31.12
C GLU C 134 -4.39 18.26 29.83
N ARG C 135 -4.21 16.94 29.77
CA ARG C 135 -3.56 16.37 28.59
C ARG C 135 -4.52 16.17 27.42
N ALA C 136 -5.82 16.22 27.67
CA ALA C 136 -6.77 16.18 26.56
C ALA C 136 -7.05 17.57 26.01
N ASP C 137 -7.06 18.59 26.86
CA ASP C 137 -7.30 19.97 26.42
C ASP C 137 -6.06 20.72 25.94
N MET C 138 -4.86 20.43 26.48
CA MET C 138 -3.69 21.19 26.04
C MET C 138 -3.24 21.03 24.59
N PRO C 139 -3.23 19.83 23.99
CA PRO C 139 -2.64 19.73 22.65
C PRO C 139 -3.38 20.59 21.64
N ARG C 140 -4.59 21.00 21.98
CA ARG C 140 -5.36 21.96 21.20
C ARG C 140 -4.62 23.30 21.09
N THR C 141 -4.24 23.88 22.23
CA THR C 141 -3.60 25.20 22.22
C THR C 141 -2.14 25.15 21.76
N MET C 142 -1.41 24.10 22.12
CA MET C 142 0.02 24.04 21.81
C MET C 142 0.28 23.60 20.38
N PRO C 143 1.00 24.39 19.58
CA PRO C 143 1.43 23.92 18.26
C PRO C 143 2.25 22.64 18.38
N ALA C 144 2.12 21.79 17.35
CA ALA C 144 2.71 20.45 17.38
C ALA C 144 4.21 20.47 17.69
N ALA C 145 4.94 21.46 17.15
CA ALA C 145 6.40 21.47 17.30
C ALA C 145 6.85 21.59 18.75
N LEU C 146 5.98 22.04 19.65
CA LEU C 146 6.37 22.31 21.03
C LEU C 146 6.13 21.10 21.92
N HIS C 147 7.11 20.81 22.79
CA HIS C 147 6.98 19.73 23.77
C HIS C 147 6.01 20.21 24.84
N TRP C 148 4.71 20.03 24.56
CA TRP C 148 3.69 20.52 25.47
C TRP C 148 3.78 19.86 26.84
N ASP C 149 4.20 18.59 26.89
CA ASP C 149 4.28 17.90 28.17
C ASP C 149 5.28 18.56 29.10
N ARG C 150 6.42 19.02 28.56
CA ARG C 150 7.42 19.67 29.39
C ARG C 150 6.96 21.06 29.81
N ILE C 151 6.25 21.78 28.94
CA ILE C 151 5.74 23.09 29.29
C ILE C 151 4.73 22.97 30.42
N LEU C 152 3.90 21.93 30.40
CA LEU C 152 2.98 21.69 31.51
C LEU C 152 3.73 21.46 32.81
N PHE C 153 4.78 20.62 32.77
CA PHE C 153 5.57 20.39 33.97
C PHE C 153 6.24 21.67 34.45
N CYS C 154 6.73 22.49 33.52
CA CYS C 154 7.39 23.73 33.91
C CYS C 154 6.41 24.70 34.57
N ALA C 155 5.19 24.80 34.03
CA ALA C 155 4.19 25.66 34.66
C ALA C 155 3.74 25.10 36.01
N LYS C 156 3.79 23.78 36.19
CA LYS C 156 3.45 23.21 37.50
C LYS C 156 4.43 23.65 38.58
N GLU C 157 5.74 23.64 38.28
CA GLU C 157 6.71 24.02 39.32
C GLU C 157 6.56 25.48 39.68
N ALA C 158 6.30 26.34 38.70
CA ALA C 158 6.11 27.75 39.02
C ALA C 158 4.88 27.95 39.88
N THR C 159 3.85 27.12 39.70
CA THR C 159 2.66 27.23 40.51
C THR C 159 2.96 26.91 41.97
N TYR C 160 3.66 25.80 42.21
CA TYR C 160 4.00 25.45 43.57
C TYR C 160 4.98 26.39 44.24
N LYS C 161 5.93 26.93 43.46
CA LYS C 161 6.91 27.86 44.00
C LYS C 161 6.31 29.23 44.32
N ALA C 162 5.21 29.60 43.67
CA ALA C 162 4.52 30.83 44.01
C ALA C 162 3.47 30.64 45.09
N TRP C 163 2.95 29.42 45.24
CA TRP C 163 1.88 29.11 46.17
C TRP C 163 2.39 28.67 47.54
N PHE C 164 3.43 27.82 47.55
CA PHE C 164 3.95 27.31 48.82
C PHE C 164 4.42 28.41 49.78
N PRO C 165 5.16 29.44 49.35
CA PRO C 165 5.57 30.47 50.32
C PRO C 165 4.41 31.12 51.04
N LEU C 166 3.26 31.25 50.38
CA LEU C 166 2.12 31.92 50.98
C LEU C 166 1.26 31.00 51.84
N THR C 167 1.32 29.68 51.63
CA THR C 167 0.46 28.75 52.34
C THR C 167 1.22 27.77 53.24
N LYS C 168 2.52 27.60 53.03
CA LYS C 168 3.32 26.62 53.79
C LYS C 168 2.67 25.23 53.75
N ARG C 169 1.97 24.94 52.67
CA ARG C 169 1.25 23.69 52.50
C ARG C 169 1.66 23.06 51.18
N TRP C 170 1.62 21.73 51.14
CA TRP C 170 2.08 21.02 49.97
C TRP C 170 1.04 21.06 48.88
N LEU C 171 1.48 21.33 47.66
CA LEU C 171 0.60 21.48 46.51
C LEU C 171 1.01 20.41 45.51
N GLY C 172 0.43 19.23 45.64
CA GLY C 172 0.76 18.14 44.73
C GLY C 172 0.51 18.50 43.29
N PHE C 173 1.08 17.69 42.40
CA PHE C 173 0.99 17.97 40.97
C PHE C 173 -0.43 17.91 40.46
N GLU C 174 -1.28 17.09 41.06
CA GLU C 174 -2.67 17.01 40.65
C GLU C 174 -3.60 17.87 41.49
N ASP C 175 -3.04 18.66 42.42
CA ASP C 175 -3.81 19.64 43.16
C ASP C 175 -3.99 20.94 42.42
N ALA C 176 -3.58 20.99 41.15
CA ALA C 176 -3.69 22.21 40.36
C ALA C 176 -3.98 21.84 38.92
N HIS C 177 -5.03 22.44 38.37
CA HIS C 177 -5.36 22.29 36.96
C HIS C 177 -4.91 23.55 36.23
N ILE C 178 -4.19 23.37 35.12
CA ILE C 178 -3.59 24.47 34.39
C ILE C 178 -4.14 24.47 32.96
N THR C 179 -4.60 25.64 32.51
CA THR C 179 -5.10 25.83 31.17
C THR C 179 -4.21 26.84 30.46
N PHE C 180 -3.94 26.61 29.17
CA PHE C 180 -2.95 27.36 28.43
C PHE C 180 -3.58 28.12 27.27
N GLU C 181 -2.92 29.23 26.90
CA GLU C 181 -3.21 29.97 25.68
C GLU C 181 -1.90 30.28 24.98
N THR C 182 -1.95 30.39 23.65
CA THR C 182 -0.75 30.57 22.85
C THR C 182 -0.83 31.88 22.09
N ASP C 183 0.30 32.57 22.02
CA ASP C 183 0.44 33.80 21.24
C ASP C 183 0.56 33.48 19.76
N SER C 184 0.41 34.53 18.93
CA SER C 184 0.53 34.36 17.49
C SER C 184 1.96 34.01 17.08
N THR C 185 2.96 34.41 17.88
CA THR C 185 4.34 34.13 17.51
C THR C 185 4.61 32.63 17.48
N GLY C 186 3.92 31.87 18.34
CA GLY C 186 4.03 30.43 18.35
C GLY C 186 4.86 29.86 19.48
N TRP C 187 5.72 30.66 20.11
CA TRP C 187 6.64 30.14 21.13
C TRP C 187 6.36 30.71 22.52
N THR C 188 5.27 31.44 22.69
CA THR C 188 4.96 32.10 23.95
C THR C 188 3.45 32.06 24.16
N GLY C 189 3.02 32.45 25.34
CA GLY C 189 1.60 32.45 25.64
C GLY C 189 1.36 32.58 27.13
N ARG C 190 0.09 32.51 27.47
CA ARG C 190 -0.34 32.58 28.85
C ARG C 190 -0.68 31.19 29.36
N PHE C 191 -0.78 31.08 30.69
CA PHE C 191 -1.36 29.92 31.31
C PHE C 191 -2.03 30.37 32.60
N VAL C 192 -3.00 29.58 33.05
CA VAL C 192 -3.84 29.92 34.20
C VAL C 192 -3.88 28.70 35.10
N SER C 193 -3.63 28.88 36.40
CA SER C 193 -3.55 27.76 37.33
C SER C 193 -4.59 27.92 38.42
N ARG C 194 -5.51 26.95 38.51
CA ARG C 194 -6.54 26.94 39.53
C ARG C 194 -6.28 25.83 40.53
N ILE C 195 -6.37 26.16 41.81
CA ILE C 195 -6.01 25.27 42.90
C ILE C 195 -7.21 24.41 43.31
N LEU C 196 -7.06 23.09 43.18
CA LEU C 196 -8.15 22.15 43.45
C LEU C 196 -8.31 21.85 44.92
N ILE C 197 -7.39 22.29 45.77
CA ILE C 197 -7.50 22.04 47.21
C ILE C 197 -7.73 23.38 47.90
N ASP C 198 -7.83 23.34 49.22
CA ASP C 198 -8.05 24.54 50.00
C ASP C 198 -7.00 25.60 49.69
N GLY C 199 -7.48 26.82 49.49
CA GLY C 199 -6.63 27.94 49.09
C GLY C 199 -6.32 28.86 50.24
N SER C 200 -6.39 28.33 51.46
CA SER C 200 -6.11 29.15 52.64
C SER C 200 -4.69 29.71 52.61
N THR C 201 -4.55 30.95 53.08
CA THR C 201 -3.26 31.60 53.15
C THR C 201 -2.95 32.02 54.57
N LEU C 202 -1.66 32.13 54.87
CA LEU C 202 -1.21 32.55 56.20
C LEU C 202 -1.62 33.99 56.46
N SER C 203 -1.57 34.83 55.44
CA SER C 203 -2.03 36.22 55.51
C SER C 203 -2.71 36.57 54.20
N GLY C 204 -3.52 37.62 54.24
CA GLY C 204 -4.11 38.16 53.03
C GLY C 204 -5.26 37.33 52.53
N PRO C 205 -5.70 37.60 51.31
CA PRO C 205 -6.86 36.89 50.75
C PRO C 205 -6.52 35.46 50.39
N PRO C 206 -7.51 34.60 50.21
CA PRO C 206 -7.25 33.23 49.75
C PRO C 206 -6.61 33.22 48.37
N LEU C 207 -6.08 32.06 47.99
CA LEU C 207 -5.33 31.91 46.75
C LEU C 207 -5.74 30.60 46.08
N THR C 208 -6.49 30.71 44.98
CA THR C 208 -6.78 29.55 44.14
C THR C 208 -6.74 29.86 42.66
N THR C 209 -6.44 31.10 42.25
CA THR C 209 -6.21 31.42 40.84
C THR C 209 -4.89 32.14 40.71
N LEU C 210 -3.99 31.60 39.89
CA LEU C 210 -2.67 32.19 39.65
C LEU C 210 -2.43 32.27 38.16
N ARG C 211 -2.17 33.47 37.66
CA ARG C 211 -1.88 33.67 36.25
C ARG C 211 -0.37 33.71 36.02
N GLY C 212 0.08 33.01 34.98
CA GLY C 212 1.48 33.00 34.63
C GLY C 212 1.70 33.13 33.14
N ARG C 213 2.98 33.15 32.77
CA ARG C 213 3.44 33.33 31.40
C ARG C 213 4.45 32.24 31.08
N TRP C 214 4.46 31.78 29.84
CA TRP C 214 5.37 30.73 29.40
C TRP C 214 6.01 31.11 28.08
N SER C 215 7.21 30.58 27.86
CA SER C 215 7.95 30.88 26.63
C SER C 215 8.95 29.77 26.36
N VAL C 216 9.05 29.39 25.09
CA VAL C 216 10.10 28.50 24.61
C VAL C 216 11.12 29.36 23.88
N GLU C 217 12.37 29.34 24.35
CA GLU C 217 13.35 30.28 23.83
C GLU C 217 14.76 29.79 24.12
N ARG C 218 15.62 29.82 23.10
CA ARG C 218 16.99 29.30 23.16
C ARG C 218 17.01 27.84 23.62
N GLY C 219 16.01 27.07 23.18
CA GLY C 219 15.93 25.67 23.56
C GLY C 219 15.47 25.42 24.98
N LEU C 220 15.04 26.44 25.70
CA LEU C 220 14.63 26.33 27.09
C LEU C 220 13.17 26.71 27.23
N VAL C 221 12.48 26.02 28.13
CA VAL C 221 11.11 26.38 28.49
C VAL C 221 11.18 27.23 29.76
N LEU C 222 10.61 28.43 29.70
CA LEU C 222 10.59 29.34 30.84
C LEU C 222 9.14 29.60 31.23
N THR C 223 8.87 29.58 32.53
CA THR C 223 7.57 29.93 33.08
C THR C 223 7.76 30.80 34.31
N ALA C 224 6.79 31.66 34.57
CA ALA C 224 6.86 32.53 35.73
C ALA C 224 5.45 32.95 36.16
N ILE C 225 5.28 33.10 37.47
CA ILE C 225 4.08 33.67 38.06
C ILE C 225 4.50 34.76 39.01
N VAL C 226 3.90 35.94 38.85
CA VAL C 226 4.16 37.09 39.72
C VAL C 226 2.83 37.53 40.31
N LEU C 227 2.69 37.41 41.63
CA LEU C 227 1.46 37.72 42.35
C LEU C 227 1.53 39.16 42.86
N ALA C 228 1.03 40.09 42.04
CA ALA C 228 0.94 41.50 42.42
C ALA C 228 0.48 41.68 43.85
N GLY C 229 1.21 42.51 44.59
CA GLY C 229 0.87 42.95 45.95
C GLY C 229 -0.54 42.77 46.47
N THR D 5 16.11 -29.93 45.67
CA THR D 5 15.74 -29.23 44.45
C THR D 5 15.08 -30.17 43.43
N LEU D 6 14.21 -29.62 42.60
CA LEU D 6 13.47 -30.44 41.64
C LEU D 6 14.38 -30.89 40.50
N VAL D 7 15.22 -29.98 40.00
CA VAL D 7 16.06 -30.27 38.84
C VAL D 7 17.08 -31.35 39.12
N ALA D 8 17.40 -31.62 40.39
CA ALA D 8 18.33 -32.70 40.72
C ALA D 8 17.80 -34.07 40.30
N SER D 9 16.48 -34.21 40.17
CA SER D 9 15.91 -35.49 39.72
C SER D 9 16.35 -35.82 38.30
N VAL D 10 16.46 -34.81 37.44
CA VAL D 10 16.66 -35.03 36.01
C VAL D 10 18.12 -34.86 35.59
N LEU D 11 19.05 -34.81 36.54
CA LEU D 11 20.46 -34.57 36.23
C LEU D 11 21.32 -35.72 36.75
N PRO D 12 22.52 -35.88 36.19
CA PRO D 12 23.41 -36.95 36.66
C PRO D 12 24.12 -36.57 37.96
N ALA D 13 24.24 -37.56 38.84
CA ALA D 13 24.91 -37.36 40.13
C ALA D 13 26.42 -37.22 39.97
N THR D 14 27.02 -38.00 39.07
CA THR D 14 28.47 -38.18 39.03
C THR D 14 29.22 -36.88 38.77
N VAL D 15 28.69 -36.02 37.90
CA VAL D 15 29.45 -34.86 37.45
C VAL D 15 29.28 -33.68 38.42
N PHE D 16 29.20 -33.99 39.72
CA PHE D 16 29.02 -32.93 40.71
C PHE D 16 30.20 -31.95 40.70
N GLU D 17 31.40 -32.44 40.36
CA GLU D 17 32.59 -31.60 40.41
C GLU D 17 32.55 -30.50 39.35
N ASP D 18 31.74 -30.66 38.29
CA ASP D 18 31.75 -29.75 37.15
C ASP D 18 30.37 -29.25 36.76
N LEU D 19 29.34 -29.49 37.57
CA LEU D 19 27.98 -29.15 37.20
C LEU D 19 27.29 -28.50 38.38
N ALA D 20 26.65 -27.35 38.15
CA ALA D 20 26.01 -26.59 39.21
C ALA D 20 24.63 -26.14 38.75
N TYR D 21 23.70 -26.08 39.70
CA TYR D 21 22.32 -25.69 39.41
C TYR D 21 21.77 -24.85 40.56
N ALA D 22 20.67 -24.15 40.26
CA ALA D 22 19.95 -23.35 41.25
C ALA D 22 18.55 -23.08 40.72
N GLU D 23 17.56 -23.11 41.61
CA GLU D 23 16.20 -22.88 41.21
C GLU D 23 15.45 -22.07 42.26
N LEU D 24 14.49 -21.28 41.80
CA LEU D 24 13.54 -20.58 42.67
C LEU D 24 12.15 -20.84 42.13
N TYR D 25 11.15 -20.67 43.01
CA TYR D 25 9.76 -20.93 42.66
C TYR D 25 8.91 -19.66 42.66
N SER D 26 9.54 -18.50 42.61
CA SER D 26 8.85 -17.22 42.58
C SER D 26 9.87 -16.14 42.24
N ASP D 27 9.43 -14.89 42.25
CA ASP D 27 10.30 -13.77 41.93
C ASP D 27 10.58 -12.97 43.19
N PRO D 28 11.73 -13.13 43.83
CA PRO D 28 12.07 -12.32 45.00
C PRO D 28 12.18 -10.86 44.62
N PRO D 29 11.65 -9.95 45.43
CA PRO D 29 11.71 -8.52 45.11
C PRO D 29 13.12 -7.97 45.30
N GLY D 30 13.39 -6.87 44.61
CA GLY D 30 14.66 -6.19 44.76
C GLY D 30 15.77 -6.68 43.85
N LEU D 31 15.51 -7.67 43.01
CA LEU D 31 16.51 -8.16 42.06
C LEU D 31 16.51 -7.30 40.81
N THR D 32 17.70 -6.98 40.32
CA THR D 32 17.86 -6.19 39.13
C THR D 32 18.88 -6.87 38.22
N PRO D 33 18.82 -6.62 36.92
CA PRO D 33 19.82 -7.19 36.02
C PRO D 33 21.18 -6.53 36.21
N LEU D 34 22.17 -7.08 35.53
CA LEU D 34 23.47 -6.44 35.46
C LEU D 34 23.37 -5.24 34.53
N PRO D 35 24.29 -4.26 34.67
CA PRO D 35 24.20 -3.08 33.81
C PRO D 35 24.22 -3.37 32.32
N GLU D 36 25.00 -4.36 31.88
CA GLU D 36 25.05 -4.71 30.47
C GLU D 36 23.81 -5.49 30.01
N GLU D 37 23.10 -6.13 30.93
CA GLU D 37 21.86 -6.82 30.61
C GLU D 37 20.68 -5.87 30.45
N ALA D 38 20.76 -4.67 31.02
CA ALA D 38 19.61 -3.78 31.08
C ALA D 38 18.98 -3.47 29.72
N PRO D 39 19.74 -3.23 28.64
CA PRO D 39 19.09 -2.99 27.33
C PRO D 39 18.23 -4.15 26.86
N LEU D 40 18.51 -5.39 27.27
CA LEU D 40 17.77 -6.53 26.77
C LEU D 40 16.30 -6.44 27.18
N ILE D 41 16.05 -6.01 28.40
CA ILE D 41 14.71 -5.74 28.90
C ILE D 41 14.58 -4.22 28.92
N ALA D 42 13.45 -3.73 29.44
CA ALA D 42 13.04 -2.34 29.55
C ALA D 42 11.93 -2.07 28.54
N ARG D 43 12.07 -2.58 27.31
CA ARG D 43 10.87 -2.48 26.49
C ARG D 43 9.94 -3.64 26.78
N SER D 44 10.40 -4.60 27.59
CA SER D 44 9.69 -5.83 27.89
C SER D 44 8.64 -5.61 28.99
N VAL D 45 7.67 -6.52 29.02
CA VAL D 45 6.58 -6.47 29.99
C VAL D 45 7.09 -6.95 31.34
N ALA D 46 6.31 -6.72 32.39
CA ALA D 46 6.76 -7.00 33.75
C ALA D 46 7.03 -8.48 33.97
N LYS D 47 6.09 -9.34 33.52
CA LYS D 47 6.29 -10.78 33.67
C LYS D 47 7.56 -11.24 32.99
N ARG D 48 7.81 -10.74 31.77
CA ARG D 48 9.05 -11.08 31.07
C ARG D 48 10.27 -10.57 31.84
N ARG D 49 10.20 -9.32 32.31
CA ARG D 49 11.32 -8.74 33.04
C ARG D 49 11.64 -9.54 34.29
N ASN D 50 10.60 -9.98 35.01
CA ASN D 50 10.81 -10.72 36.24
C ASN D 50 11.54 -12.04 35.97
N GLU D 51 11.00 -12.84 35.05
CA GLU D 51 11.59 -14.15 34.81
C GLU D 51 12.96 -14.05 34.14
N PHE D 52 13.17 -13.03 33.31
CA PHE D 52 14.51 -12.74 32.81
C PHE D 52 15.47 -12.50 33.97
N ILE D 53 15.03 -11.75 34.98
CA ILE D 53 15.89 -11.35 36.08
C ILE D 53 16.08 -12.50 37.07
N THR D 54 15.00 -13.19 37.42
CA THR D 54 15.10 -14.26 38.40
C THR D 54 15.95 -15.42 37.89
N VAL D 55 15.79 -15.79 36.62
CA VAL D 55 16.50 -16.97 36.12
C VAL D 55 17.99 -16.68 35.98
N ARG D 56 18.36 -15.44 35.64
CA ARG D 56 19.78 -15.09 35.59
C ARG D 56 20.37 -14.94 36.99
N HIS D 57 19.54 -14.66 38.00
CA HIS D 57 20.01 -14.69 39.37
C HIS D 57 20.32 -16.12 39.81
N CYS D 58 19.51 -17.07 39.36
CA CYS D 58 19.84 -18.48 39.57
C CYS D 58 21.09 -18.86 38.79
N ALA D 59 21.23 -18.33 37.59
CA ALA D 59 22.39 -18.68 36.76
C ALA D 59 23.69 -18.22 37.41
N ARG D 60 23.69 -17.03 38.04
CA ARG D 60 24.90 -16.53 38.64
C ARG D 60 25.18 -17.15 40.01
N ILE D 61 24.15 -17.68 40.66
CA ILE D 61 24.38 -18.52 41.84
C ILE D 61 25.09 -19.80 41.45
N ALA D 62 24.62 -20.44 40.39
CA ALA D 62 25.23 -21.69 39.95
C ALA D 62 26.65 -21.47 39.44
N LEU D 63 26.86 -20.39 38.67
CA LEU D 63 28.20 -20.09 38.17
C LEU D 63 29.15 -19.72 39.31
N ASP D 64 28.63 -19.31 40.45
CA ASP D 64 29.49 -18.96 41.58
C ASP D 64 30.00 -20.19 42.30
N GLN D 65 29.25 -21.29 42.26
CA GLN D 65 29.74 -22.53 42.86
C GLN D 65 30.90 -23.12 42.08
N LEU D 66 30.98 -22.85 40.77
CA LEU D 66 32.08 -23.31 39.93
C LEU D 66 33.18 -22.27 39.77
N GLY D 67 33.23 -21.26 40.64
CA GLY D 67 34.29 -20.28 40.59
C GLY D 67 34.19 -19.20 39.54
N VAL D 68 33.01 -18.94 39.00
CA VAL D 68 32.82 -17.96 37.94
C VAL D 68 32.25 -16.69 38.56
N PRO D 69 32.91 -15.54 38.43
CA PRO D 69 32.39 -14.30 39.02
C PRO D 69 31.20 -13.80 38.23
N PRO D 70 30.36 -12.97 38.83
CA PRO D 70 29.15 -12.50 38.13
C PRO D 70 29.48 -11.87 36.78
N ALA D 71 28.82 -12.34 35.73
CA ALA D 71 29.05 -11.88 34.37
C ALA D 71 27.72 -11.69 33.66
N PRO D 72 27.67 -10.80 32.66
CA PRO D 72 26.40 -10.60 31.94
C PRO D 72 26.01 -11.81 31.12
N ILE D 73 24.72 -12.12 31.11
CA ILE D 73 24.17 -13.19 30.28
C ILE D 73 23.31 -12.57 29.19
N LEU D 74 23.90 -12.32 28.03
CA LEU D 74 23.21 -11.69 26.93
C LEU D 74 22.52 -12.77 26.09
N LYS D 75 21.99 -12.39 24.94
CA LYS D 75 21.24 -13.31 24.09
C LYS D 75 21.79 -13.24 22.67
N GLY D 76 22.08 -14.41 22.10
CA GLY D 76 22.64 -14.46 20.76
C GLY D 76 21.73 -15.09 19.74
N ASP D 77 22.29 -15.99 18.92
CA ASP D 77 21.55 -16.62 17.83
C ASP D 77 20.19 -17.13 18.27
N LYS D 78 19.13 -16.56 17.68
CA LYS D 78 17.75 -16.93 18.00
C LYS D 78 17.43 -16.76 19.49
N GLY D 79 18.12 -15.83 20.14
CA GLY D 79 17.90 -15.57 21.55
C GLY D 79 18.65 -16.49 22.48
N GLU D 80 19.54 -17.33 21.97
CA GLU D 80 20.24 -18.29 22.81
C GLU D 80 21.04 -17.57 23.89
N PRO D 81 20.96 -18.01 25.15
CA PRO D 81 21.75 -17.36 26.20
C PRO D 81 23.23 -17.51 25.93
N CYS D 82 23.99 -16.48 26.32
CA CYS D 82 25.44 -16.49 26.21
C CYS D 82 26.06 -16.71 27.57
N TRP D 83 27.20 -17.36 27.59
CA TRP D 83 27.78 -17.89 28.81
C TRP D 83 29.22 -17.45 29.01
N PRO D 84 29.71 -17.46 30.24
CA PRO D 84 31.11 -17.13 30.46
C PRO D 84 32.00 -18.04 29.66
N ASP D 85 33.21 -17.56 29.44
CA ASP D 85 34.18 -18.32 28.68
C ASP D 85 34.52 -19.59 29.46
N GLY D 86 34.55 -20.74 28.76
CA GLY D 86 34.79 -22.02 29.40
C GLY D 86 33.54 -22.70 29.96
N MET D 87 32.40 -22.02 29.96
CA MET D 87 31.15 -22.53 30.50
C MET D 87 30.08 -22.73 29.43
N VAL D 88 29.12 -23.58 29.78
CA VAL D 88 27.91 -23.82 29.01
C VAL D 88 26.78 -23.88 30.03
N GLY D 89 25.55 -23.71 29.55
CA GLY D 89 24.44 -23.74 30.49
C GLY D 89 23.11 -23.69 29.77
N SER D 90 22.05 -23.75 30.57
CA SER D 90 20.69 -23.71 30.06
C SER D 90 19.78 -23.03 31.09
N LEU D 91 18.84 -22.23 30.60
CA LEU D 91 17.89 -21.53 31.44
C LEU D 91 16.48 -21.99 31.10
N THR D 92 15.61 -22.01 32.11
CA THR D 92 14.22 -22.38 31.89
C THR D 92 13.33 -21.66 32.88
N HIS D 93 12.06 -21.55 32.53
CA HIS D 93 11.08 -20.87 33.37
C HIS D 93 9.69 -21.34 33.00
N CYS D 94 8.77 -21.18 33.95
CA CYS D 94 7.35 -21.43 33.73
C CYS D 94 6.59 -20.85 34.92
N ALA D 95 5.28 -21.06 34.93
CA ALA D 95 4.38 -20.48 35.93
C ALA D 95 4.64 -21.11 37.29
N GLY D 96 5.70 -20.64 37.94
CA GLY D 96 6.02 -21.10 39.28
C GLY D 96 7.39 -21.71 39.41
N TYR D 97 8.27 -21.41 38.46
CA TYR D 97 9.59 -22.02 38.44
C TYR D 97 10.56 -21.14 37.69
N ARG D 98 11.77 -21.04 38.22
CA ARG D 98 12.92 -20.49 37.52
C ARG D 98 14.09 -21.40 37.85
N GLY D 99 14.89 -21.74 36.84
CA GLY D 99 15.96 -22.69 37.06
C GLY D 99 17.09 -22.46 36.08
N ALA D 100 18.30 -22.80 36.51
CA ALA D 100 19.48 -22.74 35.67
C ALA D 100 20.40 -23.89 36.03
N VAL D 101 21.08 -24.43 35.02
CA VAL D 101 22.08 -25.48 35.19
C VAL D 101 23.27 -25.09 34.34
N VAL D 102 24.47 -25.18 34.91
CA VAL D 102 25.68 -24.75 34.23
C VAL D 102 26.75 -25.82 34.38
N GLY D 103 27.67 -25.76 33.45
CA GLY D 103 28.75 -26.70 33.45
C GLY D 103 29.97 -26.26 32.78
N ARG D 104 31.04 -26.95 33.09
CA ARG D 104 32.31 -26.66 32.49
C ARG D 104 32.52 -27.36 31.15
N ARG D 105 33.13 -26.70 30.20
CA ARG D 105 33.24 -27.27 28.85
C ARG D 105 34.04 -28.53 28.73
N ASP D 106 34.96 -28.74 29.62
CA ASP D 106 35.70 -29.98 29.63
C ASP D 106 34.80 -31.17 29.85
N ALA D 107 34.05 -31.09 30.89
CA ALA D 107 33.20 -32.22 31.24
C ALA D 107 31.80 -32.17 30.65
N VAL D 108 31.25 -30.99 30.42
CA VAL D 108 29.88 -30.86 29.92
C VAL D 108 29.95 -30.19 28.56
N ARG D 109 29.71 -30.98 27.51
CA ARG D 109 29.71 -30.44 26.15
C ARG D 109 28.53 -29.50 25.94
N SER D 110 27.37 -29.83 26.51
CA SER D 110 26.16 -29.05 26.32
C SER D 110 25.18 -29.38 27.43
N VAL D 111 24.28 -28.44 27.72
CA VAL D 111 23.22 -28.61 28.70
C VAL D 111 21.90 -28.16 28.08
N GLY D 112 20.85 -28.93 28.33
CA GLY D 112 19.51 -28.52 27.95
C GLY D 112 18.49 -28.91 29.00
N ILE D 113 17.71 -27.94 29.47
CA ILE D 113 16.71 -28.18 30.51
C ILE D 113 15.43 -27.46 30.13
N ASP D 114 14.32 -27.92 30.70
CA ASP D 114 13.06 -27.22 30.54
C ASP D 114 12.15 -27.54 31.71
N ALA D 115 11.29 -26.58 32.05
CA ALA D 115 10.27 -26.76 33.05
C ALA D 115 8.94 -26.29 32.51
N GLU D 116 7.89 -27.06 32.77
CA GLU D 116 6.54 -26.77 32.33
C GLU D 116 5.58 -27.16 33.43
N PRO D 117 4.43 -26.52 33.53
CA PRO D 117 3.39 -27.00 34.46
C PRO D 117 2.83 -28.33 33.99
N HIS D 118 2.51 -29.19 34.95
CA HIS D 118 1.99 -30.52 34.64
C HIS D 118 0.52 -30.39 34.26
N ASP D 119 0.29 -29.78 33.11
CA ASP D 119 -1.03 -29.61 32.54
C ASP D 119 -1.04 -30.06 31.09
N VAL D 120 -2.24 -30.30 30.59
CA VAL D 120 -2.40 -30.72 29.20
C VAL D 120 -1.84 -29.67 28.25
N LEU D 121 -1.26 -30.13 27.14
CA LEU D 121 -0.82 -29.18 26.15
C LEU D 121 -2.01 -28.46 25.53
N PRO D 122 -1.81 -27.25 25.03
CA PRO D 122 -2.90 -26.55 24.32
C PRO D 122 -3.39 -27.20 23.02
N ASN D 123 -4.28 -26.51 22.27
CA ASN D 123 -4.95 -27.13 21.11
C ASN D 123 -4.00 -27.65 20.04
N GLY D 124 -3.16 -26.78 19.50
CA GLY D 124 -2.35 -27.18 18.37
C GLY D 124 -0.90 -27.47 18.59
N VAL D 125 -0.48 -27.64 19.84
CA VAL D 125 0.94 -27.83 20.14
C VAL D 125 1.42 -29.26 19.91
N LEU D 126 0.58 -30.23 20.24
CA LEU D 126 0.96 -31.61 20.11
C LEU D 126 1.13 -31.95 18.70
N ASP D 127 0.37 -31.31 17.87
CA ASP D 127 0.40 -31.70 16.48
C ASP D 127 1.64 -31.22 15.85
N ALA D 128 2.05 -30.01 16.18
CA ALA D 128 3.24 -29.48 15.49
C ALA D 128 4.51 -30.10 16.08
N ILE D 129 4.57 -30.20 17.41
CA ILE D 129 5.80 -30.66 18.04
C ILE D 129 6.04 -32.14 17.80
N SER D 130 4.99 -32.89 17.48
CA SER D 130 5.06 -34.34 17.56
C SER D 130 4.47 -34.99 16.32
N LEU D 131 5.00 -36.16 16.03
CA LEU D 131 4.65 -36.95 14.87
C LEU D 131 3.82 -38.16 15.28
N PRO D 132 3.09 -38.75 14.33
CA PRO D 132 2.18 -39.86 14.67
C PRO D 132 2.81 -41.08 15.33
N ALA D 133 4.06 -41.42 14.99
CA ALA D 133 4.66 -42.63 15.56
C ALA D 133 4.71 -42.54 17.07
N GLU D 134 5.06 -41.37 17.61
CA GLU D 134 5.20 -41.21 19.06
C GLU D 134 3.96 -40.64 19.74
N ARG D 135 3.07 -39.93 19.01
CA ARG D 135 1.83 -39.56 19.69
C ARG D 135 0.92 -40.76 19.90
N ALA D 136 1.34 -41.93 19.43
CA ALA D 136 0.66 -43.20 19.63
C ALA D 136 1.45 -44.18 20.46
N ASP D 137 2.75 -43.96 20.66
CA ASP D 137 3.61 -44.91 21.36
C ASP D 137 3.88 -44.49 22.80
N MET D 138 3.49 -43.28 23.18
CA MET D 138 3.75 -42.72 24.51
C MET D 138 3.00 -43.43 25.64
N PRO D 139 1.71 -43.79 25.49
CA PRO D 139 1.03 -44.49 26.59
C PRO D 139 1.62 -45.85 26.90
N ARG D 140 2.28 -46.49 25.94
CA ARG D 140 3.00 -47.72 26.23
C ARG D 140 4.15 -47.44 27.18
N THR D 141 4.92 -46.42 26.87
CA THR D 141 6.11 -46.06 27.65
C THR D 141 5.77 -45.45 29.00
N MET D 142 4.63 -44.76 29.13
CA MET D 142 4.37 -44.04 30.36
C MET D 142 2.97 -44.30 30.93
N PRO D 143 2.80 -44.07 32.23
CA PRO D 143 1.49 -44.25 32.88
C PRO D 143 0.49 -43.14 32.58
N ALA D 144 -0.77 -43.46 32.85
CA ALA D 144 -1.79 -42.42 32.75
C ALA D 144 -1.65 -41.53 33.99
N ALA D 145 -2.42 -40.44 34.04
CA ALA D 145 -2.30 -39.38 35.04
C ALA D 145 -1.04 -38.58 34.80
N LEU D 146 -0.28 -38.91 33.76
CA LEU D 146 0.93 -38.22 33.33
C LEU D 146 0.61 -37.57 32.00
N HIS D 147 0.59 -36.24 31.96
CA HIS D 147 0.26 -35.51 30.74
C HIS D 147 1.41 -35.71 29.75
N TRP D 148 1.37 -36.86 29.07
CA TRP D 148 2.43 -37.25 28.14
C TRP D 148 2.69 -36.16 27.10
N ASP D 149 1.64 -35.46 26.66
CA ASP D 149 1.85 -34.40 25.68
C ASP D 149 2.76 -33.31 26.24
N ARG D 150 2.52 -32.89 27.48
CA ARG D 150 3.36 -31.87 28.10
C ARG D 150 4.79 -32.37 28.33
N ILE D 151 4.94 -33.62 28.79
CA ILE D 151 6.28 -34.17 28.99
C ILE D 151 6.99 -34.27 27.65
N LEU D 152 6.25 -34.64 26.60
CA LEU D 152 6.85 -34.71 25.26
C LEU D 152 7.32 -33.36 24.80
N PHE D 153 6.51 -32.32 25.00
CA PHE D 153 6.93 -30.98 24.66
C PHE D 153 8.15 -30.56 25.48
N CYS D 154 8.14 -30.89 26.78
CA CYS D 154 9.27 -30.56 27.64
C CYS D 154 10.54 -31.26 27.17
N ALA D 155 10.44 -32.53 26.80
CA ALA D 155 11.60 -33.25 26.29
C ALA D 155 12.06 -32.71 24.94
N LYS D 156 11.13 -32.25 24.10
CA LYS D 156 11.50 -31.65 22.83
C LYS D 156 12.29 -30.36 23.04
N GLU D 157 11.80 -29.49 23.92
CA GLU D 157 12.49 -28.23 24.20
C GLU D 157 13.87 -28.48 24.80
N ALA D 158 13.96 -29.42 25.74
CA ALA D 158 15.25 -29.76 26.32
C ALA D 158 16.23 -30.29 25.28
N THR D 159 15.75 -30.74 24.13
CA THR D 159 16.61 -31.36 23.13
C THR D 159 17.22 -30.32 22.21
N TYR D 160 16.43 -29.34 21.79
CA TYR D 160 16.95 -28.25 20.98
C TYR D 160 17.88 -27.40 21.73
N LYS D 161 17.62 -27.21 23.02
CA LYS D 161 18.48 -26.40 23.86
C LYS D 161 19.85 -27.04 24.07
N ALA D 162 19.91 -28.38 24.03
CA ALA D 162 21.19 -29.07 24.11
C ALA D 162 21.83 -29.27 22.75
N TRP D 163 21.03 -29.38 21.69
CA TRP D 163 21.55 -29.63 20.35
C TRP D 163 22.05 -28.35 19.68
N PHE D 164 21.30 -27.26 19.83
CA PHE D 164 21.59 -26.04 19.09
C PHE D 164 22.98 -25.47 19.35
N PRO D 165 23.47 -25.36 20.59
CA PRO D 165 24.79 -24.74 20.80
C PRO D 165 25.94 -25.49 20.12
N LEU D 166 25.74 -26.76 19.76
CA LEU D 166 26.80 -27.51 19.12
C LEU D 166 26.69 -27.52 17.60
N THR D 167 25.48 -27.47 17.05
CA THR D 167 25.30 -27.46 15.62
C THR D 167 25.03 -26.07 15.05
N LYS D 168 24.56 -25.14 15.88
CA LYS D 168 24.14 -23.80 15.44
C LYS D 168 23.13 -23.86 14.30
N ARG D 169 22.42 -24.99 14.19
CA ARG D 169 21.40 -25.18 13.18
C ARG D 169 20.06 -25.39 13.89
N TRP D 170 18.99 -24.99 13.23
CA TRP D 170 17.67 -25.01 13.84
C TRP D 170 17.13 -26.43 13.83
N LEU D 171 16.65 -26.88 14.99
CA LEU D 171 16.11 -28.24 15.14
C LEU D 171 14.60 -28.12 15.19
N GLY D 172 13.97 -28.30 14.04
CA GLY D 172 12.52 -28.33 13.99
C GLY D 172 11.97 -29.42 14.88
N PHE D 173 10.75 -29.19 15.38
CA PHE D 173 10.09 -30.18 16.22
C PHE D 173 9.97 -31.53 15.52
N GLU D 174 9.73 -31.52 14.20
CA GLU D 174 9.70 -32.78 13.44
C GLU D 174 11.02 -33.54 13.59
N ASP D 175 12.13 -32.82 13.67
CA ASP D 175 13.43 -33.42 13.42
C ASP D 175 13.93 -34.25 14.60
N ALA D 176 13.08 -34.59 15.55
CA ALA D 176 13.50 -35.34 16.73
C ALA D 176 12.48 -36.40 17.09
N HIS D 177 12.97 -37.63 17.27
CA HIS D 177 12.18 -38.73 17.78
C HIS D 177 12.56 -38.99 19.23
N ILE D 178 11.56 -39.06 20.09
CA ILE D 178 11.78 -39.20 21.52
C ILE D 178 11.10 -40.48 21.97
N THR D 179 11.88 -41.41 22.53
CA THR D 179 11.36 -42.67 23.04
C THR D 179 11.47 -42.64 24.56
N PHE D 180 10.34 -42.75 25.23
CA PHE D 180 10.29 -42.69 26.68
C PHE D 180 10.37 -44.05 27.36
N GLU D 181 10.80 -44.00 28.62
CA GLU D 181 10.88 -45.10 29.57
C GLU D 181 10.16 -44.61 30.83
N THR D 182 9.96 -45.49 31.80
CA THR D 182 9.34 -45.05 33.05
C THR D 182 9.86 -45.90 34.19
N ASP D 183 10.46 -45.24 35.19
CA ASP D 183 10.96 -45.96 36.34
C ASP D 183 9.82 -46.51 37.18
N SER D 184 10.14 -47.47 38.05
CA SER D 184 9.13 -48.11 38.89
C SER D 184 8.40 -47.12 39.78
N THR D 185 9.00 -45.97 40.08
CA THR D 185 8.31 -44.95 40.88
C THR D 185 7.02 -44.49 40.21
N GLY D 186 6.96 -44.55 38.88
CA GLY D 186 5.78 -44.13 38.15
C GLY D 186 5.72 -42.66 37.81
N TRP D 187 6.62 -41.84 38.36
CA TRP D 187 6.64 -40.41 38.09
C TRP D 187 7.93 -39.92 37.42
N THR D 188 8.95 -40.77 37.32
CA THR D 188 10.21 -40.39 36.71
C THR D 188 10.46 -41.28 35.50
N GLY D 189 11.63 -41.12 34.89
CA GLY D 189 12.02 -41.96 33.78
C GLY D 189 13.05 -41.27 32.93
N ARG D 190 13.50 -41.98 31.90
CA ARG D 190 14.45 -41.47 30.93
C ARG D 190 13.76 -41.21 29.60
N PHE D 191 14.52 -40.64 28.67
CA PHE D 191 14.09 -40.54 27.29
C PHE D 191 15.32 -40.44 26.40
N VAL D 192 15.13 -40.75 25.12
CA VAL D 192 16.20 -40.76 24.14
C VAL D 192 15.73 -39.95 22.93
N SER D 193 16.58 -39.04 22.46
CA SER D 193 16.23 -38.13 21.38
C SER D 193 16.98 -38.55 20.11
N ARG D 194 16.23 -38.96 19.09
CA ARG D 194 16.80 -39.36 17.82
C ARG D 194 16.71 -38.20 16.85
N ILE D 195 17.85 -37.83 16.27
CA ILE D 195 17.95 -36.68 15.37
C ILE D 195 17.67 -37.16 13.94
N LEU D 196 16.45 -36.86 13.47
CA LEU D 196 16.03 -37.25 12.12
C LEU D 196 16.89 -36.60 11.05
N ILE D 197 17.40 -35.41 11.30
CA ILE D 197 18.07 -34.60 10.29
C ILE D 197 19.58 -34.66 10.51
N ASP D 198 20.34 -34.00 9.63
CA ASP D 198 21.79 -33.97 9.74
C ASP D 198 22.23 -33.58 11.14
N GLY D 199 23.22 -34.31 11.65
CA GLY D 199 23.80 -34.03 12.94
C GLY D 199 25.23 -33.53 12.84
N SER D 200 25.49 -32.72 11.82
CA SER D 200 26.82 -32.14 11.66
C SER D 200 27.12 -31.17 12.80
N THR D 201 28.15 -31.45 13.57
CA THR D 201 28.56 -30.58 14.65
C THR D 201 29.71 -29.70 14.22
N LEU D 202 30.04 -28.73 15.07
CA LEU D 202 31.05 -27.73 14.78
C LEU D 202 32.42 -28.07 15.33
N SER D 203 32.49 -28.83 16.42
CA SER D 203 33.77 -29.01 17.11
C SER D 203 34.12 -30.47 17.33
N GLY D 204 33.11 -31.33 17.49
CA GLY D 204 33.35 -32.70 17.85
C GLY D 204 32.68 -33.70 16.92
N PRO D 205 32.46 -34.91 17.43
CA PRO D 205 31.81 -35.96 16.63
C PRO D 205 30.36 -35.58 16.35
N PRO D 206 29.76 -36.15 15.30
CA PRO D 206 28.37 -35.77 14.97
C PRO D 206 27.43 -36.22 16.08
N LEU D 207 26.32 -35.49 16.20
CA LEU D 207 25.39 -35.67 17.31
C LEU D 207 24.05 -36.16 16.76
N THR D 208 23.81 -37.46 16.90
CA THR D 208 22.60 -38.11 16.39
C THR D 208 21.66 -38.61 17.47
N THR D 209 22.16 -38.93 18.66
CA THR D 209 21.31 -39.35 19.76
C THR D 209 21.62 -38.53 20.99
N LEU D 210 20.56 -38.10 21.68
CA LEU D 210 20.66 -37.30 22.90
C LEU D 210 19.92 -38.06 24.00
N ARG D 211 20.55 -38.16 25.16
CA ARG D 211 20.02 -38.94 26.27
C ARG D 211 19.42 -38.01 27.31
N GLY D 212 18.18 -38.27 27.71
CA GLY D 212 17.48 -37.40 28.62
C GLY D 212 16.97 -38.11 29.86
N ARG D 213 16.39 -37.30 30.75
CA ARG D 213 15.94 -37.75 32.06
C ARG D 213 14.78 -36.84 32.44
N TRP D 214 13.63 -37.41 32.78
CA TRP D 214 12.42 -36.63 33.01
C TRP D 214 11.77 -37.05 34.32
N SER D 215 11.01 -36.13 34.91
CA SER D 215 10.29 -36.42 36.14
C SER D 215 9.16 -35.42 36.33
N VAL D 216 8.13 -35.84 37.06
CA VAL D 216 7.01 -35.00 37.42
C VAL D 216 6.93 -34.92 38.93
N GLU D 217 7.12 -33.72 39.47
CA GLU D 217 6.95 -33.52 40.91
C GLU D 217 6.73 -32.04 41.21
N ARG D 218 6.02 -31.79 42.30
CA ARG D 218 5.62 -30.45 42.73
C ARG D 218 4.79 -29.72 41.68
N GLY D 219 4.01 -30.47 40.90
CA GLY D 219 3.12 -29.90 39.92
C GLY D 219 3.77 -29.51 38.61
N LEU D 220 5.08 -29.69 38.48
CA LEU D 220 5.82 -29.31 37.29
C LEU D 220 6.35 -30.54 36.59
N VAL D 221 6.93 -30.33 35.41
CA VAL D 221 7.60 -31.37 34.65
C VAL D 221 9.00 -30.88 34.33
N LEU D 222 10.00 -31.58 34.85
CA LEU D 222 11.40 -31.24 34.64
C LEU D 222 12.01 -32.23 33.66
N THR D 223 12.81 -31.72 32.73
CA THR D 223 13.60 -32.54 31.82
C THR D 223 14.99 -31.93 31.73
N ALA D 224 15.98 -32.78 31.47
CA ALA D 224 17.35 -32.30 31.36
C ALA D 224 18.17 -33.26 30.51
N ILE D 225 19.10 -32.69 29.76
CA ILE D 225 20.10 -33.44 29.01
C ILE D 225 21.47 -32.87 29.34
N VAL D 226 22.40 -33.74 29.73
CA VAL D 226 23.77 -33.35 30.04
C VAL D 226 24.70 -34.12 29.10
N LEU D 227 25.38 -33.39 28.23
CA LEU D 227 26.26 -33.96 27.20
C LEU D 227 27.68 -34.00 27.72
N ALA D 228 28.05 -35.12 28.33
CA ALA D 228 29.42 -35.35 28.80
C ALA D 228 30.47 -34.94 27.77
N GLY D 229 31.67 -34.59 28.26
CA GLY D 229 32.84 -34.26 27.45
C GLY D 229 32.85 -34.59 25.97
N THR E 5 0.48 -24.28 -16.71
CA THR E 5 0.11 -23.10 -17.49
C THR E 5 -1.35 -22.73 -17.24
N LEU E 6 -1.71 -21.49 -17.61
CA LEU E 6 -3.06 -21.00 -17.37
C LEU E 6 -4.05 -21.47 -18.43
N VAL E 7 -3.61 -21.59 -19.68
CA VAL E 7 -4.51 -21.98 -20.76
C VAL E 7 -5.00 -23.41 -20.60
N ALA E 8 -4.32 -24.21 -19.77
CA ALA E 8 -4.68 -25.62 -19.64
C ALA E 8 -6.04 -25.81 -18.99
N SER E 9 -6.47 -24.85 -18.16
CA SER E 9 -7.75 -24.97 -17.47
C SER E 9 -8.94 -24.56 -18.33
N VAL E 10 -8.72 -23.98 -19.50
CA VAL E 10 -9.80 -23.65 -20.42
C VAL E 10 -9.79 -24.55 -21.65
N LEU E 11 -9.04 -25.66 -21.60
CA LEU E 11 -8.99 -26.58 -22.72
C LEU E 11 -9.55 -27.94 -22.30
N PRO E 12 -10.15 -28.69 -23.22
CA PRO E 12 -10.73 -29.98 -22.85
C PRO E 12 -9.67 -30.95 -22.36
N ALA E 13 -10.13 -31.94 -21.59
CA ALA E 13 -9.26 -32.95 -21.00
C ALA E 13 -8.95 -34.12 -21.91
N THR E 14 -9.67 -34.32 -23.02
CA THR E 14 -9.46 -35.48 -23.87
C THR E 14 -8.79 -35.21 -25.21
N GLU E 17 -4.01 -35.11 -27.11
CA GLU E 17 -3.24 -35.95 -28.02
C GLU E 17 -2.87 -35.20 -29.29
N ASP E 18 -3.82 -34.47 -29.87
CA ASP E 18 -3.60 -33.69 -31.08
C ASP E 18 -3.78 -32.20 -30.82
N LEU E 19 -3.39 -31.74 -29.64
CA LEU E 19 -3.59 -30.35 -29.23
C LEU E 19 -2.39 -29.95 -28.38
N ALA E 20 -1.66 -28.94 -28.84
CA ALA E 20 -0.50 -28.44 -28.11
C ALA E 20 -0.65 -26.96 -27.82
N TYR E 21 0.04 -26.51 -26.78
CA TYR E 21 -0.05 -25.13 -26.34
C TYR E 21 1.24 -24.73 -25.64
N ALA E 22 1.45 -23.42 -25.54
CA ALA E 22 2.61 -22.86 -24.85
C ALA E 22 2.33 -21.40 -24.55
N GLU E 23 2.80 -20.92 -23.40
CA GLU E 23 2.58 -19.54 -23.03
C GLU E 23 3.78 -19.00 -22.26
N LEU E 24 3.95 -17.68 -22.33
CA LEU E 24 4.92 -16.95 -21.53
C LEU E 24 4.23 -15.76 -20.91
N TYR E 25 4.86 -15.17 -19.90
CA TYR E 25 4.25 -14.09 -19.13
C TYR E 25 4.93 -12.75 -19.37
N SER E 26 5.98 -12.72 -20.19
CA SER E 26 6.55 -11.48 -20.70
C SER E 26 7.40 -11.82 -21.93
N ASP E 27 8.09 -10.84 -22.43
CA ASP E 27 8.88 -11.03 -23.58
C ASP E 27 10.30 -11.39 -23.26
N PRO E 28 10.69 -12.61 -23.62
CA PRO E 28 12.04 -13.08 -23.36
C PRO E 28 12.97 -12.30 -24.23
N PRO E 29 14.08 -11.83 -23.67
CA PRO E 29 15.01 -10.97 -24.40
C PRO E 29 15.71 -11.63 -25.53
N GLY E 30 15.89 -10.85 -26.58
CA GLY E 30 16.58 -11.33 -27.75
C GLY E 30 15.85 -12.10 -28.79
N LEU E 31 14.61 -12.44 -28.49
CA LEU E 31 13.83 -13.20 -29.44
C LEU E 31 13.71 -12.44 -30.76
N THR E 32 13.76 -13.18 -31.85
CA THR E 32 13.73 -12.57 -33.18
C THR E 32 12.76 -13.31 -34.09
N PRO E 33 12.12 -12.60 -35.02
CA PRO E 33 11.18 -13.25 -35.93
C PRO E 33 11.93 -14.00 -37.04
N LEU E 34 11.17 -14.61 -37.86
CA LEU E 34 11.82 -15.21 -39.02
C LEU E 34 11.94 -14.18 -40.13
N PRO E 35 12.93 -14.33 -41.01
CA PRO E 35 13.08 -13.38 -42.12
C PRO E 35 11.80 -13.16 -42.92
N GLU E 36 10.98 -14.19 -43.11
CA GLU E 36 9.69 -13.98 -43.78
C GLU E 36 8.74 -13.16 -42.94
N GLU E 37 8.83 -13.29 -41.61
CA GLU E 37 7.96 -12.54 -40.71
C GLU E 37 8.41 -11.08 -40.55
N ALA E 38 9.70 -10.81 -40.73
CA ALA E 38 10.25 -9.49 -40.46
C ALA E 38 9.55 -8.35 -41.20
N PRO E 39 9.17 -8.46 -42.47
CA PRO E 39 8.47 -7.32 -43.12
C PRO E 39 7.17 -6.93 -42.44
N LEU E 40 6.52 -7.87 -41.74
CA LEU E 40 5.23 -7.58 -41.13
C LEU E 40 5.37 -6.58 -39.99
N ILE E 41 6.50 -6.57 -39.29
CA ILE E 41 6.70 -5.71 -38.13
C ILE E 41 7.79 -4.68 -38.39
N ALA E 42 8.08 -4.39 -39.66
CA ALA E 42 9.14 -3.44 -39.96
C ALA E 42 8.77 -2.03 -39.48
N ARG E 43 7.55 -1.59 -39.77
CA ARG E 43 7.10 -0.25 -39.42
C ARG E 43 6.18 -0.25 -38.19
N SER E 44 6.30 -1.26 -37.32
CA SER E 44 5.45 -1.44 -36.16
C SER E 44 6.11 -0.88 -34.90
N VAL E 45 5.28 -0.35 -34.00
CA VAL E 45 5.78 0.16 -32.72
C VAL E 45 6.35 -0.99 -31.88
N ALA E 46 7.16 -0.61 -30.88
CA ALA E 46 7.92 -1.59 -30.12
C ALA E 46 7.01 -2.54 -29.34
N LYS E 47 5.93 -2.00 -28.75
CA LYS E 47 5.00 -2.85 -28.01
C LYS E 47 4.40 -3.92 -28.91
N ARG E 48 3.97 -3.52 -30.11
CA ARG E 48 3.45 -4.49 -31.07
C ARG E 48 4.53 -5.46 -31.53
N ARG E 49 5.78 -5.01 -31.58
CA ARG E 49 6.86 -5.88 -32.04
C ARG E 49 7.10 -7.04 -31.08
N ASN E 50 7.17 -6.75 -29.78
CA ASN E 50 7.40 -7.80 -28.80
C ASN E 50 6.27 -8.82 -28.80
N GLU E 51 5.02 -8.35 -28.90
CA GLU E 51 3.88 -9.25 -28.90
C GLU E 51 3.89 -10.14 -30.14
N PHE E 52 4.15 -9.55 -31.31
CA PHE E 52 4.22 -10.33 -32.54
C PHE E 52 5.27 -11.43 -32.43
N ILE E 53 6.45 -11.09 -31.93
CA ILE E 53 7.56 -12.05 -31.89
C ILE E 53 7.29 -13.12 -30.84
N THR E 54 6.92 -12.71 -29.63
CA THR E 54 6.81 -13.66 -28.53
C THR E 54 5.71 -14.68 -28.79
N VAL E 55 4.56 -14.24 -29.31
CA VAL E 55 3.43 -15.16 -29.40
C VAL E 55 3.68 -16.18 -30.51
N ARG E 56 4.40 -15.78 -31.57
CA ARG E 56 4.80 -16.73 -32.60
C ARG E 56 5.93 -17.63 -32.15
N HIS E 57 6.72 -17.20 -31.16
CA HIS E 57 7.70 -18.10 -30.55
C HIS E 57 6.99 -19.16 -29.71
N CYS E 58 5.91 -18.77 -29.02
CA CYS E 58 5.08 -19.75 -28.34
C CYS E 58 4.39 -20.69 -29.32
N ALA E 59 3.95 -20.16 -30.45
CA ALA E 59 3.25 -20.98 -31.43
C ALA E 59 4.14 -22.07 -31.99
N ARG E 60 5.41 -21.76 -32.23
CA ARG E 60 6.30 -22.75 -32.82
C ARG E 60 6.84 -23.72 -31.79
N ILE E 61 6.76 -23.40 -30.50
CA ILE E 61 7.08 -24.39 -29.48
C ILE E 61 5.98 -25.45 -29.45
N ALA E 62 4.72 -25.02 -29.49
CA ALA E 62 3.60 -25.95 -29.51
C ALA E 62 3.55 -26.71 -30.83
N LEU E 63 3.84 -26.02 -31.92
CA LEU E 63 3.85 -26.71 -33.21
C LEU E 63 4.96 -27.74 -33.25
N ASP E 64 6.08 -27.48 -32.57
CA ASP E 64 7.16 -28.46 -32.52
C ASP E 64 6.79 -29.72 -31.73
N GLN E 65 6.01 -29.60 -30.66
CA GLN E 65 5.56 -30.76 -29.91
C GLN E 65 4.67 -31.60 -30.71
N LEU E 66 4.11 -31.04 -31.75
CA LEU E 66 3.31 -31.80 -32.66
C LEU E 66 4.09 -32.26 -33.89
N GLY E 67 5.38 -31.99 -34.00
CA GLY E 67 6.08 -32.54 -35.14
C GLY E 67 6.28 -31.65 -36.33
N VAL E 68 5.75 -30.43 -36.32
CA VAL E 68 5.85 -29.53 -37.45
C VAL E 68 7.05 -28.63 -37.19
N PRO E 69 8.02 -28.58 -38.10
CA PRO E 69 9.21 -27.77 -37.87
C PRO E 69 8.88 -26.30 -37.96
N PRO E 70 9.71 -25.44 -37.38
CA PRO E 70 9.41 -24.00 -37.36
C PRO E 70 9.19 -23.46 -38.77
N ALA E 71 8.06 -22.78 -38.94
CA ALA E 71 7.66 -22.19 -40.20
C ALA E 71 7.13 -20.80 -39.91
N PRO E 72 7.19 -19.89 -40.89
CA PRO E 72 6.69 -18.53 -40.64
C PRO E 72 5.18 -18.52 -40.43
N ILE E 73 4.71 -17.69 -39.51
CA ILE E 73 3.29 -17.49 -39.29
C ILE E 73 2.93 -16.08 -39.73
N LEU E 74 2.48 -15.97 -40.98
CA LEU E 74 2.14 -14.68 -41.59
C LEU E 74 0.68 -14.37 -41.25
N LYS E 75 0.14 -13.33 -41.89
CA LYS E 75 -1.21 -12.85 -41.59
C LYS E 75 -2.00 -12.75 -42.88
N GLY E 76 -3.21 -13.30 -42.88
CA GLY E 76 -4.07 -13.29 -44.05
C GLY E 76 -5.31 -12.45 -43.85
N ASP E 77 -6.46 -13.01 -44.23
CA ASP E 77 -7.75 -12.32 -44.19
C ASP E 77 -7.94 -11.60 -42.86
N LYS E 78 -8.09 -10.26 -42.92
CA LYS E 78 -8.31 -9.44 -41.72
C LYS E 78 -7.23 -9.68 -40.68
N GLY E 79 -6.01 -10.01 -41.13
CA GLY E 79 -4.92 -10.27 -40.22
C GLY E 79 -4.90 -11.64 -39.58
N GLU E 80 -5.76 -12.56 -40.03
CA GLU E 80 -5.86 -13.87 -39.40
C GLU E 80 -4.54 -14.63 -39.54
N PRO E 81 -4.01 -15.19 -38.46
CA PRO E 81 -2.76 -15.94 -38.56
C PRO E 81 -2.87 -17.11 -39.52
N CYS E 82 -1.82 -17.30 -40.31
CA CYS E 82 -1.72 -18.41 -41.25
C CYS E 82 -0.87 -19.51 -40.64
N TRP E 83 -1.35 -20.75 -40.75
CA TRP E 83 -0.77 -21.91 -40.07
C TRP E 83 -0.20 -22.91 -41.07
N PRO E 84 0.77 -23.73 -40.64
CA PRO E 84 1.30 -24.77 -41.52
C PRO E 84 0.19 -25.69 -42.03
N ASP E 85 0.54 -26.49 -43.04
CA ASP E 85 -0.44 -27.38 -43.67
C ASP E 85 -1.03 -28.34 -42.64
N GLY E 86 -2.22 -28.83 -42.94
CA GLY E 86 -2.96 -29.72 -42.07
C GLY E 86 -3.26 -29.18 -40.67
N MET E 87 -2.84 -27.96 -40.32
CA MET E 87 -3.09 -27.49 -38.98
C MET E 87 -3.84 -26.15 -38.88
N VAL E 88 -4.46 -26.01 -37.71
CA VAL E 88 -5.19 -24.84 -37.25
C VAL E 88 -4.66 -24.43 -35.87
N GLY E 89 -4.90 -23.17 -35.53
CA GLY E 89 -4.43 -22.67 -34.24
C GLY E 89 -4.99 -21.31 -33.93
N SER E 90 -4.62 -20.81 -32.75
CA SER E 90 -5.08 -19.50 -32.31
C SER E 90 -4.02 -18.84 -31.43
N LEU E 91 -3.90 -17.52 -31.58
CA LEU E 91 -2.95 -16.72 -30.83
C LEU E 91 -3.68 -15.67 -30.00
N THR E 92 -3.10 -15.33 -28.84
CA THR E 92 -3.67 -14.30 -27.98
C THR E 92 -2.55 -13.61 -27.21
N HIS E 93 -2.85 -12.39 -26.74
CA HIS E 93 -1.89 -11.63 -25.96
C HIS E 93 -2.62 -10.57 -25.14
N CYS E 94 -1.98 -10.16 -24.06
CA CYS E 94 -2.41 -9.03 -23.24
C CYS E 94 -1.25 -8.72 -22.29
N ALA E 95 -1.47 -7.77 -21.40
CA ALA E 95 -0.41 -7.36 -20.48
C ALA E 95 -0.05 -8.52 -19.58
N GLY E 96 1.21 -8.98 -19.68
CA GLY E 96 1.66 -10.07 -18.84
C GLY E 96 1.32 -11.45 -19.35
N TYR E 97 0.99 -11.59 -20.63
CA TYR E 97 0.62 -12.90 -21.16
C TYR E 97 0.86 -12.93 -22.67
N ARG E 98 1.38 -14.06 -23.14
CA ARG E 98 1.42 -14.42 -24.54
C ARG E 98 1.11 -15.91 -24.63
N GLY E 99 0.27 -16.30 -25.56
CA GLY E 99 -0.18 -17.68 -25.60
C GLY E 99 -0.56 -18.14 -26.99
N ALA E 100 -0.42 -19.44 -27.22
CA ALA E 100 -0.82 -20.07 -28.47
C ALA E 100 -1.37 -21.47 -28.18
N VAL E 101 -2.37 -21.87 -28.97
CA VAL E 101 -2.93 -23.21 -28.91
C VAL E 101 -3.08 -23.72 -30.34
N VAL E 102 -2.56 -24.94 -30.60
CA VAL E 102 -2.56 -25.50 -31.93
C VAL E 102 -2.98 -26.96 -31.84
N GLY E 103 -3.60 -27.40 -32.91
CA GLY E 103 -4.01 -28.74 -33.03
C GLY E 103 -3.97 -29.13 -34.50
N ARG E 104 -4.20 -30.38 -34.81
CA ARG E 104 -4.16 -30.85 -36.14
C ARG E 104 -5.56 -30.90 -36.64
N ARG E 105 -5.77 -30.53 -37.89
CA ARG E 105 -7.15 -30.38 -38.39
C ARG E 105 -7.95 -31.68 -38.42
N ASP E 106 -7.30 -32.82 -38.68
CA ASP E 106 -8.06 -34.06 -38.69
C ASP E 106 -8.70 -34.32 -37.34
N ALA E 107 -8.09 -33.86 -36.25
CA ALA E 107 -8.67 -33.98 -34.92
C ALA E 107 -9.30 -32.70 -34.39
N VAL E 108 -8.76 -31.54 -34.74
CA VAL E 108 -9.26 -30.25 -34.24
C VAL E 108 -9.72 -29.42 -35.43
N ARG E 109 -11.03 -29.22 -35.56
CA ARG E 109 -11.55 -28.43 -36.67
C ARG E 109 -11.15 -26.96 -36.54
N SER E 110 -11.18 -26.41 -35.33
CA SER E 110 -10.86 -25.00 -35.11
C SER E 110 -10.52 -24.76 -33.65
N VAL E 111 -9.73 -23.71 -33.43
CA VAL E 111 -9.36 -23.26 -32.09
C VAL E 111 -9.56 -21.75 -32.04
N GLY E 112 -10.11 -21.25 -30.94
CA GLY E 112 -10.18 -19.83 -30.70
C GLY E 112 -9.90 -19.53 -29.24
N ILE E 113 -8.95 -18.63 -28.97
CA ILE E 113 -8.55 -18.32 -27.61
C ILE E 113 -8.42 -16.81 -27.45
N ASP E 114 -8.49 -16.37 -26.20
CA ASP E 114 -8.24 -14.98 -25.85
C ASP E 114 -7.79 -14.89 -24.40
N ALA E 115 -6.96 -13.89 -24.12
CA ALA E 115 -6.52 -13.57 -22.78
C ALA E 115 -6.69 -12.08 -22.54
N GLU E 116 -7.19 -11.73 -21.36
CA GLU E 116 -7.44 -10.34 -20.99
C GLU E 116 -7.06 -10.12 -19.53
N PRO E 117 -6.66 -8.90 -19.17
CA PRO E 117 -6.48 -8.60 -17.75
C PRO E 117 -7.84 -8.55 -17.05
N HIS E 118 -7.87 -9.04 -15.80
CA HIS E 118 -9.13 -9.11 -15.05
C HIS E 118 -9.45 -7.75 -14.45
N ASP E 119 -9.80 -6.82 -15.34
CA ASP E 119 -10.22 -5.47 -14.96
C ASP E 119 -11.51 -5.13 -15.67
N VAL E 120 -12.23 -4.12 -15.14
CA VAL E 120 -13.42 -3.61 -15.79
C VAL E 120 -13.08 -3.11 -17.21
N LEU E 121 -14.04 -3.25 -18.13
CA LEU E 121 -13.88 -2.81 -19.51
C LEU E 121 -13.74 -1.29 -19.63
N PRO E 122 -13.01 -0.82 -20.64
CA PRO E 122 -12.95 0.63 -20.94
C PRO E 122 -14.33 1.19 -21.29
N ASN E 123 -14.48 2.54 -21.25
CA ASN E 123 -15.81 3.10 -21.49
C ASN E 123 -16.33 2.82 -22.89
N GLY E 124 -17.57 2.36 -22.95
CA GLY E 124 -18.27 2.14 -24.18
C GLY E 124 -18.07 0.79 -24.82
N VAL E 125 -17.18 -0.04 -24.29
CA VAL E 125 -16.97 -1.35 -24.92
C VAL E 125 -18.15 -2.27 -24.67
N LEU E 126 -18.67 -2.28 -23.45
CA LEU E 126 -19.75 -3.22 -23.12
C LEU E 126 -20.98 -3.00 -23.99
N ASP E 127 -21.31 -1.74 -24.29
CA ASP E 127 -22.47 -1.48 -25.13
C ASP E 127 -22.25 -1.93 -26.57
N ALA E 128 -21.04 -1.71 -27.09
CA ALA E 128 -20.75 -2.12 -28.45
C ALA E 128 -20.70 -3.64 -28.61
N ILE E 129 -20.09 -4.35 -27.66
CA ILE E 129 -19.86 -5.79 -27.83
C ILE E 129 -20.96 -6.70 -27.32
N SER E 130 -21.94 -6.12 -26.65
CA SER E 130 -22.98 -6.90 -26.02
C SER E 130 -24.42 -6.70 -26.43
N LEU E 131 -25.21 -7.76 -26.41
CA LEU E 131 -26.65 -7.63 -26.62
C LEU E 131 -27.34 -7.46 -25.28
N PRO E 132 -28.54 -6.87 -25.25
CA PRO E 132 -29.21 -6.65 -23.96
C PRO E 132 -29.53 -7.94 -23.22
N ALA E 133 -29.75 -9.04 -23.94
CA ALA E 133 -30.07 -10.31 -23.28
C ALA E 133 -28.90 -10.87 -22.48
N GLU E 134 -27.69 -10.85 -23.05
CA GLU E 134 -26.52 -11.38 -22.33
C GLU E 134 -26.25 -10.59 -21.06
N ARG E 135 -26.47 -9.28 -21.11
CA ARG E 135 -26.20 -8.41 -19.98
C ARG E 135 -27.16 -8.65 -18.82
N ALA E 136 -28.42 -8.97 -19.12
CA ALA E 136 -29.37 -9.27 -18.07
C ALA E 136 -29.11 -10.62 -17.39
N ASP E 137 -28.72 -11.64 -18.15
CA ASP E 137 -28.62 -12.98 -17.60
C ASP E 137 -27.27 -13.25 -16.93
N MET E 138 -26.27 -12.43 -17.18
CA MET E 138 -24.92 -12.73 -16.73
C MET E 138 -24.69 -12.49 -15.23
N PRO E 139 -25.21 -11.41 -14.62
CA PRO E 139 -25.10 -11.30 -13.15
C PRO E 139 -25.93 -12.33 -12.42
N ARG E 140 -26.75 -13.09 -13.13
CA ARG E 140 -27.61 -14.13 -12.59
C ARG E 140 -26.94 -15.49 -12.63
N THR E 141 -25.78 -15.60 -13.28
CA THR E 141 -25.00 -16.82 -13.34
C THR E 141 -23.55 -16.64 -12.92
N MET E 142 -23.09 -15.40 -12.73
CA MET E 142 -21.72 -15.09 -12.41
C MET E 142 -21.61 -14.47 -11.02
N PRO E 143 -20.64 -14.89 -10.21
CA PRO E 143 -20.47 -14.28 -8.89
C PRO E 143 -20.16 -12.79 -8.99
N ALA E 144 -20.58 -12.05 -7.96
CA ALA E 144 -20.40 -10.60 -7.93
C ALA E 144 -18.95 -10.18 -8.01
N ALA E 145 -18.01 -11.06 -7.65
CA ALA E 145 -16.60 -10.71 -7.58
C ALA E 145 -15.90 -10.81 -8.93
N LEU E 146 -16.62 -11.09 -10.01
CA LEU E 146 -16.05 -11.26 -11.34
C LEU E 146 -16.47 -10.12 -12.25
N HIS E 147 -15.49 -9.57 -12.99
CA HIS E 147 -15.79 -8.57 -14.02
C HIS E 147 -16.39 -9.31 -15.21
N TRP E 148 -17.70 -9.54 -15.15
CA TRP E 148 -18.35 -10.28 -16.22
C TRP E 148 -18.45 -9.48 -17.51
N ASP E 149 -18.15 -8.17 -17.49
CA ASP E 149 -18.00 -7.44 -18.73
C ASP E 149 -16.75 -7.88 -19.48
N ARG E 150 -15.61 -7.94 -18.78
CA ARG E 150 -14.37 -8.40 -19.39
C ARG E 150 -14.46 -9.86 -19.80
N ILE E 151 -15.07 -10.69 -18.96
CA ILE E 151 -15.19 -12.11 -19.26
C ILE E 151 -16.08 -12.30 -20.50
N LEU E 152 -17.12 -11.48 -20.63
CA LEU E 152 -17.93 -11.52 -21.84
C LEU E 152 -17.10 -11.14 -23.06
N PHE E 153 -16.29 -10.09 -22.96
CA PHE E 153 -15.46 -9.65 -24.08
C PHE E 153 -14.47 -10.75 -24.49
N CYS E 154 -13.83 -11.38 -23.51
CA CYS E 154 -12.87 -12.43 -23.78
C CYS E 154 -13.55 -13.62 -24.44
N ALA E 155 -14.78 -13.93 -24.03
CA ALA E 155 -15.53 -15.02 -24.65
C ALA E 155 -15.95 -14.65 -26.07
N LYS E 156 -16.33 -13.39 -26.30
CA LYS E 156 -16.68 -12.98 -27.66
C LYS E 156 -15.49 -13.16 -28.59
N GLU E 157 -14.28 -12.93 -28.11
CA GLU E 157 -13.15 -12.92 -29.02
C GLU E 157 -12.65 -14.33 -29.30
N ALA E 158 -12.79 -15.24 -28.34
CA ALA E 158 -12.50 -16.65 -28.61
C ALA E 158 -13.49 -17.27 -29.58
N THR E 159 -14.67 -16.67 -29.75
CA THR E 159 -15.70 -17.28 -30.57
C THR E 159 -15.51 -16.94 -32.03
N TYR E 160 -15.21 -15.67 -32.28
CA TYR E 160 -14.98 -15.18 -33.63
C TYR E 160 -13.67 -15.69 -34.19
N LYS E 161 -12.65 -15.82 -33.32
CA LYS E 161 -11.37 -16.41 -33.70
C LYS E 161 -11.51 -17.88 -34.05
N ALA E 162 -12.49 -18.58 -33.49
CA ALA E 162 -12.72 -19.97 -33.86
C ALA E 162 -13.70 -20.10 -35.01
N TRP E 163 -14.60 -19.13 -35.17
CA TRP E 163 -15.64 -19.17 -36.20
C TRP E 163 -15.11 -18.71 -37.55
N PHE E 164 -14.39 -17.57 -37.56
CA PHE E 164 -13.93 -17.00 -38.83
C PHE E 164 -13.09 -17.95 -39.67
N PRO E 165 -12.13 -18.71 -39.13
CA PRO E 165 -11.32 -19.58 -40.00
C PRO E 165 -12.13 -20.63 -40.74
N LEU E 166 -13.34 -20.95 -40.29
CA LEU E 166 -14.16 -21.95 -40.95
C LEU E 166 -15.15 -21.35 -41.95
N THR E 167 -15.49 -20.07 -41.80
CA THR E 167 -16.45 -19.43 -42.70
C THR E 167 -15.85 -18.32 -43.54
N LYS E 168 -14.74 -17.72 -43.11
CA LYS E 168 -14.14 -16.55 -43.75
C LYS E 168 -15.13 -15.41 -43.89
N ARG E 169 -16.15 -15.37 -43.04
CA ARG E 169 -17.12 -14.32 -42.98
C ARG E 169 -17.03 -13.63 -41.62
N TRP E 170 -17.37 -12.34 -41.60
CA TRP E 170 -17.18 -11.53 -40.40
C TRP E 170 -18.30 -11.79 -39.40
N LEU E 171 -17.93 -11.90 -38.13
CA LEU E 171 -18.86 -12.19 -37.05
C LEU E 171 -18.86 -11.00 -36.09
N GLY E 172 -19.77 -10.06 -36.33
CA GLY E 172 -19.86 -8.90 -35.48
C GLY E 172 -20.12 -9.24 -34.03
N PHE E 173 -19.76 -8.29 -33.16
CA PHE E 173 -19.84 -8.53 -31.72
C PHE E 173 -21.27 -8.77 -31.25
N GLU E 174 -22.28 -8.32 -31.99
CA GLU E 174 -23.67 -8.55 -31.65
C GLU E 174 -24.33 -9.64 -32.48
N ASP E 175 -23.55 -10.39 -33.27
CA ASP E 175 -24.07 -11.52 -34.02
C ASP E 175 -23.91 -12.85 -33.29
N ALA E 176 -23.51 -12.83 -32.02
CA ALA E 176 -23.40 -14.04 -31.23
C ALA E 176 -23.92 -13.77 -29.83
N HIS E 177 -24.80 -14.65 -29.33
CA HIS E 177 -25.28 -14.60 -27.96
C HIS E 177 -24.52 -15.63 -27.12
N ILE E 178 -24.08 -15.23 -25.94
CA ILE E 178 -23.21 -16.06 -25.10
C ILE E 178 -23.81 -16.21 -23.70
N THR E 179 -24.13 -17.45 -23.33
CA THR E 179 -24.58 -17.82 -21.99
C THR E 179 -23.46 -18.50 -21.21
N PHE E 180 -23.39 -18.19 -19.91
CA PHE E 180 -22.34 -18.69 -19.03
C PHE E 180 -22.91 -19.58 -17.94
N GLU E 181 -22.10 -20.54 -17.51
CA GLU E 181 -22.34 -21.30 -16.29
C GLU E 181 -21.05 -21.29 -15.48
N THR E 182 -21.18 -21.29 -14.15
CA THR E 182 -20.04 -21.13 -13.26
C THR E 182 -19.82 -22.42 -12.47
N ASP E 183 -18.57 -22.86 -12.38
CA ASP E 183 -18.23 -24.02 -11.57
C ASP E 183 -18.42 -23.71 -10.09
N SER E 184 -18.48 -24.79 -9.30
CA SER E 184 -18.64 -24.62 -7.87
C SER E 184 -17.46 -23.88 -7.25
N THR E 185 -16.29 -23.96 -7.90
CA THR E 185 -15.12 -23.24 -7.40
C THR E 185 -15.35 -21.73 -7.44
N GLY E 186 -16.13 -21.24 -8.38
CA GLY E 186 -16.50 -19.85 -8.47
C GLY E 186 -15.70 -19.04 -9.47
N TRP E 187 -14.53 -19.51 -9.89
CA TRP E 187 -13.63 -18.74 -10.75
C TRP E 187 -13.42 -19.35 -12.12
N THR E 188 -14.00 -20.51 -12.41
CA THR E 188 -13.96 -21.11 -13.73
C THR E 188 -15.39 -21.46 -14.13
N GLY E 189 -15.57 -21.79 -15.40
CA GLY E 189 -16.88 -22.16 -15.88
C GLY E 189 -16.87 -22.41 -17.36
N ARG E 190 -18.08 -22.50 -17.93
CA ARG E 190 -18.25 -22.71 -19.36
C ARG E 190 -19.03 -21.55 -19.96
N PHE E 191 -19.13 -21.55 -21.28
CA PHE E 191 -20.02 -20.65 -21.99
C PHE E 191 -20.44 -21.29 -23.30
N VAL E 192 -21.64 -20.94 -23.76
CA VAL E 192 -22.16 -21.38 -25.06
C VAL E 192 -22.40 -20.15 -25.92
N SER E 193 -21.76 -20.11 -27.05
CA SER E 193 -21.90 -19.04 -27.98
C SER E 193 -22.81 -19.45 -29.16
N ARG E 194 -23.83 -18.65 -29.42
CA ARG E 194 -24.75 -18.97 -30.51
C ARG E 194 -24.81 -17.98 -31.60
N ILE E 195 -24.66 -18.47 -32.81
CA ILE E 195 -24.61 -17.63 -34.00
C ILE E 195 -25.96 -17.10 -34.45
N LEU E 196 -26.03 -15.78 -34.62
CA LEU E 196 -27.29 -15.16 -35.00
C LEU E 196 -27.31 -14.79 -36.48
N ILE E 197 -26.39 -15.35 -37.26
CA ILE E 197 -26.33 -15.16 -38.70
C ILE E 197 -26.14 -16.53 -39.34
N ASP E 198 -26.12 -16.54 -40.68
CA ASP E 198 -25.95 -17.80 -41.40
C ASP E 198 -24.60 -18.42 -41.05
N GLY E 199 -24.62 -19.70 -40.70
CA GLY E 199 -23.42 -20.38 -40.26
C GLY E 199 -22.88 -21.37 -41.27
N SER E 200 -23.05 -21.07 -42.55
CA SER E 200 -22.55 -21.95 -43.61
C SER E 200 -21.02 -21.95 -43.60
N THR E 201 -20.43 -23.11 -43.43
CA THR E 201 -18.99 -23.27 -43.46
C THR E 201 -18.53 -23.60 -44.88
N LEU E 202 -17.22 -23.49 -45.09
CA LEU E 202 -16.64 -23.91 -46.37
C LEU E 202 -16.78 -25.42 -46.56
N SER E 203 -16.38 -26.18 -45.56
CA SER E 203 -16.62 -27.62 -45.53
C SER E 203 -17.17 -27.99 -44.16
N GLY E 204 -17.82 -29.15 -44.09
CA GLY E 204 -18.45 -29.59 -42.88
C GLY E 204 -19.83 -28.99 -42.69
N PRO E 205 -20.53 -29.42 -41.64
CA PRO E 205 -21.91 -28.95 -41.43
C PRO E 205 -21.93 -27.49 -40.99
N PRO E 206 -23.09 -26.84 -41.03
CA PRO E 206 -23.16 -25.45 -40.57
C PRO E 206 -22.83 -25.34 -39.08
N LEU E 207 -22.27 -24.19 -38.71
CA LEU E 207 -21.82 -23.93 -37.33
C LEU E 207 -22.75 -22.91 -36.69
N THR E 208 -23.51 -23.35 -35.69
CA THR E 208 -24.51 -22.52 -35.03
C THR E 208 -24.25 -22.33 -33.54
N THR E 209 -23.73 -23.34 -32.85
CA THR E 209 -23.42 -23.21 -31.44
C THR E 209 -21.98 -23.66 -31.21
N LEU E 210 -21.27 -22.94 -30.34
CA LEU E 210 -19.89 -23.23 -30.01
C LEU E 210 -19.73 -23.26 -28.50
N ARG E 211 -19.18 -24.36 -27.98
CA ARG E 211 -19.00 -24.53 -26.55
C ARG E 211 -17.58 -24.18 -26.19
N GLY E 212 -17.41 -23.28 -25.21
CA GLY E 212 -16.10 -22.87 -24.75
C GLY E 212 -15.99 -22.89 -23.24
N ARG E 213 -14.82 -22.46 -22.78
CA ARG E 213 -14.48 -22.53 -21.36
C ARG E 213 -13.88 -21.19 -20.95
N TRP E 214 -14.19 -20.75 -19.73
CA TRP E 214 -13.64 -19.52 -19.21
C TRP E 214 -13.02 -19.78 -17.84
N SER E 215 -12.04 -18.95 -17.48
CA SER E 215 -11.36 -19.10 -16.20
C SER E 215 -10.66 -17.79 -15.86
N VAL E 216 -10.71 -17.44 -14.58
CA VAL E 216 -9.99 -16.28 -14.06
C VAL E 216 -8.88 -16.80 -13.16
N GLU E 217 -7.62 -16.52 -13.54
CA GLU E 217 -6.48 -17.01 -12.80
C GLU E 217 -5.30 -16.07 -12.96
N ARG E 218 -4.59 -15.82 -11.86
CA ARG E 218 -3.37 -15.01 -11.85
C ARG E 218 -3.62 -13.61 -12.42
N GLY E 219 -4.80 -13.05 -12.13
CA GLY E 219 -5.13 -11.72 -12.58
C GLY E 219 -5.55 -11.61 -14.03
N LEU E 220 -5.70 -12.74 -14.72
CA LEU E 220 -6.06 -12.76 -16.13
C LEU E 220 -7.38 -13.47 -16.33
N VAL E 221 -8.04 -13.15 -17.43
CA VAL E 221 -9.19 -13.91 -17.91
C VAL E 221 -8.73 -14.68 -19.13
N LEU E 222 -8.91 -16.00 -19.09
CA LEU E 222 -8.59 -16.87 -20.21
C LEU E 222 -9.87 -17.54 -20.70
N THR E 223 -10.02 -17.61 -22.03
CA THR E 223 -11.13 -18.31 -22.67
C THR E 223 -10.58 -19.11 -23.85
N ALA E 224 -11.26 -20.21 -24.16
CA ALA E 224 -10.84 -21.04 -25.28
C ALA E 224 -12.04 -21.82 -25.80
N ILE E 225 -12.04 -22.04 -27.11
CA ILE E 225 -13.01 -22.90 -27.79
C ILE E 225 -12.22 -23.89 -28.65
N VAL E 226 -12.50 -25.18 -28.49
CA VAL E 226 -11.87 -26.24 -29.26
C VAL E 226 -12.95 -27.02 -29.99
N LEU E 227 -12.96 -26.93 -31.32
CA LEU E 227 -13.96 -27.56 -32.17
C LEU E 227 -13.40 -28.89 -32.67
N ALA E 228 -13.62 -29.95 -31.90
CA ALA E 228 -13.22 -31.30 -32.29
C ALA E 228 -13.56 -31.65 -33.75
N LEU F 6 -11.09 50.34 45.47
CA LEU F 6 -12.44 50.89 45.48
C LEU F 6 -13.28 50.34 44.33
N VAL F 7 -12.60 49.84 43.29
CA VAL F 7 -13.30 49.35 42.11
C VAL F 7 -13.59 47.85 42.20
N ALA F 8 -12.93 47.13 43.10
CA ALA F 8 -13.27 45.73 43.33
C ALA F 8 -14.63 45.56 44.00
N SER F 9 -15.20 46.64 44.54
CA SER F 9 -16.54 46.59 45.14
C SER F 9 -17.64 46.68 44.09
N VAL F 10 -17.37 47.25 42.92
CA VAL F 10 -18.36 47.44 41.88
C VAL F 10 -18.17 46.45 40.73
N LEU F 11 -17.37 45.40 40.93
CA LEU F 11 -17.09 44.44 39.89
C LEU F 11 -17.55 43.04 40.31
N PRO F 12 -17.90 42.18 39.35
CA PRO F 12 -18.32 40.81 39.64
C PRO F 12 -17.18 39.92 40.10
N ILE F 73 -2.51 53.33 24.29
CA ILE F 73 -3.96 53.46 24.32
C ILE F 73 -4.38 54.79 23.68
N LEU F 74 -4.72 54.76 22.41
CA LEU F 74 -5.08 55.98 21.68
C LEU F 74 -6.55 56.35 21.81
N VAL F 88 -10.71 44.72 26.01
CA VAL F 88 -11.68 45.80 26.23
C VAL F 88 -11.43 46.41 27.61
N GLY F 89 -11.89 47.64 27.81
CA GLY F 89 -11.68 48.31 29.08
C GLY F 89 -12.38 49.64 29.13
N SER F 90 -12.25 50.29 30.28
CA SER F 90 -12.82 51.61 30.53
C SER F 90 -11.90 52.35 31.49
N LEU F 91 -11.77 53.65 31.28
CA LEU F 91 -10.91 54.50 32.10
C LEU F 91 -11.76 55.55 32.81
N THR F 92 -11.31 55.94 34.00
CA THR F 92 -12.02 56.98 34.74
C THR F 92 -11.04 57.77 35.58
N HIS F 93 -11.46 58.98 35.96
CA HIS F 93 -10.64 59.88 36.77
C HIS F 93 -11.49 60.91 37.50
N ARG F 109 -17.88 41.64 27.14
CA ARG F 109 -18.29 42.16 25.84
C ARG F 109 -17.84 43.58 25.68
N SER F 110 -17.99 44.35 26.75
CA SER F 110 -17.75 45.77 26.90
C SER F 110 -17.61 46.07 28.38
N VAL F 111 -16.93 47.18 28.69
CA VAL F 111 -16.77 47.64 30.08
C VAL F 111 -17.13 49.12 30.16
N GLY F 112 -17.79 49.50 31.26
CA GLY F 112 -18.08 50.90 31.55
C GLY F 112 -17.84 51.25 33.01
N ILE F 113 -17.08 52.32 33.24
CA ILE F 113 -16.66 52.70 34.59
C ILE F 113 -16.85 54.20 34.78
N ASP F 114 -16.91 54.59 36.06
CA ASP F 114 -16.90 56.00 36.43
C ASP F 114 -16.51 56.12 37.90
N ALA F 115 -15.89 57.25 38.22
CA ALA F 115 -15.60 57.63 39.59
C ALA F 115 -15.88 59.11 39.72
N GLU F 116 -16.57 59.48 40.78
CA GLU F 116 -16.88 60.88 41.03
C GLU F 116 -16.78 61.13 42.52
N PRO F 117 -16.50 62.38 42.94
CA PRO F 117 -16.44 62.69 44.37
C PRO F 117 -17.83 62.65 44.99
N HIS F 118 -17.90 62.14 46.22
CA HIS F 118 -19.20 62.00 46.87
C HIS F 118 -19.62 63.38 47.36
N ASP F 119 -19.93 64.24 46.40
CA ASP F 119 -20.36 65.61 46.67
C ASP F 119 -21.65 65.91 45.92
N VAL F 120 -22.26 67.04 46.29
CA VAL F 120 -23.42 67.56 45.57
C VAL F 120 -23.06 67.95 44.14
N LEU F 121 -24.02 67.68 43.25
CA LEU F 121 -23.85 68.00 41.85
C LEU F 121 -23.79 69.52 41.63
N PRO F 122 -22.91 69.99 40.70
CA PRO F 122 -22.91 71.43 40.43
C PRO F 122 -24.29 71.88 39.97
N ASN F 123 -24.67 73.09 40.38
CA ASN F 123 -26.01 73.58 40.10
C ASN F 123 -26.29 73.67 38.60
N THR F 141 -35.78 56.15 47.81
CA THR F 141 -35.25 54.79 47.71
C THR F 141 -33.83 54.75 48.28
N MET F 142 -33.10 55.87 48.10
CA MET F 142 -31.76 56.11 48.61
C MET F 142 -31.76 56.58 50.06
N PRO F 143 -30.81 56.09 50.85
CA PRO F 143 -30.67 56.59 52.23
C PRO F 143 -30.34 58.07 52.23
N ALA F 144 -30.60 58.71 53.38
CA ALA F 144 -30.37 60.14 53.51
C ALA F 144 -28.88 60.49 53.42
N ALA F 145 -28.00 59.59 53.86
CA ALA F 145 -26.57 59.86 53.94
C ALA F 145 -25.87 59.85 52.58
N LEU F 146 -26.58 59.70 51.47
CA LEU F 146 -25.96 59.56 50.16
C LEU F 146 -26.38 60.68 49.23
N HIS F 147 -25.43 61.19 48.45
CA HIS F 147 -25.71 62.18 47.42
C HIS F 147 -26.39 61.47 46.25
N TRP F 148 -27.69 61.26 46.39
CA TRP F 148 -28.45 60.55 45.36
C TRP F 148 -28.32 61.22 44.01
N ASP F 149 -28.07 62.53 43.99
CA ASP F 149 -27.95 63.25 42.73
C ASP F 149 -26.65 62.88 42.00
N ARG F 150 -25.54 62.76 42.74
CA ARG F 150 -24.25 62.48 42.12
C ARG F 150 -24.16 61.03 41.68
N ILE F 151 -24.66 60.10 42.49
CA ILE F 151 -24.60 58.67 42.16
C ILE F 151 -25.40 58.36 40.90
N LEU F 152 -26.52 59.07 40.69
CA LEU F 152 -27.24 58.94 39.43
C LEU F 152 -26.33 59.27 38.25
N PHE F 153 -25.67 60.44 38.31
CA PHE F 153 -24.80 60.86 37.21
C PHE F 153 -23.67 59.86 37.01
N CYS F 154 -23.18 59.27 38.10
CA CYS F 154 -22.07 58.32 37.98
C CYS F 154 -22.49 57.10 37.18
N ALA F 155 -23.71 56.59 37.43
CA ALA F 155 -24.24 55.48 36.65
C ALA F 155 -24.35 55.84 35.18
N LYS F 156 -24.82 57.05 34.88
CA LYS F 156 -25.01 57.46 33.49
C LYS F 156 -23.68 57.48 32.74
N GLU F 157 -22.65 58.07 33.35
CA GLU F 157 -21.36 58.16 32.68
C GLU F 157 -20.80 56.78 32.36
N ALA F 158 -20.86 55.87 33.32
CA ALA F 158 -20.38 54.52 33.09
C ALA F 158 -21.26 53.75 32.12
N THR F 159 -22.49 54.20 31.87
CA THR F 159 -23.41 53.45 31.02
C THR F 159 -23.18 53.76 29.55
N TYR F 160 -22.90 55.03 29.22
CA TYR F 160 -22.58 55.35 27.83
C TYR F 160 -21.20 54.81 27.48
N LYS F 161 -20.30 54.76 28.46
CA LYS F 161 -19.00 54.15 28.21
C LYS F 161 -19.08 52.66 27.94
N ALA F 162 -20.14 51.98 28.39
CA ALA F 162 -20.34 50.58 28.07
C ALA F 162 -21.23 50.37 26.86
N TRP F 163 -22.00 51.38 26.46
CA TRP F 163 -22.94 51.27 25.35
C TRP F 163 -22.31 51.78 24.06
N TRP F 170 -24.53 57.80 20.42
CA TRP F 170 -24.62 58.80 21.50
C TRP F 170 -25.67 58.34 22.47
N LEU F 171 -25.33 58.25 23.75
CA LEU F 171 -26.33 57.93 24.77
C LEU F 171 -26.35 59.15 25.67
N GLY F 172 -27.19 60.11 25.30
CA GLY F 172 -27.38 61.29 26.12
C GLY F 172 -27.96 60.94 27.47
N PHE F 173 -28.23 61.96 28.28
CA PHE F 173 -28.67 61.68 29.64
C PHE F 173 -30.16 61.37 29.74
N GLU F 174 -30.96 61.85 28.78
CA GLU F 174 -32.38 61.52 28.73
C GLU F 174 -32.67 60.18 28.05
N ASP F 175 -31.67 59.55 27.44
CA ASP F 175 -31.87 58.27 26.75
C ASP F 175 -31.76 57.07 27.67
N ALA F 176 -31.20 57.23 28.87
CA ALA F 176 -30.94 56.11 29.79
C ALA F 176 -31.72 56.34 31.07
N HIS F 177 -32.71 55.50 31.32
CA HIS F 177 -33.41 55.46 32.60
C HIS F 177 -32.75 54.42 33.50
N ILE F 178 -32.23 54.86 34.65
CA ILE F 178 -31.63 53.96 35.62
C ILE F 178 -32.58 53.79 36.79
N THR F 179 -32.46 52.65 37.47
CA THR F 179 -33.23 52.37 38.69
C THR F 179 -32.29 51.79 39.72
N PHE F 180 -32.36 52.30 40.95
CA PHE F 180 -31.37 52.00 41.97
C PHE F 180 -31.95 51.16 43.12
N GLU F 181 -31.06 50.42 43.78
CA GLU F 181 -31.37 49.66 44.99
C GLU F 181 -30.16 49.67 45.92
N THR F 182 -30.43 49.68 47.22
CA THR F 182 -29.40 49.84 48.23
C THR F 182 -29.35 48.60 49.11
N ASP F 183 -28.17 48.31 49.66
CA ASP F 183 -27.93 47.12 50.45
C ASP F 183 -27.96 47.45 51.94
N SER F 184 -27.64 46.45 52.78
CA SER F 184 -27.58 46.64 54.23
C SER F 184 -26.65 47.78 54.61
N THR F 185 -25.41 47.75 54.08
CA THR F 185 -24.34 48.62 54.57
C THR F 185 -24.60 50.10 54.35
N GLY F 186 -25.62 50.46 53.55
CA GLY F 186 -25.96 51.85 53.33
C GLY F 186 -25.07 52.57 52.33
N TRP F 187 -23.97 51.97 51.92
CA TRP F 187 -23.02 52.60 51.01
C TRP F 187 -22.70 51.76 49.79
N THR F 188 -23.08 50.49 49.77
CA THR F 188 -23.07 49.66 48.57
C THR F 188 -24.45 49.64 47.94
N GLY F 189 -24.52 49.12 46.72
CA GLY F 189 -25.82 49.05 46.06
C GLY F 189 -25.70 48.51 44.65
N ARG F 190 -26.85 48.51 43.98
CA ARG F 190 -27.01 47.95 42.65
C ARG F 190 -27.98 48.82 41.86
N PHE F 191 -27.70 49.01 40.58
CA PHE F 191 -28.60 49.75 39.69
C PHE F 191 -28.77 48.99 38.38
N VAL F 192 -29.83 49.33 37.66
CA VAL F 192 -30.13 48.74 36.35
C VAL F 192 -30.47 49.87 35.39
N SER F 193 -29.77 49.92 34.27
CA SER F 193 -29.92 50.98 33.27
C SER F 193 -30.66 50.44 32.06
N ARG F 194 -31.71 51.16 31.65
CA ARG F 194 -32.55 50.77 30.52
C ARG F 194 -32.58 51.90 29.49
N ILE F 195 -32.28 51.57 28.24
CA ILE F 195 -32.15 52.55 27.17
C ILE F 195 -33.51 52.85 26.57
N PRO F 206 -29.94 42.52 21.15
CA PRO F 206 -30.03 43.94 21.47
C PRO F 206 -29.18 44.33 22.66
N LEU F 207 -29.13 45.64 22.94
CA LEU F 207 -28.60 46.17 24.20
C LEU F 207 -29.62 47.16 24.74
N THR F 208 -30.65 46.64 25.41
CA THR F 208 -31.68 47.47 25.99
C THR F 208 -31.60 47.57 27.50
N THR F 209 -30.96 46.59 28.16
CA THR F 209 -30.79 46.60 29.60
C THR F 209 -29.33 46.41 29.97
N LEU F 210 -28.83 47.27 30.85
CA LEU F 210 -27.48 47.18 31.39
C LEU F 210 -27.63 47.24 32.91
N ARG F 211 -26.94 46.36 33.61
CA ARG F 211 -27.11 46.25 35.04
C ARG F 211 -25.73 46.43 35.67
N GLY F 212 -25.67 47.29 36.69
CA GLY F 212 -24.40 47.69 37.26
C GLY F 212 -24.44 47.69 38.77
N ARG F 213 -23.27 47.90 39.35
CA ARG F 213 -23.11 47.91 40.80
C ARG F 213 -22.47 49.24 41.20
N TRP F 214 -23.07 49.90 42.19
CA TRP F 214 -22.64 51.19 42.68
C TRP F 214 -22.20 51.07 44.13
N SER F 215 -21.08 51.73 44.45
CA SER F 215 -20.55 51.74 45.81
C SER F 215 -19.97 53.10 46.18
N LEU F 220 -15.62 59.24 47.64
CA LEU F 220 -15.79 58.98 46.22
C LEU F 220 -17.02 58.12 45.94
N VAL F 221 -17.43 58.08 44.68
CA VAL F 221 -18.46 57.17 44.20
C VAL F 221 -17.87 56.38 43.05
N LEU F 222 -17.78 55.06 43.22
CA LEU F 222 -17.39 54.17 42.14
C LEU F 222 -18.62 53.46 41.59
N THR F 223 -18.69 53.38 40.26
CA THR F 223 -19.73 52.64 39.59
C THR F 223 -19.10 51.88 38.42
N ALA F 224 -19.73 50.78 38.04
CA ALA F 224 -19.20 49.96 36.96
C ALA F 224 -20.33 49.18 36.32
N ILE F 225 -20.18 48.95 35.01
CA ILE F 225 -21.05 48.02 34.28
C ILE F 225 -20.15 47.05 33.54
N VAL F 226 -20.39 45.76 33.74
CA VAL F 226 -19.69 44.70 33.04
C VAL F 226 -20.76 43.88 32.34
N LEU F 227 -20.85 44.01 31.01
CA LEU F 227 -21.92 43.36 30.26
C LEU F 227 -21.75 41.86 30.08
N THR G 5 -8.60 6.51 -66.58
CA THR G 5 -8.84 5.86 -65.30
C THR G 5 -9.87 6.61 -64.47
N LEU G 6 -10.47 5.91 -63.50
CA LEU G 6 -11.46 6.50 -62.61
C LEU G 6 -10.84 7.20 -61.42
N VAL G 7 -9.84 6.59 -60.79
CA VAL G 7 -9.27 7.11 -59.56
C VAL G 7 -8.56 8.45 -59.78
N ALA G 8 -8.22 8.79 -61.02
CA ALA G 8 -7.57 10.06 -61.28
C ALA G 8 -8.47 11.24 -60.91
N SER G 9 -9.78 11.03 -60.85
CA SER G 9 -10.71 12.09 -60.47
C SER G 9 -10.71 12.39 -58.97
N VAL G 10 -10.08 11.54 -58.15
CA VAL G 10 -9.98 11.79 -56.72
C VAL G 10 -8.53 11.95 -56.28
N LEU G 11 -7.61 12.14 -57.21
CA LEU G 11 -6.21 12.39 -56.92
C LEU G 11 -5.79 13.77 -57.42
N PRO G 12 -4.76 14.38 -56.83
CA PRO G 12 -4.27 15.67 -57.34
C PRO G 12 -3.49 15.52 -58.64
N ASP G 18 4.59 12.34 -58.65
CA ASP G 18 5.24 11.21 -58.01
C ASP G 18 4.21 10.40 -57.25
N LEU G 19 3.04 10.24 -57.84
CA LEU G 19 1.98 9.41 -57.28
C LEU G 19 1.55 8.49 -58.40
N ALA G 20 1.79 7.20 -58.24
CA ALA G 20 1.46 6.28 -59.31
C ALA G 20 0.19 5.53 -58.93
N TYR G 21 -0.57 5.16 -59.96
CA TYR G 21 -1.79 4.40 -59.78
C TYR G 21 -1.98 3.43 -60.93
N ALA G 22 -2.81 2.43 -60.67
CA ALA G 22 -3.16 1.43 -61.67
C ALA G 22 -4.44 0.75 -61.22
N GLU G 23 -5.41 0.64 -62.12
CA GLU G 23 -6.72 0.10 -61.75
C GLU G 23 -7.21 -0.83 -62.85
N LEU G 24 -8.11 -1.74 -62.45
CA LEU G 24 -8.74 -2.68 -63.36
C LEU G 24 -10.19 -2.85 -62.94
N TYR G 25 -11.00 -3.38 -63.85
CA TYR G 25 -12.42 -3.57 -63.62
C TYR G 25 -12.82 -5.04 -63.64
N SER G 26 -11.86 -5.95 -63.80
CA SER G 26 -12.12 -7.37 -63.71
C SER G 26 -10.84 -8.04 -63.23
N ASP G 27 -10.93 -9.34 -62.94
CA ASP G 27 -9.75 -10.11 -62.56
C ASP G 27 -9.11 -10.66 -63.83
N PRO G 28 -7.94 -10.21 -64.23
CA PRO G 28 -7.30 -10.74 -65.44
C PRO G 28 -7.01 -12.21 -65.29
N PRO G 29 -7.36 -13.02 -66.30
CA PRO G 29 -7.04 -14.45 -66.23
C PRO G 29 -5.53 -14.68 -66.20
N GLY G 30 -5.11 -15.70 -65.46
CA GLY G 30 -3.73 -16.14 -65.47
C GLY G 30 -2.82 -15.48 -64.45
N LEU G 31 -3.30 -14.48 -63.71
CA LEU G 31 -2.47 -13.80 -62.75
C LEU G 31 -2.20 -14.70 -61.55
N THR G 32 -0.98 -14.66 -61.04
CA THR G 32 -0.56 -15.52 -59.95
C THR G 32 -0.11 -14.70 -58.75
N PRO G 33 -0.22 -15.24 -57.54
CA PRO G 33 0.48 -14.63 -56.42
C PRO G 33 1.95 -14.99 -56.46
N LEU G 34 2.75 -14.05 -55.99
CA LEU G 34 4.18 -14.28 -55.84
C LEU G 34 4.40 -15.37 -54.79
N PRO G 35 5.54 -16.08 -54.84
CA PRO G 35 5.73 -17.21 -53.91
C PRO G 35 5.60 -16.85 -52.44
N GLU G 36 6.08 -15.67 -52.04
CA GLU G 36 5.99 -15.28 -50.64
C GLU G 36 4.57 -14.95 -50.23
N GLU G 37 3.73 -14.50 -51.18
CA GLU G 37 2.34 -14.17 -50.92
C GLU G 37 1.41 -15.37 -50.99
N ALA G 38 1.88 -16.52 -51.48
CA ALA G 38 1.02 -17.68 -51.61
C ALA G 38 0.39 -18.16 -50.30
N PRO G 39 1.12 -18.26 -49.17
CA PRO G 39 0.46 -18.74 -47.94
C PRO G 39 -0.72 -17.89 -47.50
N LEU G 40 -0.73 -16.61 -47.86
CA LEU G 40 -1.79 -15.72 -47.38
C LEU G 40 -3.15 -16.08 -47.94
N ILE G 41 -3.21 -16.84 -49.03
CA ILE G 41 -4.48 -17.19 -49.65
C ILE G 41 -4.59 -18.68 -49.91
N ALA G 42 -3.85 -19.50 -49.13
CA ALA G 42 -3.98 -20.95 -49.25
C ALA G 42 -5.41 -21.40 -48.94
N ARG G 43 -6.02 -20.79 -47.93
CA ARG G 43 -7.43 -20.88 -47.60
C ARG G 43 -8.10 -19.83 -48.48
N SER G 44 -9.07 -19.07 -47.98
CA SER G 44 -9.53 -17.91 -48.75
C SER G 44 -10.32 -18.25 -50.01
N VAL G 45 -11.65 -18.34 -49.84
CA VAL G 45 -12.63 -18.43 -50.91
C VAL G 45 -12.21 -17.66 -52.16
N ALA G 46 -12.49 -18.25 -53.33
CA ALA G 46 -11.96 -17.76 -54.60
C ALA G 46 -12.27 -16.27 -54.85
N LYS G 47 -13.40 -15.76 -54.38
CA LYS G 47 -13.67 -14.33 -54.56
C LYS G 47 -12.55 -13.49 -53.97
N ARG G 48 -11.94 -13.96 -52.90
CA ARG G 48 -10.89 -13.21 -52.23
C ARG G 48 -9.51 -13.55 -52.76
N ARG G 49 -9.32 -14.73 -53.33
CA ARG G 49 -8.09 -15.01 -54.06
C ARG G 49 -7.94 -14.04 -55.24
N ASN G 50 -9.04 -13.74 -55.92
CA ASN G 50 -8.97 -12.87 -57.10
C ASN G 50 -8.68 -11.43 -56.70
N GLU G 51 -9.37 -10.92 -55.68
CA GLU G 51 -9.12 -9.57 -55.21
C GLU G 51 -7.70 -9.43 -54.68
N PHE G 52 -7.22 -10.42 -53.94
CA PHE G 52 -5.85 -10.38 -53.43
C PHE G 52 -4.84 -10.28 -54.57
N ILE G 53 -5.04 -11.06 -55.64
CA ILE G 53 -4.04 -11.12 -56.70
C ILE G 53 -4.11 -9.89 -57.61
N THR G 54 -5.33 -9.51 -58.02
CA THR G 54 -5.46 -8.37 -58.94
C THR G 54 -4.95 -7.09 -58.30
N VAL G 55 -5.24 -6.88 -57.02
CA VAL G 55 -4.67 -5.74 -56.29
C VAL G 55 -3.15 -5.77 -56.34
N ARG G 56 -2.54 -6.92 -56.09
CA ARG G 56 -1.09 -6.98 -56.12
C ARG G 56 -0.54 -6.78 -57.52
N HIS G 57 -1.33 -7.12 -58.55
CA HIS G 57 -0.94 -6.80 -59.92
C HIS G 57 -1.07 -5.31 -60.23
N CYS G 58 -2.14 -4.67 -59.74
CA CYS G 58 -2.26 -3.22 -59.89
C CYS G 58 -1.19 -2.49 -59.08
N ALA G 59 -0.91 -2.99 -57.87
CA ALA G 59 0.06 -2.32 -57.01
C ALA G 59 1.45 -2.34 -57.62
N ARG G 60 1.82 -3.45 -58.27
CA ARG G 60 3.17 -3.57 -58.82
C ARG G 60 3.32 -2.87 -60.16
N ILE G 61 2.22 -2.60 -60.87
CA ILE G 61 2.28 -1.68 -62.00
C ILE G 61 2.61 -0.28 -61.52
N ALA G 62 1.94 0.17 -60.46
CA ALA G 62 2.22 1.49 -59.90
C ALA G 62 3.62 1.51 -59.30
N LEU G 63 4.03 0.42 -58.65
CA LEU G 63 5.37 0.31 -58.10
C LEU G 63 6.46 0.34 -59.17
N ASP G 64 6.15 -0.14 -60.38
CA ASP G 64 7.13 -0.11 -61.46
C ASP G 64 7.36 1.30 -61.98
N GLN G 65 6.32 2.13 -62.01
CA GLN G 65 6.45 3.49 -62.53
C GLN G 65 7.11 4.45 -61.54
N LEU G 66 7.37 4.02 -60.31
CA LEU G 66 8.19 4.78 -59.37
C LEU G 66 9.60 4.20 -59.24
N GLY G 67 9.97 3.28 -60.12
CA GLY G 67 11.30 2.70 -60.09
C GLY G 67 11.49 1.60 -59.09
N VAL G 68 10.41 1.02 -58.58
CA VAL G 68 10.48 -0.04 -57.57
C VAL G 68 10.22 -1.37 -58.27
N PRO G 69 11.16 -2.31 -58.22
CA PRO G 69 10.93 -3.62 -58.87
C PRO G 69 9.94 -4.45 -58.11
N PRO G 70 9.31 -5.44 -58.76
CA PRO G 70 8.27 -6.23 -58.09
C PRO G 70 8.74 -6.84 -56.78
N ALA G 71 7.97 -6.63 -55.73
CA ALA G 71 8.26 -7.07 -54.37
C ALA G 71 6.99 -7.61 -53.76
N PRO G 72 7.10 -8.49 -52.75
CA PRO G 72 5.89 -9.03 -52.11
C PRO G 72 5.10 -7.97 -51.37
N ILE G 73 3.77 -8.05 -51.46
CA ILE G 73 2.89 -7.18 -50.70
C ILE G 73 2.19 -8.04 -49.65
N LEU G 74 2.77 -8.13 -48.46
CA LEU G 74 2.23 -8.94 -47.39
C LEU G 74 1.24 -8.11 -46.56
N LYS G 75 0.78 -8.66 -45.44
CA LYS G 75 -0.21 -8.00 -44.60
C LYS G 75 0.27 -8.03 -43.15
N GLY G 76 0.25 -6.87 -42.51
CA GLY G 76 0.71 -6.75 -41.14
C GLY G 76 -0.39 -6.36 -40.17
N ASP G 77 -0.09 -5.37 -39.31
CA ASP G 77 -1.00 -4.93 -38.26
C ASP G 77 -2.42 -4.73 -38.79
N LYS G 78 -3.36 -5.50 -38.24
CA LYS G 78 -4.76 -5.47 -38.64
C LYS G 78 -4.95 -5.72 -40.14
N GLY G 79 -4.00 -6.43 -40.74
CA GLY G 79 -4.07 -6.72 -42.16
C GLY G 79 -3.66 -5.58 -43.07
N GLU G 80 -3.02 -4.55 -42.53
CA GLU G 80 -2.57 -3.44 -43.35
C GLU G 80 -1.52 -3.93 -44.34
N PRO G 81 -1.67 -3.60 -45.62
CA PRO G 81 -0.67 -4.07 -46.61
C PRO G 81 0.71 -3.47 -46.37
N CYS G 82 1.72 -4.32 -46.54
CA CYS G 82 3.12 -3.91 -46.41
C CYS G 82 3.69 -3.53 -47.77
N TRP G 83 4.49 -2.47 -47.78
CA TRP G 83 5.04 -1.85 -48.97
C TRP G 83 6.56 -1.87 -48.97
N PRO G 84 7.09 -1.73 -50.20
CA PRO G 84 8.52 -1.66 -50.29
C PRO G 84 9.03 -0.46 -49.58
N ASP G 85 10.31 -0.44 -49.27
CA ASP G 85 10.83 0.65 -48.51
C ASP G 85 10.75 1.97 -49.22
N GLY G 86 10.47 3.03 -48.48
CA GLY G 86 10.44 4.36 -49.03
C GLY G 86 9.14 4.53 -49.68
N MET G 87 8.28 3.57 -49.48
CA MET G 87 6.99 3.56 -50.17
C MET G 87 5.82 3.53 -49.19
N VAL G 88 4.73 4.18 -49.59
CA VAL G 88 3.44 4.04 -48.93
C VAL G 88 2.40 3.84 -50.02
N GLY G 89 1.25 3.32 -49.62
CA GLY G 89 0.20 3.08 -50.60
C GLY G 89 -1.09 2.64 -49.95
N SER G 90 -2.09 2.44 -50.80
CA SER G 90 -3.41 2.01 -50.35
C SER G 90 -4.05 1.16 -51.43
N LEU G 91 -4.79 0.13 -51.02
CA LEU G 91 -5.44 -0.80 -51.92
C LEU G 91 -6.95 -0.77 -51.71
N THR G 92 -7.69 -1.02 -52.79
CA THR G 92 -9.14 -1.06 -52.70
C THR G 92 -9.70 -2.04 -53.72
N HIS G 93 -10.93 -2.49 -53.44
CA HIS G 93 -11.63 -3.42 -54.31
C HIS G 93 -13.12 -3.33 -54.01
N CYS G 94 -13.91 -3.71 -54.99
CA CYS G 94 -15.37 -3.82 -54.86
C CYS G 94 -15.88 -4.57 -56.08
N ALA G 95 -17.20 -4.71 -56.16
CA ALA G 95 -17.85 -5.52 -57.20
C ALA G 95 -17.66 -4.87 -58.57
N GLY G 96 -16.47 -5.05 -59.13
CA GLY G 96 -16.20 -4.56 -60.46
C GLY G 96 -15.04 -3.58 -60.53
N TYR G 97 -14.16 -3.62 -59.53
CA TYR G 97 -13.07 -2.66 -59.48
C TYR G 97 -11.93 -3.24 -58.65
N ARG G 98 -10.70 -3.00 -59.13
CA ARG G 98 -9.49 -3.22 -58.35
C ARG G 98 -8.56 -2.05 -58.63
N GLY G 99 -7.96 -1.52 -57.58
CA GLY G 99 -7.16 -0.31 -57.73
C GLY G 99 -6.08 -0.22 -56.69
N ALA G 100 -5.00 0.49 -57.05
CA ALA G 100 -3.90 0.76 -56.15
C ALA G 100 -3.37 2.15 -56.43
N VAL G 101 -2.91 2.81 -55.37
CA VAL G 101 -2.27 4.12 -55.44
C VAL G 101 -1.02 4.04 -54.58
N VAL G 102 0.10 4.48 -55.13
CA VAL G 102 1.37 4.38 -54.44
C VAL G 102 2.02 5.75 -54.60
N GLY G 103 2.85 6.08 -53.63
CA GLY G 103 3.47 7.39 -53.67
C GLY G 103 4.79 7.38 -52.95
N ARG G 104 5.73 8.23 -53.28
CA ARG G 104 7.01 8.13 -52.58
C ARG G 104 7.01 8.83 -51.25
N ARG G 105 7.70 8.29 -50.28
CA ARG G 105 7.62 8.87 -48.94
C ARG G 105 8.17 10.29 -48.91
N ASP G 106 9.20 10.56 -49.69
CA ASP G 106 9.75 11.87 -49.80
C ASP G 106 8.83 12.91 -50.43
N ALA G 107 7.57 12.58 -50.65
CA ALA G 107 6.61 13.47 -51.30
C ALA G 107 5.17 13.38 -50.77
N VAL G 108 4.80 12.15 -50.40
CA VAL G 108 3.47 11.78 -49.92
C VAL G 108 3.60 11.08 -48.57
N ARG G 109 3.13 11.73 -47.52
CA ARG G 109 3.22 11.11 -46.20
C ARG G 109 2.37 9.85 -46.11
N SER G 110 1.19 9.85 -46.74
CA SER G 110 0.29 8.70 -46.65
C SER G 110 -0.72 8.74 -47.79
N VAL G 111 -1.25 7.55 -48.12
CA VAL G 111 -2.28 7.39 -49.14
C VAL G 111 -3.41 6.55 -48.57
N GLY G 112 -4.65 6.97 -48.85
CA GLY G 112 -5.83 6.19 -48.52
C GLY G 112 -6.88 6.29 -49.59
N ILE G 113 -7.36 5.16 -50.09
CA ILE G 113 -8.35 5.12 -51.17
C ILE G 113 -9.43 4.10 -50.84
N ASP G 114 -10.59 4.27 -51.48
CA ASP G 114 -11.63 3.27 -51.39
C ASP G 114 -12.51 3.35 -52.63
N ALA G 115 -13.02 2.20 -53.03
CA ALA G 115 -13.98 2.09 -54.14
C ALA G 115 -15.15 1.23 -53.70
N GLU G 116 -16.35 1.68 -54.03
CA GLU G 116 -17.59 1.00 -53.68
C GLU G 116 -18.57 1.13 -54.84
N PRO G 117 -19.49 0.19 -54.99
CA PRO G 117 -20.57 0.40 -55.96
C PRO G 117 -21.50 1.52 -55.48
N HIS G 118 -21.97 2.32 -56.43
CA HIS G 118 -22.84 3.45 -56.10
C HIS G 118 -24.28 2.97 -55.87
N ASP G 119 -24.46 2.25 -54.77
CA ASP G 119 -25.77 1.75 -54.36
C ASP G 119 -25.98 2.12 -52.89
N VAL G 120 -27.25 2.11 -52.46
CA VAL G 120 -27.54 2.34 -51.05
C VAL G 120 -26.81 1.32 -50.17
N LEU G 121 -26.46 1.76 -48.96
CA LEU G 121 -25.76 0.89 -48.03
C LEU G 121 -26.67 -0.25 -47.60
N PRO G 122 -26.11 -1.40 -47.22
CA PRO G 122 -26.98 -2.47 -46.71
C PRO G 122 -27.60 -2.03 -45.39
N ASN G 123 -28.75 -2.61 -45.05
CA ASN G 123 -29.42 -2.20 -43.81
C ASN G 123 -28.60 -2.55 -42.56
N GLY G 124 -28.36 -1.49 -41.79
CA GLY G 124 -27.61 -1.46 -40.55
C GLY G 124 -26.25 -0.83 -40.70
N VAL G 125 -25.74 -0.69 -41.92
CA VAL G 125 -24.39 -0.14 -42.06
C VAL G 125 -24.41 1.37 -41.84
N LEU G 126 -25.42 2.07 -42.38
CA LEU G 126 -25.50 3.52 -42.17
C LEU G 126 -25.58 3.86 -40.70
N ASP G 127 -26.20 2.98 -39.92
CA ASP G 127 -26.37 3.23 -38.50
C ASP G 127 -25.05 3.10 -37.74
N ALA G 128 -24.20 2.15 -38.15
CA ALA G 128 -22.92 1.96 -37.47
C ALA G 128 -22.02 3.19 -37.63
N ILE G 129 -22.07 3.83 -38.79
CA ILE G 129 -21.23 5.01 -39.05
C ILE G 129 -22.02 6.29 -38.82
N HIS G 147 -26.22 8.56 -53.80
CA HIS G 147 -26.28 7.78 -52.58
C HIS G 147 -25.31 8.35 -51.54
N TRP G 148 -25.78 9.38 -50.83
CA TRP G 148 -24.98 10.04 -49.81
C TRP G 148 -24.49 9.07 -48.73
N ASP G 149 -25.28 8.05 -48.40
CA ASP G 149 -24.86 7.08 -47.41
C ASP G 149 -23.63 6.29 -47.87
N ARG G 150 -23.65 5.83 -49.12
CA ARG G 150 -22.53 5.06 -49.63
C ARG G 150 -21.29 5.92 -49.83
N ILE G 151 -21.47 7.19 -50.19
CA ILE G 151 -20.31 8.09 -50.29
C ILE G 151 -19.72 8.38 -48.92
N LEU G 152 -20.57 8.50 -47.89
CA LEU G 152 -20.07 8.68 -46.53
C LEU G 152 -19.26 7.48 -46.06
N PHE G 153 -19.76 6.27 -46.35
CA PHE G 153 -19.01 5.05 -46.03
C PHE G 153 -17.66 5.05 -46.74
N CYS G 154 -17.66 5.34 -48.04
CA CYS G 154 -16.43 5.31 -48.82
C CYS G 154 -15.44 6.36 -48.33
N ALA G 155 -15.93 7.53 -47.96
CA ALA G 155 -15.05 8.61 -47.49
C ALA G 155 -14.41 8.27 -46.15
N LYS G 156 -15.12 7.55 -45.29
CA LYS G 156 -14.55 7.20 -43.99
C LYS G 156 -13.48 6.12 -44.14
N GLU G 157 -13.68 5.15 -45.04
CA GLU G 157 -12.64 4.16 -45.30
C GLU G 157 -11.38 4.84 -45.83
N ALA G 158 -11.55 5.83 -46.71
CA ALA G 158 -10.40 6.59 -47.20
C ALA G 158 -9.67 7.30 -46.07
N THR G 159 -10.32 7.48 -44.92
CA THR G 159 -9.72 8.26 -43.84
C THR G 159 -8.84 7.40 -42.95
N TYR G 160 -9.36 6.27 -42.44
CA TYR G 160 -8.51 5.41 -41.62
C TYR G 160 -7.47 4.68 -42.45
N LYS G 161 -7.64 4.59 -43.77
CA LYS G 161 -6.60 3.98 -44.60
C LYS G 161 -5.41 4.92 -44.77
N ALA G 162 -5.63 6.23 -44.65
CA ALA G 162 -4.54 7.18 -44.64
C ALA G 162 -4.03 7.46 -43.23
N TRP G 163 -4.90 7.36 -42.22
CA TRP G 163 -4.55 7.74 -40.86
C TRP G 163 -3.80 6.63 -40.15
N PHE G 164 -4.25 5.39 -40.28
CA PHE G 164 -3.65 4.28 -39.55
C PHE G 164 -2.17 4.07 -39.86
N PRO G 165 -1.71 4.08 -41.12
CA PRO G 165 -0.28 3.81 -41.37
C PRO G 165 0.68 4.80 -40.71
N LEU G 166 0.20 5.99 -40.32
CA LEU G 166 1.03 7.00 -39.67
C LEU G 166 0.89 7.03 -38.16
N THR G 167 -0.25 6.57 -37.61
CA THR G 167 -0.46 6.52 -36.18
C THR G 167 -0.47 5.10 -35.63
N LYS G 168 -0.82 4.12 -36.47
CA LYS G 168 -0.98 2.71 -36.09
C LYS G 168 -2.02 2.54 -35.00
N ARG G 169 -2.99 3.43 -35.00
CA ARG G 169 -4.13 3.36 -34.10
C ARG G 169 -5.45 3.30 -34.82
N TRP G 170 -6.40 2.64 -34.16
CA TRP G 170 -7.68 2.34 -34.77
C TRP G 170 -8.58 3.57 -34.73
N LEU G 171 -9.32 3.77 -35.81
CA LEU G 171 -10.12 4.97 -36.02
C LEU G 171 -11.50 4.49 -36.44
N GLY G 172 -12.43 4.43 -35.49
CA GLY G 172 -13.60 3.58 -35.63
C GLY G 172 -14.90 4.20 -36.09
N PHE G 173 -14.86 5.10 -37.08
CA PHE G 173 -16.05 5.66 -37.74
C PHE G 173 -16.82 6.67 -36.91
N GLU G 174 -16.59 6.72 -35.59
CA GLU G 174 -17.03 7.85 -34.80
C GLU G 174 -15.91 8.83 -34.55
N ASP G 175 -14.71 8.27 -34.41
CA ASP G 175 -13.44 8.99 -34.38
C ASP G 175 -13.33 10.09 -35.44
N ALA G 176 -14.03 9.94 -36.56
CA ALA G 176 -13.89 10.84 -37.71
C ALA G 176 -15.21 11.53 -38.04
N HIS G 177 -15.15 12.85 -38.21
CA HIS G 177 -16.28 13.65 -38.68
C HIS G 177 -15.93 14.24 -40.03
N ILE G 178 -16.80 14.03 -41.03
CA ILE G 178 -16.51 14.37 -42.41
C ILE G 178 -17.63 15.26 -42.97
N THR G 179 -17.24 16.30 -43.69
CA THR G 179 -18.15 17.22 -44.36
C THR G 179 -17.76 17.33 -45.83
N PHE G 180 -18.76 17.46 -46.70
CA PHE G 180 -18.57 17.38 -48.15
C PHE G 180 -18.95 18.69 -48.84
N GLU G 181 -18.19 19.03 -49.88
CA GLU G 181 -18.64 19.94 -50.92
C GLU G 181 -19.08 19.10 -52.13
N THR G 182 -19.76 19.75 -53.07
CA THR G 182 -20.07 19.10 -54.34
C THR G 182 -19.86 20.12 -55.45
N ASP G 183 -19.16 19.70 -56.51
CA ASP G 183 -18.78 20.58 -57.59
C ASP G 183 -19.97 20.91 -58.49
N SER G 184 -19.74 21.78 -59.47
CA SER G 184 -20.76 22.09 -60.47
C SER G 184 -21.25 20.82 -61.15
N THR G 185 -20.32 19.98 -61.60
CA THR G 185 -20.67 18.64 -62.08
C THR G 185 -21.15 17.82 -60.89
N GLY G 186 -22.46 17.65 -60.78
CA GLY G 186 -23.06 17.26 -59.52
C GLY G 186 -22.80 15.82 -59.10
N TRP G 187 -21.71 15.23 -59.60
CA TRP G 187 -21.29 13.90 -59.21
C TRP G 187 -19.90 13.85 -58.60
N THR G 188 -19.13 14.94 -58.66
CA THR G 188 -17.80 15.01 -58.10
C THR G 188 -17.76 16.08 -57.01
N GLY G 189 -16.95 15.84 -56.00
CA GLY G 189 -16.77 16.81 -54.93
C GLY G 189 -15.52 16.53 -54.13
N ARG G 190 -15.57 16.90 -52.85
CA ARG G 190 -14.41 16.82 -51.97
C ARG G 190 -14.93 16.80 -50.53
N PHE G 191 -14.03 16.47 -49.60
CA PHE G 191 -14.41 16.37 -48.20
C PHE G 191 -13.21 16.64 -47.30
N VAL G 192 -13.50 16.85 -46.02
CA VAL G 192 -12.50 17.10 -44.99
C VAL G 192 -12.85 16.25 -43.78
N SER G 193 -11.85 15.55 -43.23
CA SER G 193 -12.05 14.66 -42.10
C SER G 193 -11.48 15.30 -40.84
N ARG G 194 -12.33 15.45 -39.83
CA ARG G 194 -11.92 15.97 -38.53
C ARG G 194 -11.76 14.81 -37.55
N ILE G 195 -10.57 14.69 -36.98
CA ILE G 195 -10.27 13.59 -36.07
C ILE G 195 -10.72 14.00 -34.68
N LEU G 196 -11.57 13.18 -34.07
CA LEU G 196 -12.19 13.52 -32.80
C LEU G 196 -11.44 12.93 -31.60
N ILE G 197 -10.30 12.29 -31.85
CA ILE G 197 -9.50 11.73 -30.78
C ILE G 197 -8.05 12.18 -30.92
N ASP G 198 -7.20 11.62 -30.07
CA ASP G 198 -5.79 11.95 -30.07
C ASP G 198 -5.19 11.69 -31.46
N GLY G 199 -4.63 12.75 -32.06
CA GLY G 199 -4.02 12.75 -33.37
C GLY G 199 -2.50 12.64 -33.26
N SER G 200 -2.04 11.92 -32.26
CA SER G 200 -0.62 11.69 -32.09
C SER G 200 0.01 10.86 -33.22
N LEU G 207 -1.94 14.67 -36.59
CA LEU G 207 -3.03 14.67 -37.57
C LEU G 207 -4.38 14.89 -36.89
N THR G 208 -5.09 15.94 -37.31
CA THR G 208 -6.50 16.09 -37.01
C THR G 208 -7.33 16.51 -38.21
N THR G 209 -6.71 16.73 -39.36
CA THR G 209 -7.41 17.22 -40.54
C THR G 209 -6.88 16.50 -41.77
N LEU G 210 -7.80 16.02 -42.61
CA LEU G 210 -7.44 15.23 -43.79
C LEU G 210 -8.30 15.70 -44.96
N ARG G 211 -7.66 16.11 -46.04
CA ARG G 211 -8.34 16.61 -47.23
C ARG G 211 -8.24 15.61 -48.39
N GLY G 212 -9.39 15.36 -48.96
CA GLY G 212 -9.47 14.44 -50.04
C GLY G 212 -10.64 14.61 -50.94
N ARG G 213 -10.77 13.69 -51.87
CA ARG G 213 -11.77 13.86 -52.88
C ARG G 213 -12.75 12.78 -53.09
N TRP G 214 -13.92 13.15 -53.56
CA TRP G 214 -14.92 12.20 -53.87
C TRP G 214 -15.55 12.43 -55.21
N SER G 215 -15.85 11.38 -55.94
CA SER G 215 -16.56 11.48 -57.19
C SER G 215 -17.19 10.13 -57.44
N VAL G 216 -18.41 10.13 -57.95
CA VAL G 216 -18.98 8.92 -58.52
C VAL G 216 -18.64 8.93 -60.01
N GLU G 217 -18.00 7.87 -60.46
CA GLU G 217 -17.53 7.69 -61.81
C GLU G 217 -18.00 6.29 -62.13
N ARG G 218 -18.52 6.05 -63.34
CA ARG G 218 -19.28 4.82 -63.57
C ARG G 218 -20.08 4.36 -62.33
N GLY G 219 -20.84 3.29 -62.45
CA GLY G 219 -21.68 2.90 -61.31
C GLY G 219 -20.97 2.63 -60.00
N LEU G 220 -19.71 3.08 -59.89
CA LEU G 220 -18.91 2.99 -58.68
C LEU G 220 -18.86 4.35 -57.99
N VAL G 221 -18.20 4.40 -56.84
CA VAL G 221 -17.87 5.65 -56.16
C VAL G 221 -16.43 5.54 -55.66
N LEU G 222 -15.68 6.63 -55.83
CA LEU G 222 -14.26 6.65 -55.51
C LEU G 222 -13.96 7.77 -54.51
N THR G 223 -13.10 7.47 -53.54
CA THR G 223 -12.60 8.45 -52.59
C THR G 223 -11.10 8.25 -52.43
N ALA G 224 -10.39 9.34 -52.15
CA ALA G 224 -8.95 9.25 -51.97
C ALA G 224 -8.46 10.40 -51.11
N ILE G 225 -7.43 10.12 -50.31
CA ILE G 225 -6.72 11.13 -49.53
C ILE G 225 -5.23 10.99 -49.81
N VAL G 226 -4.58 12.11 -50.16
CA VAL G 226 -3.16 12.15 -50.42
C VAL G 226 -2.53 13.17 -49.47
N LEU G 227 -1.69 12.68 -48.56
CA LEU G 227 -1.03 13.50 -47.54
C LEU G 227 0.38 13.83 -48.04
N ALA G 228 0.51 14.97 -48.72
CA ALA G 228 1.81 15.47 -49.17
C ALA G 228 2.89 15.35 -48.09
N GLY G 229 4.13 15.15 -48.53
CA GLY G 229 5.32 15.08 -47.68
C GLY G 229 5.26 15.57 -46.25
N THR H 5 -24.06 -38.53 -33.59
CA THR H 5 -23.12 -38.40 -34.68
C THR H 5 -23.61 -39.44 -35.67
N LEU H 6 -24.07 -40.53 -35.07
CA LEU H 6 -24.86 -41.59 -35.66
C LEU H 6 -26.00 -41.76 -34.67
N VAL H 7 -25.70 -41.51 -33.38
CA VAL H 7 -26.72 -41.45 -32.35
C VAL H 7 -27.56 -40.19 -32.48
N ALA H 8 -27.01 -39.15 -33.13
CA ALA H 8 -27.81 -37.94 -33.33
C ALA H 8 -29.01 -38.24 -34.20
N SER H 9 -28.90 -39.25 -35.08
CA SER H 9 -30.01 -39.65 -35.92
C SER H 9 -31.18 -40.18 -35.11
N VAL H 10 -30.96 -40.58 -33.86
CA VAL H 10 -32.01 -41.10 -32.99
C VAL H 10 -32.23 -40.23 -31.76
N LEU H 11 -31.61 -39.06 -31.71
CA LEU H 11 -31.73 -38.19 -30.54
C LEU H 11 -32.49 -36.91 -30.86
N GLU H 17 -28.32 -28.26 -24.91
CA GLU H 17 -27.70 -27.65 -23.73
C GLU H 17 -27.65 -28.64 -22.57
N ASP H 18 -28.76 -29.36 -22.41
CA ASP H 18 -28.90 -30.39 -21.39
C ASP H 18 -28.21 -31.71 -21.76
N LEU H 19 -28.22 -32.08 -23.04
CA LEU H 19 -27.80 -33.41 -23.47
C LEU H 19 -26.59 -33.32 -24.40
N ALA H 20 -25.56 -34.11 -24.08
CA ALA H 20 -24.38 -34.30 -24.93
C ALA H 20 -24.26 -35.77 -25.31
N TYR H 21 -23.30 -36.07 -26.20
CA TYR H 21 -23.12 -37.44 -26.67
C TYR H 21 -21.76 -37.55 -27.36
N ALA H 22 -21.22 -38.77 -27.35
CA ALA H 22 -19.97 -39.08 -28.04
C ALA H 22 -19.97 -40.55 -28.43
N GLU H 23 -19.33 -40.84 -29.57
CA GLU H 23 -19.29 -42.22 -30.06
C GLU H 23 -18.00 -42.47 -30.83
N LEU H 24 -17.54 -43.72 -30.76
CA LEU H 24 -16.37 -44.20 -31.51
C LEU H 24 -16.73 -45.52 -32.20
N TYR H 25 -15.92 -45.91 -33.18
CA TYR H 25 -16.19 -47.09 -34.00
C TYR H 25 -15.10 -48.14 -33.87
N SER H 26 -14.27 -48.03 -32.84
CA SER H 26 -13.14 -48.92 -32.62
C SER H 26 -12.66 -48.68 -31.20
N ASP H 27 -11.65 -49.46 -30.80
CA ASP H 27 -11.06 -49.29 -29.49
C ASP H 27 -9.78 -48.49 -29.64
N PRO H 28 -9.73 -47.23 -29.25
CA PRO H 28 -8.53 -46.47 -29.46
C PRO H 28 -7.35 -47.08 -28.72
N PRO H 29 -6.18 -47.06 -29.33
CA PRO H 29 -4.99 -47.59 -28.67
C PRO H 29 -4.54 -46.75 -27.48
N GLY H 30 -4.73 -47.28 -26.28
CA GLY H 30 -4.09 -46.76 -25.09
C GLY H 30 -5.03 -46.50 -23.93
N LEU H 31 -6.30 -46.22 -24.20
CA LEU H 31 -7.24 -45.82 -23.16
C LEU H 31 -7.15 -46.68 -21.91
N THR H 32 -6.89 -46.03 -20.80
CA THR H 32 -6.75 -46.64 -19.49
C THR H 32 -7.95 -46.28 -18.63
N PRO H 33 -8.47 -47.21 -17.84
CA PRO H 33 -9.54 -46.85 -16.90
C PRO H 33 -8.99 -46.00 -15.78
N LEU H 34 -9.91 -45.43 -15.00
CA LEU H 34 -9.51 -44.71 -13.83
C LEU H 34 -8.86 -45.68 -12.84
N PRO H 35 -8.06 -45.17 -11.90
CA PRO H 35 -7.60 -46.03 -10.80
C PRO H 35 -8.74 -46.66 -10.04
N GLU H 36 -9.87 -45.96 -9.89
CA GLU H 36 -11.03 -46.54 -9.23
C GLU H 36 -11.92 -47.36 -10.16
N GLU H 37 -11.66 -47.32 -11.47
CA GLU H 37 -12.36 -48.20 -12.40
C GLU H 37 -11.60 -49.49 -12.67
N ALA H 38 -10.28 -49.48 -12.52
CA ALA H 38 -9.47 -50.66 -12.79
C ALA H 38 -9.90 -51.93 -12.06
N PRO H 39 -10.30 -51.89 -10.78
CA PRO H 39 -10.74 -53.14 -10.14
C PRO H 39 -11.90 -53.83 -10.83
N LEU H 40 -12.77 -53.10 -11.50
CA LEU H 40 -13.96 -53.70 -12.09
C LEU H 40 -13.65 -54.58 -13.30
N ILE H 41 -12.45 -54.50 -13.86
CA ILE H 41 -12.13 -55.26 -15.07
C ILE H 41 -10.77 -55.94 -14.91
N ALA H 42 -10.37 -56.22 -13.67
CA ALA H 42 -9.10 -56.89 -13.44
C ALA H 42 -9.11 -58.32 -13.97
N ARG H 43 -10.22 -59.03 -13.82
CA ARG H 43 -10.31 -60.41 -14.31
C ARG H 43 -11.31 -60.54 -15.45
N SER H 44 -11.44 -59.49 -16.25
CA SER H 44 -12.27 -59.51 -17.46
C SER H 44 -11.39 -59.73 -18.69
N VAL H 45 -11.98 -60.35 -19.71
CA VAL H 45 -11.24 -60.71 -20.91
C VAL H 45 -10.98 -59.48 -21.77
N ALA H 46 -10.13 -59.64 -22.79
CA ALA H 46 -9.67 -58.50 -23.58
C ALA H 46 -10.85 -57.75 -24.21
N LYS H 47 -11.78 -58.48 -24.81
CA LYS H 47 -12.99 -57.86 -25.35
C LYS H 47 -13.68 -57.00 -24.31
N ARG H 48 -13.79 -57.50 -23.08
CA ARG H 48 -14.58 -56.79 -22.07
C ARG H 48 -13.86 -55.54 -21.58
N ARG H 49 -12.55 -55.61 -21.36
CA ARG H 49 -11.84 -54.40 -20.91
C ARG H 49 -11.88 -53.31 -21.96
N ASN H 50 -11.69 -53.68 -23.23
CA ASN H 50 -11.68 -52.68 -24.30
C ASN H 50 -13.04 -52.00 -24.43
N GLU H 51 -14.13 -52.76 -24.43
CA GLU H 51 -15.43 -52.11 -24.52
C GLU H 51 -15.90 -51.54 -23.19
N PHE H 52 -15.29 -51.93 -22.07
CA PHE H 52 -15.52 -51.22 -20.81
C PHE H 52 -14.79 -49.87 -20.81
N ILE H 53 -13.56 -49.84 -21.31
CA ILE H 53 -12.79 -48.60 -21.30
C ILE H 53 -13.28 -47.64 -22.37
N THR H 54 -13.52 -48.15 -23.58
CA THR H 54 -13.87 -47.28 -24.70
C THR H 54 -15.22 -46.62 -24.51
N VAL H 55 -16.22 -47.36 -24.01
CA VAL H 55 -17.53 -46.75 -23.81
C VAL H 55 -17.46 -45.72 -22.70
N ARG H 56 -16.55 -45.89 -21.74
CA ARG H 56 -16.42 -44.95 -20.64
C ARG H 56 -15.59 -43.73 -21.02
N HIS H 57 -14.74 -43.86 -22.03
CA HIS H 57 -14.06 -42.69 -22.59
C HIS H 57 -15.05 -41.81 -23.33
N CYS H 58 -16.00 -42.42 -24.02
CA CYS H 58 -17.08 -41.65 -24.65
C CYS H 58 -17.96 -40.99 -23.60
N ALA H 59 -18.24 -41.71 -22.50
CA ALA H 59 -19.16 -41.19 -21.49
C ALA H 59 -18.62 -39.92 -20.84
N ARG H 60 -17.32 -39.85 -20.61
CA ARG H 60 -16.74 -38.69 -19.94
C ARG H 60 -16.43 -37.55 -20.92
N ILE H 61 -16.30 -37.84 -22.22
CA ILE H 61 -16.22 -36.77 -23.20
C ILE H 61 -17.53 -35.99 -23.23
N ALA H 62 -18.66 -36.70 -23.21
CA ALA H 62 -19.96 -36.03 -23.18
C ALA H 62 -20.17 -35.30 -21.86
N LEU H 63 -19.73 -35.89 -20.75
CA LEU H 63 -19.87 -35.23 -19.46
C LEU H 63 -19.03 -33.95 -19.39
N ASP H 64 -17.90 -33.93 -20.09
CA ASP H 64 -17.10 -32.72 -20.12
C ASP H 64 -17.81 -31.61 -20.88
N GLN H 65 -18.58 -31.96 -21.91
CA GLN H 65 -19.36 -30.99 -22.66
C GLN H 65 -20.45 -30.37 -21.80
N LEU H 66 -20.83 -31.04 -20.71
CA LEU H 66 -21.88 -30.57 -19.83
C LEU H 66 -21.34 -29.93 -18.56
N GLY H 67 -20.03 -29.74 -18.45
CA GLY H 67 -19.45 -29.01 -17.34
C GLY H 67 -19.11 -29.82 -16.10
N VAL H 68 -18.97 -31.13 -16.20
CA VAL H 68 -18.72 -32.00 -15.07
C VAL H 68 -17.33 -32.61 -15.22
N PRO H 69 -16.43 -32.44 -14.25
CA PRO H 69 -15.08 -32.98 -14.38
C PRO H 69 -15.09 -34.50 -14.25
N PRO H 70 -14.06 -35.18 -14.77
CA PRO H 70 -14.05 -36.64 -14.76
C PRO H 70 -14.24 -37.22 -13.36
N ILE H 73 -17.15 -43.72 -13.20
CA ILE H 73 -18.41 -44.28 -13.69
C ILE H 73 -18.35 -45.75 -13.32
N LEU H 74 -19.15 -46.17 -12.38
CA LEU H 74 -19.08 -47.53 -11.98
C LEU H 74 -20.39 -48.25 -12.06
N LYS H 75 -20.44 -49.46 -11.55
CA LYS H 75 -21.61 -50.27 -11.65
C LYS H 75 -22.31 -50.66 -10.39
N GLY H 76 -23.60 -50.39 -10.37
CA GLY H 76 -24.41 -50.79 -9.25
C GLY H 76 -25.52 -51.60 -9.88
N ASP H 77 -26.44 -52.11 -9.09
CA ASP H 77 -27.55 -52.90 -9.58
C ASP H 77 -27.32 -54.00 -10.57
N LYS H 78 -28.27 -54.33 -11.41
CA LYS H 78 -28.21 -55.42 -12.30
C LYS H 78 -27.26 -54.95 -13.36
N GLY H 79 -26.21 -54.34 -12.95
CA GLY H 79 -25.19 -53.74 -13.79
C GLY H 79 -25.33 -52.27 -14.15
N GLU H 80 -26.37 -51.56 -13.69
CA GLU H 80 -26.62 -50.20 -14.19
C GLU H 80 -25.48 -49.23 -13.87
N PRO H 81 -25.03 -48.43 -14.84
CA PRO H 81 -24.03 -47.39 -14.54
C PRO H 81 -24.60 -46.36 -13.56
N CYS H 82 -23.71 -45.80 -12.73
CA CYS H 82 -24.12 -45.05 -11.55
C CYS H 82 -24.44 -43.56 -11.79
N TRP H 83 -23.64 -42.82 -12.57
CA TRP H 83 -23.90 -41.43 -12.99
C TRP H 83 -24.00 -40.42 -11.85
N PRO H 84 -22.90 -39.66 -11.52
CA PRO H 84 -22.95 -38.53 -10.56
C PRO H 84 -24.12 -37.59 -10.78
N ASP H 85 -24.55 -36.80 -9.78
CA ASP H 85 -25.70 -35.95 -10.05
C ASP H 85 -25.36 -35.05 -11.24
N VAL H 88 -28.32 -38.46 -15.48
CA VAL H 88 -28.78 -39.74 -16.01
C VAL H 88 -27.96 -40.07 -17.25
N GLY H 89 -27.99 -41.33 -17.70
CA GLY H 89 -27.25 -41.67 -18.89
C GLY H 89 -27.49 -43.11 -19.30
N SER H 90 -26.87 -43.46 -20.43
CA SER H 90 -26.95 -44.81 -20.99
C SER H 90 -25.67 -45.10 -21.75
N LEU H 91 -25.20 -46.35 -21.66
CA LEU H 91 -24.02 -46.80 -22.37
C LEU H 91 -24.41 -47.94 -23.31
N THR H 92 -23.72 -48.03 -24.44
CA THR H 92 -24.01 -49.10 -25.38
C THR H 92 -22.74 -49.48 -26.13
N HIS H 93 -22.74 -50.69 -26.67
CA HIS H 93 -21.60 -51.22 -27.42
C HIS H 93 -22.09 -52.36 -28.31
N CYS H 94 -21.32 -52.62 -29.35
CA CYS H 94 -21.53 -53.77 -30.24
C CYS H 94 -20.25 -53.97 -31.05
N ALA H 95 -20.28 -54.88 -32.02
CA ALA H 95 -19.06 -55.34 -32.68
C ALA H 95 -18.28 -54.21 -33.33
N GLY H 96 -18.95 -53.17 -33.80
CA GLY H 96 -18.22 -52.08 -34.41
C GLY H 96 -18.54 -50.71 -33.86
N TYR H 97 -19.05 -50.63 -32.64
CA TYR H 97 -19.54 -49.37 -32.15
C TYR H 97 -19.49 -49.29 -30.62
N ARG H 98 -19.15 -48.10 -30.12
CA ARG H 98 -19.29 -47.74 -28.72
C ARG H 98 -19.84 -46.33 -28.63
N GLY H 99 -20.81 -46.11 -27.74
CA GLY H 99 -21.49 -44.83 -27.67
C GLY H 99 -22.01 -44.57 -26.28
N ALA H 100 -22.15 -43.28 -25.95
CA ALA H 100 -22.72 -42.88 -24.67
C ALA H 100 -23.54 -41.60 -24.86
N VAL H 101 -24.61 -41.49 -24.07
CA VAL H 101 -25.46 -40.31 -24.03
C VAL H 101 -25.73 -39.97 -22.57
N VAL H 102 -25.47 -38.72 -22.19
CA VAL H 102 -25.62 -38.27 -20.80
C VAL H 102 -26.41 -36.97 -20.78
N GLY H 103 -27.09 -36.72 -19.65
CA GLY H 103 -27.92 -35.54 -19.53
C GLY H 103 -28.19 -35.13 -18.09
N ARG H 104 -28.73 -33.92 -17.96
CA ARG H 104 -29.06 -33.29 -16.68
C ARG H 104 -30.50 -33.60 -16.29
N ARG H 105 -30.68 -33.94 -15.02
CA ARG H 105 -31.94 -34.45 -14.50
C ARG H 105 -33.13 -33.48 -14.60
N ASP H 106 -32.90 -32.16 -14.64
CA ASP H 106 -34.06 -31.26 -14.76
C ASP H 106 -34.87 -31.46 -16.04
N ALA H 107 -34.21 -31.64 -17.19
CA ALA H 107 -34.95 -31.85 -18.43
C ALA H 107 -35.05 -33.28 -18.88
N VAL H 108 -34.07 -34.12 -18.55
CA VAL H 108 -34.08 -35.49 -18.99
C VAL H 108 -34.22 -36.38 -17.76
N ARG H 109 -35.39 -37.00 -17.65
CA ARG H 109 -35.66 -37.89 -16.53
C ARG H 109 -34.79 -39.13 -16.60
N SER H 110 -34.58 -39.65 -17.81
CA SER H 110 -33.78 -40.85 -18.03
C SER H 110 -33.32 -40.89 -19.48
N VAL H 111 -32.28 -41.68 -19.72
CA VAL H 111 -31.76 -41.93 -21.06
C VAL H 111 -31.57 -43.43 -21.21
N GLY H 112 -31.96 -43.95 -22.38
CA GLY H 112 -31.69 -45.33 -22.73
C GLY H 112 -31.35 -45.48 -24.19
N ILE H 113 -30.21 -46.13 -24.50
CA ILE H 113 -29.75 -46.30 -25.87
C ILE H 113 -29.28 -47.73 -26.06
N ASP H 114 -29.23 -48.15 -27.32
CA ASP H 114 -28.66 -49.44 -27.68
C ASP H 114 -28.19 -49.39 -29.12
N ALA H 115 -27.12 -50.14 -29.40
CA ALA H 115 -26.61 -50.31 -30.75
C ALA H 115 -26.36 -51.79 -31.02
N GLU H 116 -26.77 -52.24 -32.20
CA GLU H 116 -26.63 -53.62 -32.63
C GLU H 116 -26.26 -53.64 -34.11
N PRO H 117 -25.58 -54.69 -34.56
CA PRO H 117 -25.38 -54.86 -36.00
C PRO H 117 -26.69 -55.19 -36.69
N HIS H 118 -26.86 -54.67 -37.91
CA HIS H 118 -28.08 -54.89 -38.68
C HIS H 118 -28.04 -56.28 -39.31
N ASP H 119 -28.17 -57.28 -38.45
CA ASP H 119 -28.21 -58.67 -38.87
C ASP H 119 -29.42 -59.34 -38.23
N VAL H 120 -29.82 -60.46 -38.82
CA VAL H 120 -30.89 -61.26 -38.24
C VAL H 120 -30.50 -61.63 -36.81
N LEU H 121 -31.50 -61.69 -35.93
CA LEU H 121 -31.23 -62.06 -34.56
C LEU H 121 -30.68 -63.47 -34.49
N PRO H 122 -29.90 -63.78 -33.47
CA PRO H 122 -29.44 -65.17 -33.33
C PRO H 122 -30.62 -66.11 -33.20
N ASN H 123 -30.36 -67.33 -33.57
CA ASN H 123 -31.37 -68.31 -33.54
C ASN H 123 -32.04 -68.49 -32.26
N GLY H 124 -33.32 -68.43 -32.35
CA GLY H 124 -34.13 -68.68 -31.16
C GLY H 124 -34.35 -67.53 -30.19
N VAL H 125 -33.74 -66.36 -30.40
CA VAL H 125 -33.84 -65.25 -29.42
C VAL H 125 -35.05 -64.34 -29.66
N LEU H 126 -35.43 -64.12 -30.93
CA LEU H 126 -36.61 -63.33 -31.25
C LEU H 126 -37.84 -63.79 -30.46
N ASP H 127 -37.92 -65.07 -30.14
CA ASP H 127 -39.07 -65.58 -29.41
C ASP H 127 -39.00 -65.19 -27.94
N ALA H 128 -37.80 -65.19 -27.34
CA ALA H 128 -37.69 -64.87 -25.93
C ALA H 128 -38.00 -63.40 -25.66
N ILE H 129 -37.60 -62.53 -26.61
CA ILE H 129 -37.72 -61.08 -26.43
C ILE H 129 -39.06 -60.50 -26.85
N SER H 130 -39.96 -61.30 -27.39
CA SER H 130 -41.08 -60.68 -28.10
C SER H 130 -42.39 -61.34 -27.73
N LEU H 131 -43.46 -60.68 -28.16
CA LEU H 131 -44.84 -61.02 -27.93
C LEU H 131 -45.49 -61.58 -29.21
N PRO H 132 -46.57 -62.36 -29.09
CA PRO H 132 -47.24 -62.85 -30.31
C PRO H 132 -47.74 -61.73 -31.20
N ALA H 133 -47.98 -60.54 -30.65
CA ALA H 133 -48.50 -59.42 -31.44
C ALA H 133 -47.39 -58.74 -32.23
N GLU H 134 -46.32 -58.32 -31.54
CA GLU H 134 -45.18 -57.70 -32.19
C GLU H 134 -44.68 -58.48 -33.42
N ARG H 135 -44.75 -59.82 -33.39
CA ARG H 135 -44.30 -60.53 -34.58
C ARG H 135 -45.38 -60.62 -35.65
N ALA H 136 -46.64 -60.44 -35.27
CA ALA H 136 -47.71 -60.35 -36.26
C ALA H 136 -47.89 -58.94 -36.78
N ASP H 137 -47.58 -57.93 -35.97
CA ASP H 137 -47.78 -56.53 -36.32
C ASP H 137 -46.58 -55.94 -37.06
N MET H 138 -45.41 -55.97 -36.42
CA MET H 138 -44.29 -55.15 -36.87
C MET H 138 -43.83 -55.44 -38.29
N PRO H 139 -43.66 -56.70 -38.73
CA PRO H 139 -43.24 -56.92 -40.13
C PRO H 139 -44.27 -56.49 -41.16
N ARG H 140 -45.47 -56.11 -40.74
CA ARG H 140 -46.52 -55.72 -41.68
C ARG H 140 -46.46 -54.26 -42.09
N THR H 141 -45.61 -53.46 -41.43
CA THR H 141 -45.48 -52.04 -41.75
C THR H 141 -44.04 -51.57 -41.92
N MET H 142 -43.06 -52.48 -41.93
CA MET H 142 -41.68 -52.09 -42.10
C MET H 142 -41.09 -52.69 -43.36
N PRO H 143 -40.29 -51.94 -44.11
CA PRO H 143 -39.78 -52.44 -45.39
C PRO H 143 -38.98 -53.72 -45.25
N ALA H 144 -38.92 -54.48 -46.34
CA ALA H 144 -38.26 -55.77 -46.35
C ALA H 144 -36.74 -55.68 -46.25
N ALA H 145 -36.17 -54.47 -46.37
CA ALA H 145 -34.74 -54.33 -46.22
C ALA H 145 -34.29 -54.51 -44.78
N LEU H 146 -35.17 -54.20 -43.83
CA LEU H 146 -34.79 -54.13 -42.42
C LEU H 146 -35.07 -55.46 -41.73
N HIS H 147 -34.12 -55.91 -40.91
CA HIS H 147 -34.31 -57.04 -40.01
C HIS H 147 -35.13 -56.54 -38.83
N TRP H 148 -36.47 -56.64 -38.96
CA TRP H 148 -37.34 -56.08 -37.94
C TRP H 148 -37.09 -56.73 -36.57
N ASP H 149 -36.73 -58.01 -36.54
CA ASP H 149 -36.46 -58.69 -35.28
C ASP H 149 -35.28 -58.06 -34.55
N ARG H 150 -34.23 -57.70 -35.28
CA ARG H 150 -33.08 -57.05 -34.66
C ARG H 150 -33.45 -55.67 -34.13
N ILE H 151 -34.29 -54.95 -34.90
CA ILE H 151 -34.78 -53.63 -34.48
C ILE H 151 -35.71 -53.77 -33.28
N LEU H 152 -36.50 -54.84 -33.26
CA LEU H 152 -37.31 -55.16 -32.08
C LEU H 152 -36.42 -55.29 -30.83
N PHE H 153 -35.36 -56.09 -30.94
CA PHE H 153 -34.47 -56.31 -29.80
C PHE H 153 -33.79 -55.02 -29.38
N CYS H 154 -33.25 -54.26 -30.35
CA CYS H 154 -32.49 -53.05 -30.05
C CYS H 154 -33.36 -52.01 -29.34
N ALA H 155 -34.63 -51.89 -29.74
CA ALA H 155 -35.52 -50.95 -29.09
C ALA H 155 -35.92 -51.44 -27.70
N LYS H 156 -36.16 -52.73 -27.55
CA LYS H 156 -36.45 -53.27 -26.22
C LYS H 156 -35.30 -53.09 -25.24
N GLU H 157 -34.05 -53.16 -25.71
CA GLU H 157 -32.94 -52.93 -24.81
C GLU H 157 -32.85 -51.47 -24.40
N ALA H 158 -33.18 -50.56 -25.33
CA ALA H 158 -33.18 -49.14 -25.00
C ALA H 158 -34.32 -48.78 -24.06
N THR H 159 -35.42 -49.54 -24.10
CA THR H 159 -36.53 -49.27 -23.19
C THR H 159 -36.14 -49.55 -21.74
N TYR H 160 -35.59 -50.72 -21.46
CA TYR H 160 -35.28 -51.04 -20.10
C TYR H 160 -34.25 -50.17 -19.51
N LYS H 161 -33.32 -49.76 -20.33
CA LYS H 161 -32.27 -48.89 -19.85
C LYS H 161 -32.78 -47.51 -19.45
N ALA H 162 -33.91 -47.08 -20.01
CA ALA H 162 -34.57 -45.85 -19.60
C ALA H 162 -35.50 -46.11 -18.42
N TRP H 163 -36.29 -47.18 -18.52
CA TRP H 163 -37.22 -47.55 -17.45
C TRP H 163 -36.51 -47.77 -16.12
N PHE H 164 -35.46 -48.61 -16.12
CA PHE H 164 -34.93 -49.13 -14.85
C PHE H 164 -34.47 -48.05 -13.88
N PRO H 165 -33.75 -47.00 -14.28
CA PRO H 165 -33.40 -45.96 -13.30
C PRO H 165 -34.61 -45.32 -12.64
N LEU H 166 -35.71 -45.13 -13.38
CA LEU H 166 -36.89 -44.50 -12.80
C LEU H 166 -37.49 -45.36 -11.70
N THR H 167 -37.97 -46.55 -12.06
CA THR H 167 -38.34 -47.57 -11.09
C THR H 167 -37.39 -48.75 -11.25
N LYS H 168 -36.74 -49.13 -10.16
CA LYS H 168 -35.70 -50.16 -10.21
C LYS H 168 -36.32 -51.55 -10.13
N ARG H 169 -37.23 -51.82 -11.07
CA ARG H 169 -37.83 -53.14 -11.24
C ARG H 169 -37.31 -53.75 -12.52
N TRP H 170 -37.31 -55.08 -12.56
CA TRP H 170 -36.96 -55.80 -13.79
C TRP H 170 -38.04 -55.57 -14.83
N LEU H 171 -37.68 -54.99 -15.96
CA LEU H 171 -38.59 -54.88 -17.09
C LEU H 171 -38.28 -56.03 -18.03
N GLY H 172 -39.05 -57.10 -17.92
CA GLY H 172 -38.89 -58.22 -18.83
C GLY H 172 -39.17 -57.82 -20.26
N PHE H 173 -38.76 -58.70 -21.17
CA PHE H 173 -38.95 -58.41 -22.58
C PHE H 173 -40.42 -58.45 -22.96
N GLU H 174 -41.16 -59.42 -22.43
CA GLU H 174 -42.59 -59.51 -22.67
C GLU H 174 -43.40 -58.61 -21.73
N ASP H 175 -42.73 -57.67 -21.07
CA ASP H 175 -43.37 -56.70 -20.20
C ASP H 175 -43.58 -55.35 -20.89
N ALA H 176 -43.32 -55.27 -22.19
CA ALA H 176 -43.39 -53.99 -22.89
C ALA H 176 -43.75 -54.25 -24.35
N HIS H 177 -44.97 -53.88 -24.74
CA HIS H 177 -45.38 -53.94 -26.13
C HIS H 177 -44.82 -52.74 -26.88
N ILE H 178 -44.28 -52.97 -28.07
CA ILE H 178 -43.59 -51.93 -28.81
C ILE H 178 -44.15 -51.87 -30.23
N THR H 179 -44.43 -50.66 -30.71
CA THR H 179 -45.02 -50.45 -32.02
C THR H 179 -44.16 -49.45 -32.78
N PHE H 180 -44.05 -49.66 -34.10
CA PHE H 180 -43.09 -48.92 -34.92
C PHE H 180 -43.79 -48.20 -36.07
N GLU H 181 -43.34 -46.98 -36.31
CA GLU H 181 -43.67 -46.23 -37.52
C GLU H 181 -42.38 -45.96 -38.29
N THR H 182 -42.45 -46.05 -39.61
CA THR H 182 -41.27 -45.96 -40.47
C THR H 182 -41.35 -44.69 -41.32
N ASP H 183 -40.29 -43.88 -41.24
CA ASP H 183 -40.21 -42.66 -42.04
C ASP H 183 -40.18 -43.01 -43.53
N SER H 184 -40.38 -41.98 -44.36
CA SER H 184 -40.53 -42.18 -45.80
C SER H 184 -39.22 -42.61 -46.46
N THR H 185 -38.08 -42.33 -45.82
CA THR H 185 -36.81 -42.74 -46.41
C THR H 185 -36.61 -44.25 -46.32
N GLY H 186 -37.19 -44.89 -45.30
CA GLY H 186 -37.19 -46.33 -45.19
C GLY H 186 -36.10 -46.92 -44.32
N TRP H 187 -35.28 -46.10 -43.68
CA TRP H 187 -34.20 -46.58 -42.83
C TRP H 187 -34.15 -45.88 -41.48
N THR H 188 -35.09 -45.00 -41.18
CA THR H 188 -35.25 -44.43 -39.86
C THR H 188 -36.72 -44.46 -39.49
N GLY H 189 -37.02 -44.16 -38.24
CA GLY H 189 -38.39 -44.18 -37.77
C GLY H 189 -38.46 -43.99 -36.27
N ARG H 190 -39.67 -44.17 -35.75
CA ARG H 190 -39.99 -43.97 -34.35
C ARG H 190 -40.69 -45.21 -33.81
N PHE H 191 -40.60 -45.40 -32.49
CA PHE H 191 -41.28 -46.50 -31.83
C PHE H 191 -41.87 -46.01 -30.51
N VAL H 192 -43.05 -46.57 -30.17
CA VAL H 192 -43.69 -46.41 -28.87
C VAL H 192 -43.52 -47.72 -28.09
N SER H 193 -43.01 -47.62 -26.86
CA SER H 193 -42.91 -48.77 -25.94
C SER H 193 -44.10 -48.74 -24.98
N ARG H 194 -45.14 -49.46 -25.36
CA ARG H 194 -46.33 -49.64 -24.53
C ARG H 194 -45.97 -50.59 -23.39
N ILE H 195 -45.90 -50.09 -22.15
CA ILE H 195 -45.56 -50.95 -21.01
C ILE H 195 -46.77 -51.79 -20.61
N LEU H 196 -46.52 -53.06 -20.32
CA LEU H 196 -47.58 -54.03 -20.06
C LEU H 196 -47.57 -54.57 -18.62
N ILE H 197 -46.95 -53.87 -17.68
CA ILE H 197 -46.95 -54.32 -16.29
C ILE H 197 -47.56 -53.18 -15.50
N ASP H 198 -46.98 -52.83 -14.37
CA ASP H 198 -47.42 -51.68 -13.61
C ASP H 198 -46.32 -50.64 -13.76
N GLY H 199 -46.70 -49.49 -14.30
CA GLY H 199 -45.79 -48.36 -14.36
C GLY H 199 -46.08 -47.62 -13.09
N SER H 200 -45.25 -47.88 -12.09
CA SER H 200 -45.39 -47.36 -10.74
C SER H 200 -44.06 -46.80 -10.30
N THR H 201 -43.54 -45.86 -11.09
CA THR H 201 -42.21 -45.34 -10.86
C THR H 201 -42.16 -44.60 -9.53
N LEU H 202 -40.95 -44.52 -8.98
CA LEU H 202 -40.74 -43.81 -7.71
C LEU H 202 -41.15 -42.35 -7.82
N SER H 203 -40.37 -41.54 -8.52
CA SER H 203 -40.73 -40.15 -8.72
C SER H 203 -41.61 -39.97 -9.96
N GLY H 204 -42.33 -38.86 -9.98
CA GLY H 204 -43.12 -38.47 -11.13
C GLY H 204 -44.34 -39.32 -11.36
N PRO H 205 -44.95 -39.17 -12.54
CA PRO H 205 -46.20 -39.88 -12.84
C PRO H 205 -45.92 -41.33 -13.21
N PRO H 206 -46.96 -42.15 -13.35
CA PRO H 206 -46.75 -43.50 -13.88
C PRO H 206 -46.35 -43.44 -15.34
N LEU H 207 -45.47 -44.38 -15.74
CA LEU H 207 -44.90 -44.26 -17.08
C LEU H 207 -45.83 -44.84 -18.15
N THR H 208 -45.89 -46.17 -18.22
CA THR H 208 -46.78 -46.89 -19.12
C THR H 208 -46.49 -46.64 -20.60
N THR H 209 -45.70 -45.61 -20.93
CA THR H 209 -45.49 -45.25 -22.32
C THR H 209 -44.10 -44.63 -22.48
N LEU H 210 -43.44 -45.00 -23.58
CA LEU H 210 -42.08 -44.56 -23.86
C LEU H 210 -41.97 -44.30 -25.36
N ARG H 211 -41.33 -43.19 -25.70
CA ARG H 211 -41.16 -42.79 -27.10
C ARG H 211 -39.68 -42.81 -27.46
N GLY H 212 -39.34 -43.53 -28.53
CA GLY H 212 -37.97 -43.66 -28.95
C GLY H 212 -37.83 -43.57 -30.45
N ARG H 213 -36.58 -43.42 -30.88
CA ARG H 213 -36.24 -43.29 -32.30
C ARG H 213 -35.31 -44.43 -32.70
N TRP H 214 -35.52 -44.95 -33.91
CA TRP H 214 -34.71 -46.04 -34.42
C TRP H 214 -34.13 -45.63 -35.77
N SER H 215 -32.88 -46.03 -36.00
CA SER H 215 -32.20 -45.78 -37.27
C SER H 215 -31.38 -47.00 -37.66
N VAL H 216 -31.28 -47.22 -38.96
CA VAL H 216 -30.44 -48.28 -39.52
C VAL H 216 -29.46 -47.61 -40.47
N GLU H 217 -28.20 -47.53 -40.06
CA GLU H 217 -27.17 -46.89 -40.87
C GLU H 217 -25.85 -47.61 -40.68
N ARG H 218 -25.05 -47.62 -41.75
CA ARG H 218 -23.66 -48.09 -41.70
C ARG H 218 -23.56 -49.50 -41.12
N GLY H 219 -24.51 -50.35 -41.49
CA GLY H 219 -24.55 -51.73 -41.04
C GLY H 219 -25.04 -51.95 -39.62
N LEU H 220 -25.46 -50.89 -38.93
CA LEU H 220 -25.85 -50.97 -37.54
C LEU H 220 -27.26 -50.43 -37.35
N VAL H 221 -27.90 -50.87 -36.28
CA VAL H 221 -29.19 -50.36 -35.84
C VAL H 221 -28.98 -49.67 -34.50
N LEU H 222 -29.47 -48.44 -34.40
CA LEU H 222 -29.34 -47.63 -33.19
C LEU H 222 -30.71 -47.19 -32.71
N THR H 223 -30.90 -47.23 -31.39
CA THR H 223 -32.12 -46.76 -30.75
C THR H 223 -31.75 -45.90 -29.55
N ALA H 224 -32.62 -44.94 -29.23
CA ALA H 224 -32.39 -44.05 -28.10
C ALA H 224 -33.72 -43.52 -27.60
N ILE H 225 -33.86 -43.41 -26.28
CA ILE H 225 -35.03 -42.82 -25.64
C ILE H 225 -34.57 -41.73 -24.69
N VAL H 226 -35.16 -40.54 -24.81
CA VAL H 226 -34.88 -39.41 -23.94
C VAL H 226 -36.21 -39.00 -23.30
N LEU H 227 -36.32 -39.15 -21.99
CA LEU H 227 -37.55 -38.85 -21.26
C LEU H 227 -37.51 -37.44 -20.71
N ALA H 228 -38.50 -36.62 -21.09
CA ALA H 228 -38.67 -35.28 -20.54
C ALA H 228 -38.70 -35.33 -19.01
N GLY H 229 -37.92 -34.45 -18.39
CA GLY H 229 -37.94 -34.33 -16.94
C GLY H 229 -39.01 -33.40 -16.44
N THR I 5 -6.61 10.39 12.71
CA THR I 5 -6.87 11.53 11.84
C THR I 5 -8.30 12.07 12.03
N LEU I 6 -8.44 13.38 11.92
CA LEU I 6 -9.75 14.01 12.10
C LEU I 6 -10.74 13.56 11.04
N VAL I 7 -10.31 13.52 9.77
CA VAL I 7 -11.20 13.18 8.67
C VAL I 7 -11.72 11.75 8.78
N ALA I 8 -11.07 10.91 9.59
CA ALA I 8 -11.55 9.55 9.79
C ALA I 8 -12.91 9.53 10.49
N SER I 9 -13.20 10.52 11.33
CA SER I 9 -14.40 10.56 12.14
C SER I 9 -15.67 10.89 11.35
N VAL I 10 -15.55 11.15 10.06
CA VAL I 10 -16.69 11.58 9.26
C VAL I 10 -16.80 10.66 8.04
N LEU I 11 -16.07 9.55 8.09
CA LEU I 11 -16.03 8.62 6.98
C LEU I 11 -16.62 7.28 7.38
N PRO I 12 -17.17 6.52 6.43
CA PRO I 12 -17.55 5.13 6.71
C PRO I 12 -16.33 4.22 6.78
N GLU I 17 -12.16 0.23 2.20
CA GLU I 17 -10.87 -0.36 1.83
C GLU I 17 -10.26 0.33 0.62
N ASP I 18 -11.09 0.59 -0.39
CA ASP I 18 -10.67 1.31 -1.58
C ASP I 18 -10.84 2.82 -1.45
N LEU I 19 -11.19 3.29 -0.26
CA LEU I 19 -11.21 4.71 0.06
C LEU I 19 -10.00 5.04 0.94
N ALA I 20 -9.31 6.13 0.62
CA ALA I 20 -8.12 6.52 1.36
C ALA I 20 -8.14 8.02 1.64
N TYR I 21 -7.23 8.46 2.50
CA TYR I 21 -7.22 9.83 2.98
C TYR I 21 -5.89 10.12 3.66
N ALA I 22 -5.65 11.41 3.93
CA ALA I 22 -4.53 11.92 4.71
C ALA I 22 -4.71 13.42 4.90
N GLU I 23 -4.15 13.95 5.99
CA GLU I 23 -4.21 15.39 6.25
C GLU I 23 -2.86 15.85 6.80
N LEU I 24 -2.69 17.18 6.82
CA LEU I 24 -1.57 17.81 7.49
C LEU I 24 -2.10 18.98 8.32
N TYR I 25 -1.37 19.34 9.38
CA TYR I 25 -1.77 20.41 10.30
C TYR I 25 -1.08 21.73 10.04
N SER I 26 -0.10 21.77 9.15
CA SER I 26 0.61 23.00 8.85
C SER I 26 1.23 22.83 7.47
N ASP I 27 2.17 23.71 7.14
CA ASP I 27 2.87 23.58 5.87
C ASP I 27 4.31 23.16 6.12
N PRO I 28 4.63 21.88 5.94
CA PRO I 28 6.03 21.44 6.01
C PRO I 28 6.86 22.13 4.93
N PRO I 29 8.07 22.55 5.27
CA PRO I 29 8.86 23.31 4.29
C PRO I 29 9.38 22.41 3.17
N THR I 32 7.08 20.88 -3.31
CA THR I 32 7.06 21.43 -4.66
C THR I 32 5.77 20.98 -5.35
N PRO I 33 5.30 21.74 -6.33
CA PRO I 33 4.26 21.22 -7.21
C PRO I 33 4.89 20.34 -8.27
N GLU I 36 3.69 20.27 -14.27
CA GLU I 36 2.44 20.66 -14.93
C GLU I 36 1.50 21.43 -14.01
N GLU I 37 1.86 21.59 -12.74
CA GLU I 37 1.05 22.33 -11.77
C GLU I 37 1.62 23.71 -11.45
N ALA I 38 2.90 23.93 -11.71
CA ALA I 38 3.52 25.22 -11.42
C ALA I 38 2.83 26.42 -12.07
N PRO I 39 2.36 26.36 -13.33
CA PRO I 39 1.64 27.51 -13.88
C PRO I 39 0.44 27.96 -13.05
N LEU I 40 -0.25 27.02 -12.40
CA LEU I 40 -1.44 27.34 -11.61
C LEU I 40 -1.10 28.14 -10.37
N ILE I 41 0.17 28.22 -9.98
CA ILE I 41 0.57 28.82 -8.71
C ILE I 41 1.56 29.96 -8.89
N ALA I 42 2.17 30.10 -10.07
CA ALA I 42 3.28 31.05 -10.27
C ALA I 42 2.97 32.42 -9.70
N ARG I 43 1.84 33.00 -10.08
CA ARG I 43 1.43 34.32 -9.60
C ARG I 43 0.52 34.25 -8.38
N SER I 44 0.34 33.06 -7.80
CA SER I 44 -0.53 32.91 -6.65
C SER I 44 0.11 33.50 -5.40
N VAL I 45 -0.74 33.73 -4.40
CA VAL I 45 -0.45 34.57 -3.24
C VAL I 45 0.37 33.74 -2.26
N ALA I 46 0.92 34.37 -1.23
CA ALA I 46 1.75 33.65 -0.26
C ALA I 46 0.94 32.57 0.46
N LYS I 47 -0.07 32.97 1.22
CA LYS I 47 -0.86 32.05 2.04
C LYS I 47 -1.85 31.24 1.23
N ARG I 48 -1.73 31.25 -0.10
CA ARG I 48 -2.45 30.34 -0.98
C ARG I 48 -1.52 29.41 -1.71
N ARG I 49 -0.28 29.82 -1.92
CA ARG I 49 0.74 28.92 -2.45
C ARG I 49 0.88 27.68 -1.59
N ASN I 50 0.89 27.86 -0.27
CA ASN I 50 1.09 26.74 0.64
C ASN I 50 -0.08 25.76 0.58
N GLU I 51 -1.30 26.28 0.73
CA GLU I 51 -2.49 25.43 0.73
C GLU I 51 -2.59 24.61 -0.55
N PHE I 52 -2.31 25.24 -1.69
CA PHE I 52 -2.38 24.55 -2.97
C PHE I 52 -1.49 23.31 -2.95
N ILE I 53 -0.22 23.48 -2.57
CA ILE I 53 0.74 22.37 -2.61
C ILE I 53 0.52 21.39 -1.47
N THR I 54 0.25 21.89 -0.25
CA THR I 54 0.10 21.01 0.92
C THR I 54 -1.05 20.04 0.72
N VAL I 55 -2.19 20.55 0.25
CA VAL I 55 -3.33 19.70 -0.06
C VAL I 55 -2.97 18.70 -1.15
N ARG I 56 -2.34 19.20 -2.23
CA ARG I 56 -1.99 18.33 -3.37
C ARG I 56 -1.26 17.11 -2.89
N HIS I 57 -0.35 17.31 -1.95
CA HIS I 57 0.36 16.17 -1.36
C HIS I 57 -0.52 15.24 -0.56
N CYS I 58 -1.46 15.76 0.17
CA CYS I 58 -2.24 14.85 0.91
C CYS I 58 -2.92 13.98 -0.12
N ALA I 59 -3.24 14.54 -1.27
CA ALA I 59 -3.99 13.76 -2.22
C ALA I 59 -3.27 12.57 -2.73
N ARG I 60 -2.01 12.77 -3.04
CA ARG I 60 -1.19 11.68 -3.54
C ARG I 60 -0.75 10.68 -2.50
N ILE I 61 -0.75 11.05 -1.22
CA ILE I 61 -0.49 10.08 -0.19
C ILE I 61 -1.64 9.10 -0.26
N ALA I 62 -2.90 9.54 -0.29
CA ALA I 62 -4.02 8.63 -0.46
C ALA I 62 -3.98 7.90 -1.81
N LEU I 63 -3.69 8.64 -2.90
CA LEU I 63 -3.57 8.01 -4.22
C LEU I 63 -2.41 7.03 -4.33
N ASP I 64 -1.28 7.23 -3.62
CA ASP I 64 -0.25 6.19 -3.68
C ASP I 64 -0.69 4.95 -2.94
N GLN I 65 -1.52 5.13 -1.91
CA GLN I 65 -2.03 4.00 -1.16
C GLN I 65 -3.08 3.25 -1.97
N LEU I 66 -3.46 3.78 -3.14
CA LEU I 66 -4.17 2.98 -4.12
C LEU I 66 -3.12 2.57 -5.14
N GLY I 67 -3.54 1.99 -6.26
CA GLY I 67 -2.56 1.61 -7.25
C GLY I 67 -2.22 2.64 -8.31
N VAL I 68 -2.55 3.90 -8.07
CA VAL I 68 -2.36 4.96 -9.07
C VAL I 68 -1.11 5.74 -8.71
N PRO I 69 -0.11 5.81 -9.59
CA PRO I 69 1.10 6.61 -9.31
C PRO I 69 0.80 8.09 -9.42
N PRO I 70 1.63 8.95 -8.82
CA PRO I 70 1.36 10.39 -8.82
C PRO I 70 1.16 10.96 -10.22
N ALA I 71 0.05 11.68 -10.39
CA ALA I 71 -0.39 12.28 -11.63
C ALA I 71 -0.87 13.69 -11.34
N PRO I 72 -0.87 14.57 -12.34
CA PRO I 72 -1.22 15.98 -12.07
C PRO I 72 -2.67 16.15 -11.61
N ILE I 73 -2.86 17.05 -10.63
CA ILE I 73 -4.20 17.40 -10.18
C ILE I 73 -4.45 18.83 -10.64
N LEU I 74 -5.03 18.97 -11.84
CA LEU I 74 -5.31 20.27 -12.41
C LEU I 74 -6.71 20.72 -11.97
N LYS I 75 -7.20 21.83 -12.51
CA LYS I 75 -8.49 22.36 -12.09
C LYS I 75 -9.33 22.67 -13.32
N GLY I 76 -10.57 22.20 -13.34
CA GLY I 76 -11.46 22.40 -14.46
C GLY I 76 -12.66 23.28 -14.16
N ASP I 77 -13.84 22.80 -14.55
CA ASP I 77 -15.09 23.55 -14.43
C ASP I 77 -15.22 24.22 -13.06
N LYS I 78 -15.28 25.55 -13.06
CA LYS I 78 -15.38 26.36 -11.84
C LYS I 78 -14.25 26.05 -10.86
N GLY I 79 -13.12 25.60 -11.37
CA GLY I 79 -11.95 25.38 -10.53
C GLY I 79 -11.93 24.09 -9.76
N GLU I 80 -12.85 23.17 -10.01
CA GLU I 80 -12.85 21.91 -9.27
C GLU I 80 -11.61 21.09 -9.65
N PRO I 81 -10.99 20.41 -8.70
CA PRO I 81 -9.80 19.60 -9.02
C PRO I 81 -10.16 18.43 -9.92
N CYS I 82 -9.26 18.14 -10.86
CA CYS I 82 -9.35 16.98 -11.74
C CYS I 82 -8.47 15.86 -11.19
N TRP I 83 -8.89 14.62 -11.43
CA TRP I 83 -8.28 13.44 -10.85
C TRP I 83 -7.86 12.46 -11.94
N PRO I 84 -6.89 11.59 -11.65
CA PRO I 84 -6.54 10.52 -12.59
C PRO I 84 -7.76 9.66 -12.92
N ASP I 85 -7.60 8.82 -13.94
CA ASP I 85 -8.72 8.03 -14.42
C ASP I 85 -9.28 7.12 -13.33
N GLY I 86 -10.51 6.65 -13.56
CA GLY I 86 -11.26 5.86 -12.60
C GLY I 86 -11.34 6.38 -11.19
N MET I 87 -10.85 7.59 -10.92
CA MET I 87 -10.70 8.07 -9.56
C MET I 87 -11.62 9.26 -9.32
N VAL I 88 -12.08 9.43 -8.07
CA VAL I 88 -12.76 10.64 -7.64
C VAL I 88 -12.16 11.11 -6.32
N GLY I 89 -12.41 12.36 -5.97
CA GLY I 89 -11.85 12.88 -4.73
C GLY I 89 -12.36 14.26 -4.39
N SER I 90 -11.90 14.75 -3.23
CA SER I 90 -12.25 16.06 -2.71
C SER I 90 -11.10 16.62 -1.88
N LEU I 91 -10.89 17.94 -1.98
CA LEU I 91 -9.84 18.65 -1.27
C LEU I 91 -10.42 19.73 -0.36
N THR I 92 -9.74 20.00 0.76
CA THR I 92 -10.16 21.04 1.69
C THR I 92 -8.95 21.65 2.37
N HIS I 93 -9.14 22.85 2.92
CA HIS I 93 -8.10 23.57 3.63
C HIS I 93 -8.75 24.58 4.55
N CYS I 94 -8.03 24.93 5.61
CA CYS I 94 -8.44 26.01 6.50
C CYS I 94 -7.25 26.34 7.42
N ALA I 95 -7.50 27.26 8.35
CA ALA I 95 -6.46 27.80 9.23
C ALA I 95 -5.99 26.72 10.20
N GLY I 96 -5.16 25.82 9.69
CA GLY I 96 -4.59 24.78 10.52
C GLY I 96 -4.92 23.38 10.03
N TYR I 97 -5.29 23.28 8.75
CA TYR I 97 -5.75 22.00 8.23
C TYR I 97 -5.56 21.95 6.73
N ARG I 98 -5.09 20.81 6.23
CA ARG I 98 -5.12 20.47 4.82
C ARG I 98 -5.48 18.99 4.72
N GLY I 99 -6.39 18.65 3.82
CA GLY I 99 -6.89 17.27 3.77
C GLY I 99 -7.35 16.87 2.39
N ALA I 100 -7.28 15.56 2.12
CA ALA I 100 -7.76 15.01 0.86
C ALA I 100 -8.38 13.63 1.09
N VAL I 101 -9.41 13.32 0.30
CA VAL I 101 -10.05 12.00 0.31
C VAL I 101 -10.31 11.58 -1.14
N VAL I 102 -9.95 10.33 -1.48
CA VAL I 102 -10.05 9.81 -2.84
C VAL I 102 -10.70 8.42 -2.80
N GLY I 103 -11.25 8.02 -3.95
CA GLY I 103 -11.95 6.76 -4.03
C GLY I 103 -12.02 6.21 -5.44
N ARG I 104 -12.42 4.94 -5.54
CA ARG I 104 -12.50 4.21 -6.80
C ARG I 104 -13.90 4.26 -7.40
N ARG I 105 -13.95 4.16 -8.73
CA ARG I 105 -15.18 4.36 -9.48
C ARG I 105 -16.30 3.41 -9.06
N ASP I 106 -16.04 2.10 -9.14
CA ASP I 106 -17.05 1.10 -8.80
C ASP I 106 -17.69 1.34 -7.43
N ALA I 107 -16.89 1.71 -6.43
CA ALA I 107 -17.42 1.75 -5.07
C ALA I 107 -17.82 3.13 -4.58
N VAL I 108 -17.18 4.20 -5.03
CA VAL I 108 -17.55 5.55 -4.59
C VAL I 108 -17.92 6.39 -5.81
N ARG I 109 -19.20 6.75 -5.90
CA ARG I 109 -19.69 7.57 -7.00
C ARG I 109 -19.11 8.99 -6.92
N SER I 110 -19.01 9.53 -5.71
CA SER I 110 -18.54 10.90 -5.52
C SER I 110 -18.09 11.08 -4.07
N VAL I 111 -17.19 12.05 -3.86
CA VAL I 111 -16.70 12.40 -2.53
C VAL I 111 -16.73 13.92 -2.36
N GLY I 112 -17.18 14.39 -1.20
CA GLY I 112 -17.14 15.79 -0.84
C GLY I 112 -16.80 16.04 0.64
N ILE I 113 -15.82 16.91 0.92
CA ILE I 113 -15.40 17.21 2.27
C ILE I 113 -15.26 18.72 2.43
N ASP I 114 -15.26 19.15 3.69
CA ASP I 114 -14.91 20.53 3.97
C ASP I 114 -14.37 20.60 5.38
N ALA I 115 -13.46 21.54 5.61
CA ALA I 115 -12.89 21.81 6.91
C ALA I 115 -12.94 23.31 7.17
N GLU I 116 -13.32 23.67 8.39
CA GLU I 116 -13.42 25.05 8.83
C GLU I 116 -12.96 25.14 10.28
N PRO I 117 -12.44 26.28 10.70
CA PRO I 117 -12.18 26.47 12.13
C PRO I 117 -13.47 26.61 12.92
N HIS I 118 -13.50 26.05 14.12
CA HIS I 118 -14.70 26.05 14.95
C HIS I 118 -14.87 27.41 15.63
N ASP I 119 -15.20 28.41 14.81
CA ASP I 119 -15.48 29.76 15.27
C ASP I 119 -16.79 30.22 14.64
N VAL I 120 -17.39 31.23 15.27
CA VAL I 120 -18.60 31.84 14.72
C VAL I 120 -18.34 32.36 13.30
N LEU I 121 -19.36 32.27 12.45
CA LEU I 121 -19.23 32.77 11.09
C LEU I 121 -19.01 34.27 11.06
N PRO I 122 -18.29 34.77 10.06
CA PRO I 122 -18.17 36.21 9.84
C PRO I 122 -19.49 36.83 9.47
N ASN I 123 -19.58 38.14 9.69
CA ASN I 123 -20.79 38.91 9.43
C ASN I 123 -21.33 38.68 8.02
N GLY I 124 -22.59 38.25 7.94
CA GLY I 124 -23.26 38.09 6.67
C GLY I 124 -23.16 36.73 6.02
N VAL I 125 -22.46 35.78 6.61
CA VAL I 125 -22.24 34.50 5.94
C VAL I 125 -23.38 33.53 6.20
N LEU I 126 -23.84 33.42 7.45
CA LEU I 126 -24.99 32.58 7.75
C LEU I 126 -26.17 32.89 6.84
N ASP I 127 -26.26 34.14 6.38
CA ASP I 127 -27.37 34.57 5.54
C ASP I 127 -27.34 33.89 4.18
N ALA I 128 -26.19 33.92 3.52
CA ALA I 128 -26.11 33.42 2.15
C ALA I 128 -26.24 31.91 2.07
N ILE I 129 -25.71 31.17 3.07
CA ILE I 129 -25.63 29.72 2.94
C ILE I 129 -26.90 29.01 3.35
N SER I 130 -27.97 29.72 3.64
CA SER I 130 -28.99 29.02 4.39
C SER I 130 -30.37 29.58 4.15
N LEU I 131 -31.34 28.80 4.59
CA LEU I 131 -32.77 29.01 4.49
C LEU I 131 -33.35 29.36 5.85
N PRO I 132 -34.49 30.04 5.89
CA PRO I 132 -35.11 30.36 7.18
C PRO I 132 -35.43 29.13 8.02
N ALA I 133 -35.56 27.96 7.41
CA ALA I 133 -35.86 26.74 8.16
C ALA I 133 -34.62 26.23 8.87
N GLU I 134 -33.52 26.06 8.13
CA GLU I 134 -32.25 25.69 8.75
C GLU I 134 -31.89 26.58 9.93
N ARG I 135 -32.30 27.85 9.92
CA ARG I 135 -31.95 28.74 11.02
C ARG I 135 -32.85 28.56 12.23
N ALA I 136 -34.06 28.04 12.03
CA ALA I 136 -34.95 27.74 13.15
C ALA I 136 -34.75 26.34 13.71
N ASP I 137 -34.32 25.39 12.87
CA ASP I 137 -34.23 23.99 13.27
C ASP I 137 -32.88 23.63 13.89
N MET I 138 -31.77 23.92 13.21
CA MET I 138 -30.46 23.45 13.65
C MET I 138 -30.12 23.76 15.10
N PRO I 139 -30.23 25.00 15.59
CA PRO I 139 -29.84 25.26 16.99
C PRO I 139 -30.70 24.51 17.99
N ARG I 140 -31.88 24.06 17.60
CA ARG I 140 -32.73 23.29 18.51
C ARG I 140 -32.13 21.91 18.79
N THR I 141 -31.43 21.32 17.81
CA THR I 141 -31.01 19.93 17.91
C THR I 141 -29.61 19.74 18.51
N MET I 142 -28.84 20.82 18.72
CA MET I 142 -27.39 20.74 18.87
C MET I 142 -26.91 21.52 20.08
N PRO I 143 -25.99 20.95 20.86
CA PRO I 143 -25.65 21.52 22.17
C PRO I 143 -25.07 22.92 22.05
N ALA I 144 -25.20 23.67 23.15
CA ALA I 144 -24.74 25.05 23.19
C ALA I 144 -23.26 25.19 22.83
N ALA I 145 -22.45 24.20 23.16
CA ALA I 145 -21.01 24.27 22.95
C ALA I 145 -20.59 24.26 21.49
N LEU I 146 -21.52 24.14 20.54
CA LEU I 146 -21.19 24.03 19.13
C LEU I 146 -21.51 25.32 18.39
N HIS I 147 -20.85 25.49 17.24
CA HIS I 147 -21.09 26.62 16.34
C HIS I 147 -21.92 26.11 15.17
N TRP I 148 -23.24 26.06 15.38
CA TRP I 148 -24.12 25.47 14.38
C TRP I 148 -24.06 26.23 13.05
N ASP I 149 -23.86 27.55 13.09
CA ASP I 149 -23.74 28.32 11.86
C ASP I 149 -22.56 27.83 11.02
N ARG I 150 -21.41 27.64 11.66
CA ARG I 150 -20.21 27.20 10.94
C ARG I 150 -20.34 25.76 10.48
N ILE I 151 -20.92 24.90 11.32
CA ILE I 151 -21.13 23.50 10.93
C ILE I 151 -22.06 23.42 9.73
N LEU I 152 -23.12 24.23 9.74
CA LEU I 152 -24.02 24.30 8.59
C LEU I 152 -23.25 24.69 7.33
N PHE I 153 -22.41 25.72 7.43
CA PHE I 153 -21.61 26.14 6.28
C PHE I 153 -20.71 25.02 5.81
N CYS I 154 -20.09 24.30 6.74
CA CYS I 154 -19.24 23.17 6.36
C CYS I 154 -20.04 22.09 5.65
N ALA I 155 -21.23 21.76 6.16
CA ALA I 155 -22.06 20.75 5.52
C ALA I 155 -22.55 21.21 4.16
N LYS I 156 -22.86 22.51 4.02
CA LYS I 156 -23.27 23.04 2.72
C LYS I 156 -22.16 22.89 1.69
N GLU I 157 -20.91 23.19 2.09
CA GLU I 157 -19.82 23.18 1.13
C GLU I 157 -19.45 21.75 0.73
N ALA I 158 -19.54 20.81 1.67
CA ALA I 158 -19.33 19.40 1.35
C ALA I 158 -20.38 18.87 0.38
N THR I 159 -21.53 19.54 0.25
CA THR I 159 -22.63 19.03 -0.55
C THR I 159 -22.49 19.42 -2.02
N TYR I 160 -22.07 20.66 -2.29
CA TYR I 160 -21.77 21.09 -3.66
C TYR I 160 -20.56 20.34 -4.13
N LYS I 161 -19.61 20.03 -3.26
CA LYS I 161 -18.51 19.15 -3.67
C LYS I 161 -19.01 17.78 -4.10
N ALA I 162 -19.90 17.15 -3.31
CA ALA I 162 -20.35 15.82 -3.72
C ALA I 162 -21.25 15.90 -4.96
N TRP I 163 -22.02 16.98 -5.08
CA TRP I 163 -23.06 17.07 -6.09
C TRP I 163 -22.53 17.52 -7.44
N PHE I 164 -21.63 18.50 -7.46
CA PHE I 164 -21.21 19.10 -8.72
C PHE I 164 -20.61 18.10 -9.71
N PRO I 165 -19.63 17.26 -9.35
CA PRO I 165 -19.00 16.40 -10.37
C PRO I 165 -19.94 15.39 -11.00
N LEU I 166 -21.17 15.26 -10.50
CA LEU I 166 -22.15 14.33 -11.05
C LEU I 166 -23.22 15.04 -11.87
N THR I 167 -23.53 16.29 -11.55
CA THR I 167 -24.51 17.06 -12.31
C THR I 167 -23.88 18.07 -13.26
N LYS I 168 -22.66 18.51 -12.97
CA LYS I 168 -22.02 19.60 -13.70
C LYS I 168 -22.91 20.84 -13.73
N ARG I 169 -23.66 21.04 -12.65
CA ARG I 169 -24.56 22.16 -12.51
C ARG I 169 -24.31 22.83 -11.17
N TRP I 170 -24.54 24.13 -11.10
CA TRP I 170 -24.20 24.89 -9.91
C TRP I 170 -25.24 24.65 -8.84
N LEU I 171 -24.78 24.33 -7.63
CA LEU I 171 -25.66 24.04 -6.51
C LEU I 171 -25.60 25.25 -5.58
N GLY I 172 -26.59 26.14 -5.71
CA GLY I 172 -26.67 27.26 -4.81
C GLY I 172 -26.90 26.81 -3.37
N PHE I 173 -26.50 27.68 -2.45
CA PHE I 173 -26.66 27.37 -1.03
C PHE I 173 -28.13 27.18 -0.68
N GLU I 174 -28.99 28.04 -1.22
CA GLU I 174 -30.42 27.94 -0.95
C GLU I 174 -31.08 26.78 -1.68
N ASP I 175 -30.35 26.08 -2.55
CA ASP I 175 -30.88 24.95 -3.30
C ASP I 175 -30.77 23.63 -2.56
N ALA I 176 -30.41 23.66 -1.28
CA ALA I 176 -30.28 22.42 -0.52
C ALA I 176 -30.69 22.67 0.93
N HIS I 177 -31.58 21.81 1.44
CA HIS I 177 -32.00 21.84 2.82
C HIS I 177 -31.31 20.71 3.56
N ILE I 178 -30.66 21.03 4.68
CA ILE I 178 -29.84 20.07 5.41
C ILE I 178 -30.39 19.96 6.84
N THR I 179 -30.69 18.73 7.26
CA THR I 179 -31.13 18.42 8.61
C THR I 179 -30.02 17.68 9.35
N PHE I 180 -29.91 17.95 10.65
CA PHE I 180 -28.83 17.41 11.46
C PHE I 180 -29.34 16.57 12.62
N GLU I 181 -28.55 15.56 12.95
CA GLU I 181 -28.68 14.79 14.18
C GLU I 181 -27.32 14.79 14.87
N THR I 182 -27.35 14.88 16.19
CA THR I 182 -26.14 14.94 16.99
C THR I 182 -26.02 13.63 17.78
N ASP I 183 -24.87 12.98 17.66
CA ASP I 183 -24.64 11.81 18.48
C ASP I 183 -24.66 12.20 19.95
N SER I 184 -24.96 11.21 20.80
CA SER I 184 -25.13 11.46 22.22
C SER I 184 -23.84 11.90 22.89
N THR I 185 -22.70 11.76 22.20
CA THR I 185 -21.43 12.17 22.77
C THR I 185 -21.33 13.69 22.82
N GLY I 186 -21.93 14.38 21.84
CA GLY I 186 -22.02 15.82 21.83
C GLY I 186 -21.09 16.55 20.89
N TRP I 187 -20.30 15.84 20.08
CA TRP I 187 -19.40 16.52 19.16
C TRP I 187 -19.33 15.96 17.74
N THR I 188 -19.91 14.79 17.46
CA THR I 188 -20.01 14.28 16.10
C THR I 188 -21.46 13.93 15.82
N GLY I 189 -21.77 13.72 14.55
CA GLY I 189 -23.14 13.43 14.19
C GLY I 189 -23.30 13.26 12.70
N ARG I 190 -24.57 13.29 12.27
CA ARG I 190 -24.94 13.11 10.88
C ARG I 190 -25.70 14.34 10.39
N PHE I 191 -25.75 14.46 9.06
CA PHE I 191 -26.59 15.44 8.40
C PHE I 191 -27.11 14.84 7.11
N VAL I 192 -28.25 15.35 6.65
CA VAL I 192 -28.92 14.90 5.44
C VAL I 192 -29.19 16.12 4.58
N SER I 193 -28.59 16.15 3.39
CA SER I 193 -28.78 17.24 2.45
C SER I 193 -29.83 16.82 1.42
N ARG I 194 -30.89 17.61 1.30
CA ARG I 194 -31.96 17.35 0.36
C ARG I 194 -31.93 18.42 -0.72
N ILE I 195 -31.84 17.99 -1.98
CA ILE I 195 -31.66 18.91 -3.09
C ILE I 195 -33.03 19.50 -3.44
N LEU I 196 -33.11 20.82 -3.45
CA LEU I 196 -34.37 21.49 -3.68
C LEU I 196 -34.65 21.71 -5.16
N ILE I 197 -33.64 21.52 -6.00
CA ILE I 197 -33.65 21.73 -7.45
C ILE I 197 -33.53 20.39 -8.16
N ASP I 198 -33.48 20.43 -9.50
CA ASP I 198 -33.35 19.23 -10.30
C ASP I 198 -32.23 18.34 -9.79
N GLY I 199 -32.46 17.03 -9.84
CA GLY I 199 -31.48 16.08 -9.38
C GLY I 199 -30.97 15.18 -10.49
N SER I 200 -31.06 15.65 -11.74
CA SER I 200 -30.54 14.90 -12.87
C SER I 200 -29.02 14.80 -12.78
N THR I 201 -28.50 13.58 -12.85
CA THR I 201 -27.07 13.34 -12.89
C THR I 201 -26.67 12.84 -14.27
N LEU I 202 -25.42 13.10 -14.64
CA LEU I 202 -24.97 12.78 -15.98
C LEU I 202 -24.91 11.27 -16.18
N SER I 203 -24.36 10.54 -15.21
CA SER I 203 -24.06 9.13 -15.39
C SER I 203 -25.17 8.22 -14.87
N GLY I 204 -25.42 8.24 -13.56
CA GLY I 204 -26.20 7.19 -12.93
C GLY I 204 -27.63 7.58 -12.62
N PRO I 205 -28.12 7.14 -11.47
CA PRO I 205 -29.48 7.49 -11.04
C PRO I 205 -29.54 8.95 -10.60
N PRO I 206 -30.73 9.52 -10.48
CA PRO I 206 -30.84 10.89 -9.97
C PRO I 206 -30.28 11.02 -8.57
N LEU I 207 -30.12 12.26 -8.14
CA LEU I 207 -29.51 12.56 -6.84
C LEU I 207 -30.31 13.67 -6.18
N THR I 208 -31.18 13.29 -5.23
CA THR I 208 -31.96 14.25 -4.46
C THR I 208 -31.58 14.29 -2.99
N THR I 209 -31.00 13.22 -2.45
CA THR I 209 -30.64 13.14 -1.04
C THR I 209 -29.16 12.76 -0.93
N LEU I 210 -28.43 13.52 -0.10
CA LEU I 210 -27.00 13.34 0.09
C LEU I 210 -26.74 13.16 1.57
N ARG I 211 -26.14 12.03 1.95
CA ARG I 211 -25.88 11.73 3.34
C ARG I 211 -24.41 11.88 3.66
N GLY I 212 -24.18 12.52 4.78
CA GLY I 212 -22.87 12.68 5.27
C GLY I 212 -22.80 12.79 6.74
N ARG I 213 -21.59 12.93 7.23
CA ARG I 213 -21.42 13.05 8.63
C ARG I 213 -20.51 14.22 9.01
N TRP I 214 -20.52 14.59 10.26
CA TRP I 214 -19.74 15.74 10.69
C TRP I 214 -19.09 15.49 12.06
N SER I 215 -18.07 16.29 12.36
CA SER I 215 -17.38 16.18 13.64
C SER I 215 -16.70 17.50 13.96
N VAL I 216 -16.77 17.90 15.24
CA VAL I 216 -16.11 19.09 15.76
C VAL I 216 -15.01 18.61 16.69
N GLU I 217 -13.79 18.53 16.17
CA GLU I 217 -12.68 17.95 16.92
C GLU I 217 -11.44 18.79 16.72
N ARG I 218 -10.74 19.09 17.82
CA ARG I 218 -9.48 19.86 17.78
C ARG I 218 -9.67 21.24 17.18
N GLY I 219 -10.69 21.95 17.67
CA GLY I 219 -10.95 23.31 17.25
C GLY I 219 -11.34 23.47 15.79
N LEU I 220 -11.61 22.36 15.12
CA LEU I 220 -11.97 22.36 13.70
C LEU I 220 -13.33 21.70 13.52
N VAL I 221 -13.89 21.89 12.34
CA VAL I 221 -15.13 21.25 11.93
C VAL I 221 -14.85 20.50 10.63
N LEU I 222 -15.16 19.21 10.62
CA LEU I 222 -14.95 18.36 9.47
C LEU I 222 -16.29 17.76 9.03
N THR I 223 -16.50 17.73 7.71
CA THR I 223 -17.66 17.06 7.14
C THR I 223 -17.19 16.28 5.91
N ALA I 224 -17.91 15.21 5.60
CA ALA I 224 -17.59 14.39 4.44
C ALA I 224 -18.86 13.69 3.97
N ILE I 225 -18.96 13.52 2.65
CA ILE I 225 -20.03 12.77 2.03
C ILE I 225 -19.39 11.74 1.11
N VAL I 226 -19.81 10.48 1.24
CA VAL I 226 -19.32 9.39 0.40
C VAL I 226 -20.53 8.79 -0.30
N LEU I 227 -20.60 8.95 -1.62
CA LEU I 227 -21.69 8.44 -2.44
C LEU I 227 -21.26 7.10 -3.01
N ALA I 228 -21.52 6.02 -2.27
CA ALA I 228 -21.24 4.67 -2.73
C ALA I 228 -21.70 4.46 -4.17
N GLY I 229 -21.00 3.56 -4.87
CA GLY I 229 -21.30 3.10 -6.22
C GLY I 229 -22.66 3.37 -6.84
N1 D16 J . 7.91 -15.45 14.55
C2 D16 J . 6.56 -15.37 14.50
CM2 D16 J . 5.85 -16.37 13.65
N3 D16 J . 5.88 -14.48 15.16
C4 D16 J . 6.53 -13.57 15.94
O4 D16 J . 5.85 -12.74 16.54
C4A D16 J . 8.00 -13.58 16.03
C5 D16 J . 8.74 -12.69 16.81
C6 D16 J . 10.11 -12.76 16.86
C7 D16 J . 10.77 -13.76 16.11
C8 D16 J . 10.07 -14.65 15.34
C8A D16 J . 8.67 -14.57 15.29
C9 D16 J . 10.90 -11.78 17.69
N10 D16 J . 11.38 -10.65 16.91
C11 D16 J . 14.36 -10.29 14.59
S13 D16 J . 12.87 -9.49 15.00
C14 D16 J . 12.52 -10.69 16.21
C15 D16 J . 13.55 -11.62 16.33
C16 D16 J . 14.57 -11.39 15.40
C D16 J . 15.16 -9.71 13.49
O D16 J . 14.85 -8.63 12.98
N D16 J . 16.21 -10.42 13.08
CA D16 J . 17.10 -9.91 12.04
CB D16 J . 18.50 -9.60 12.59
CG D16 J . 19.08 -10.75 13.39
CD D16 J . 20.46 -10.48 13.96
OE1 D16 J . 21.39 -10.23 13.16
OE2 D16 J . 20.62 -10.51 15.20
CT D16 J . 17.18 -10.88 10.84
O1 D16 J . 16.23 -11.68 10.69
O2 D16 J . 18.19 -10.82 10.11
CP1 D16 J . 10.52 -9.47 16.84
N1 D16 K . 27.57 32.98 -3.37
C2 D16 K . 26.23 32.75 -3.27
CM2 D16 K . 25.46 33.66 -2.37
N3 D16 K . 25.63 31.79 -3.92
C4 D16 K . 26.35 30.97 -4.73
O4 D16 K . 25.74 30.07 -5.32
C4A D16 K . 27.80 31.16 -4.90
C5 D16 K . 28.61 30.35 -5.71
C6 D16 K . 29.94 30.59 -5.84
C7 D16 K . 30.52 31.66 -5.11
C8 D16 K . 29.75 32.45 -4.28
C8A D16 K . 28.38 32.22 -4.20
C9 D16 K . 30.81 29.71 -6.71
N10 D16 K . 31.46 28.65 -5.95
C11 D16 K . 34.46 28.72 -3.62
S13 D16 K . 33.13 27.71 -4.04
C14 D16 K . 32.56 28.88 -5.21
C15 D16 K . 33.40 30.00 -5.25
C16 D16 K . 34.45 29.90 -4.34
C D16 K . 35.38 28.20 -2.59
O D16 K . 35.31 27.03 -2.21
N D16 K . 36.31 29.04 -2.10
CA D16 K . 37.29 28.56 -1.14
CB D16 K . 38.69 28.46 -1.77
CG D16 K . 39.17 29.78 -2.36
CD D16 K . 40.55 29.70 -2.98
OE1 D16 K . 41.51 29.38 -2.25
OE2 D16 K . 40.67 29.96 -4.20
CT D16 K . 37.32 29.39 0.16
O1 D16 K . 38.22 29.11 0.98
O2 D16 K . 36.43 30.25 0.30
CP1 D16 K . 30.84 27.33 -5.95
N1 D16 L . 6.62 19.82 45.10
C2 D16 L . 5.26 19.81 44.96
CM2 D16 L . 4.68 18.81 44.02
N3 D16 L . 4.49 20.64 45.61
C4 D16 L . 5.04 21.56 46.46
O4 D16 L . 4.27 22.33 47.06
C4A D16 L . 6.49 21.62 46.65
C5 D16 L . 7.12 22.54 47.51
C6 D16 L . 8.47 22.54 47.66
C7 D16 L . 9.25 21.62 46.91
C8 D16 L . 8.66 20.71 46.06
C8A D16 L . 7.27 20.71 45.94
C9 D16 L . 9.15 23.53 48.57
N10 D16 L . 9.57 24.73 47.85
C11 D16 L . 12.71 25.38 45.85
S13 D16 L . 11.17 26.08 46.15
C14 D16 L . 10.77 24.80 47.26
C15 D16 L . 11.83 23.90 47.41
C16 D16 L . 12.91 24.23 46.59
C D16 L . 13.57 26.08 44.87
O D16 L . 13.31 27.21 44.48
N D16 L . 14.64 25.39 44.43
CA D16 L . 15.54 25.96 43.44
CB D16 L . 16.89 26.31 44.06
CG D16 L . 17.51 25.14 44.81
CD D16 L . 18.76 25.52 45.60
OE1 D16 L . 18.71 25.42 46.84
OE2 D16 L . 19.76 25.90 44.97
CT D16 L . 15.68 25.06 42.20
O1 D16 L . 16.76 25.12 41.57
O2 D16 L . 14.73 24.32 41.92
CP1 D16 L . 8.63 25.83 47.73
N1 D16 M . 12.97 -23.78 18.65
C2 D16 M . 13.08 -24.93 17.94
CM2 D16 M . 11.80 -25.62 17.56
N3 D16 M . 14.22 -25.44 17.58
C4 D16 M . 15.38 -24.81 17.93
O4 D16 M . 16.46 -25.33 17.57
C4A D16 M . 15.35 -23.56 18.69
C5 D16 M . 16.50 -22.86 19.08
C6 D16 M . 16.40 -21.69 19.78
C7 D16 M . 15.12 -21.20 20.14
C8 D16 M . 13.98 -21.88 19.78
C8A D16 M . 14.09 -23.06 19.04
C9 D16 M . 17.64 -20.96 20.23
N10 D16 M . 18.02 -21.34 21.59
C11 D16 M . 16.67 -20.18 24.95
S13 D16 M . 17.68 -21.40 24.27
C14 D16 M . 17.46 -20.74 22.67
C15 D16 M . 16.65 -19.61 22.69
C16 D16 M . 16.18 -19.32 23.97
C D16 M . 16.49 -20.20 26.41
O D16 M . 17.21 -20.90 27.13
N D16 M . 15.50 -19.45 26.94
CA D16 M . 15.35 -19.35 28.38
CB D16 M . 15.92 -18.02 28.89
CG D16 M . 15.42 -16.82 28.11
CD D16 M . 15.93 -15.50 28.63
OE1 D16 M . 16.62 -14.77 27.86
OE2 D16 M . 15.67 -15.17 29.81
CT D16 M . 13.90 -19.59 28.84
O1 D16 M . 13.08 -19.99 27.99
O2 D16 M . 13.64 -19.37 30.04
CP1 D16 M . 18.97 -22.42 21.73
N1 D16 N . -13.60 -9.10 -35.13
C2 D16 N . -14.91 -9.43 -35.15
CM2 D16 N . -15.83 -8.62 -34.29
N3 D16 N . -15.39 -10.40 -35.86
C4 D16 N . -14.55 -11.15 -36.64
O4 D16 N . -15.04 -12.07 -37.30
C4A D16 N . -13.11 -10.86 -36.67
C5 D16 N . -12.19 -11.57 -37.44
C6 D16 N . -10.86 -11.25 -37.44
C7 D16 N . -10.42 -10.17 -36.62
C8 D16 N . -11.30 -9.45 -35.86
C8A D16 N . -12.66 -9.79 -35.87
C9 D16 N . -9.87 -12.03 -38.26
N10 D16 N . -9.17 -13.03 -37.45
C11 D16 N . -6.22 -12.70 -35.10
S13 D16 N . -7.45 -13.83 -35.55
C14 D16 N . -8.09 -12.72 -36.71
C15 D16 N . -7.35 -11.54 -36.76
C16 D16 N . -6.31 -11.53 -35.84
C D16 N . -5.28 -13.10 -34.02
O D16 N . -5.28 -14.25 -33.58
N D16 N . -4.44 -12.16 -33.57
CA D16 N . -3.48 -12.47 -32.52
CB D16 N . -2.05 -12.43 -33.06
CG D16 N . -1.75 -11.18 -33.87
CD D16 N . -0.34 -11.10 -34.42
OE1 D16 N . -0.17 -11.17 -35.65
OE2 D16 N . 0.59 -10.96 -33.60
CT D16 N . -3.68 -11.61 -31.26
O1 D16 N . -4.56 -10.74 -31.29
O2 D16 N . -2.92 -11.86 -30.29
CP1 D16 N . -9.71 -14.38 -37.45
N1 D16 O . -21.22 62.48 26.90
C2 D16 O . -22.51 62.06 27.01
CM2 D16 O . -23.44 62.92 27.79
N3 D16 O . -22.94 60.97 26.45
C4 D16 O . -22.07 60.19 25.72
O4 D16 O . -22.54 59.16 25.21
C4A D16 O . -20.68 60.58 25.56
C5 D16 O . -19.74 59.84 24.84
C6 D16 O . -18.43 60.26 24.72
C7 D16 O . -18.05 61.45 25.36
C8 D16 O . -18.95 62.20 26.08
C8A D16 O . -20.27 61.77 26.19
C9 D16 O . -17.43 59.45 23.94
N10 D16 O . -16.89 58.30 24.68
C11 D16 O . -14.06 58.24 27.16
S13 D16 O . -15.27 57.18 26.53
C14 D16 O . -15.74 58.40 25.37
C15 D16 O . -14.77 59.39 25.28
C16 D16 O . -13.82 59.30 26.29
C D16 O . -13.45 57.88 28.45
O D16 O . -13.66 56.78 28.98
N D16 O . -12.66 58.80 29.04
CA D16 O . -11.83 58.45 30.17
CB D16 O . -10.36 58.37 29.73
CG D16 O . -9.86 59.67 29.14
CD D16 O . -8.42 59.60 28.66
OE1 D16 O . -8.16 58.87 27.68
OE2 D16 O . -7.56 60.26 29.27
CT D16 O . -12.06 59.35 31.39
O1 D16 O . -11.04 59.69 32.04
O2 D16 O . -13.23 59.70 31.64
CP1 D16 O . -17.67 57.08 24.68
N1 D16 P . -11.50 -0.14 -39.58
C2 D16 P . -11.72 0.97 -38.82
CM2 D16 P . -13.14 1.32 -38.53
N3 D16 P . -10.76 1.70 -38.35
C4 D16 P . -9.46 1.37 -38.62
O4 D16 P . -8.58 2.10 -38.15
C4A D16 P . -9.14 0.19 -39.43
C5 D16 P . -7.84 -0.21 -39.75
C6 D16 P . -7.61 -1.32 -40.51
C7 D16 P . -8.72 -2.06 -41.00
C8 D16 P . -10.00 -1.69 -40.70
C8A D16 P . -10.23 -0.56 -39.92
C9 D16 P . -6.20 -1.74 -40.87
N10 D16 P . -5.79 -1.23 -42.18
C11 D16 P . -6.31 -2.70 -45.62
S13 D16 P . -5.75 -1.25 -44.87
C14 D16 P . -5.93 -1.96 -43.29
C15 D16 P . -6.23 -3.32 -43.38
C16 D16 P . -6.47 -3.73 -44.69
C D16 P . -6.53 -2.65 -47.08
O D16 P . -6.04 -1.73 -47.75
N D16 P . -7.26 -3.61 -47.65
CA D16 P . -7.45 -3.63 -49.08
CB D16 P . -6.61 -4.72 -49.73
CG D16 P . -6.70 -6.04 -49.00
CD D16 P . -5.78 -7.13 -49.53
OE1 D16 P . -4.87 -7.54 -48.78
OE2 D16 P . -5.97 -7.56 -50.68
CT D16 P . -8.93 -3.69 -49.53
O1 D16 P . -9.71 -2.86 -49.02
O2 D16 P . -9.23 -4.55 -50.37
CP1 D16 P . -5.31 0.13 -42.24
N1 D16 Q . -32.60 -56.83 -18.82
C2 D16 Q . -33.96 -56.83 -18.92
CM2 D16 Q . -34.57 -57.84 -19.84
N3 D16 Q . -34.72 -56.01 -18.26
C4 D16 Q . -34.16 -55.09 -17.43
O4 D16 Q . -34.92 -54.33 -16.81
C4A D16 Q . -32.70 -55.02 -17.27
C5 D16 Q . -32.05 -54.10 -16.44
C6 D16 Q . -30.69 -54.09 -16.32
C7 D16 Q . -29.94 -55.02 -17.09
C8 D16 Q . -30.54 -55.92 -17.92
C8A D16 Q . -31.94 -55.93 -18.01
C9 D16 Q . -29.99 -53.09 -15.44
N10 D16 Q . -29.50 -51.92 -16.18
C11 D16 Q . -26.48 -51.54 -18.44
S13 D16 Q . -27.96 -50.74 -18.05
C14 D16 Q . -28.35 -51.98 -16.90
C15 D16 Q . -27.37 -52.97 -16.84
C16 D16 Q . -26.32 -52.72 -17.73
C D16 Q . -25.63 -50.89 -19.47
O D16 Q . -25.92 -49.78 -19.90
N D16 Q . -24.55 -51.55 -19.90
CA D16 Q . -23.68 -50.98 -20.92
CB D16 Q . -22.28 -50.67 -20.38
CG D16 Q . -21.72 -51.79 -19.53
CD D16 Q . -20.43 -51.44 -18.83
OE1 D16 Q . -20.46 -51.25 -17.59
OE2 D16 Q . -19.40 -51.32 -19.51
CT D16 Q . -23.65 -51.81 -22.20
O1 D16 Q . -24.51 -52.70 -22.33
O2 D16 Q . -22.74 -51.55 -23.02
CP1 D16 Q . -30.31 -50.72 -16.16
N1 D16 R . -20.12 27.03 -4.63
C2 D16 R . -21.47 26.81 -4.61
CM2 D16 R . -22.28 27.64 -3.68
N3 D16 R . -22.04 25.92 -5.37
C4 D16 R . -21.29 25.16 -6.23
O4 D16 R . -21.88 24.33 -6.92
C4A D16 R . -19.83 25.35 -6.30
C5 D16 R . -19.00 24.61 -7.14
C6 D16 R . -17.65 24.84 -7.17
C7 D16 R . -17.10 25.82 -6.31
C8 D16 R . -17.90 26.55 -5.47
C8A D16 R . -19.28 26.32 -5.46
C9 D16 R . -16.74 24.03 -8.07
N10 D16 R . -16.11 22.93 -7.36
C11 D16 R . -12.95 22.85 -5.23
S13 D16 R . -14.26 21.82 -5.71
C14 D16 R . -14.91 23.07 -6.73
C15 D16 R . -14.05 24.17 -6.80
C16 D16 R . -12.96 24.04 -5.95
C D16 R . -12.04 22.35 -4.18
O D16 R . -12.12 21.20 -3.76
N D16 R . -11.14 23.23 -3.71
CA D16 R . -10.22 22.86 -2.64
CB D16 R . -8.77 22.82 -3.15
CG D16 R . -8.36 24.12 -3.82
CD D16 R . -6.95 24.12 -4.38
OE1 D16 R . -6.80 24.24 -5.60
OE2 D16 R . -6.00 23.98 -3.57
CT D16 R . -10.37 23.79 -1.42
O1 D16 R . -9.53 23.67 -0.51
O2 D16 R . -11.32 24.60 -1.44
CP1 D16 R . -16.82 21.66 -7.30
#